data_4IHQ
#
_entry.id   4IHQ
#
_cell.length_a   169.462
_cell.length_b   148.083
_cell.length_c   123.631
_cell.angle_alpha   90.00
_cell.angle_beta   131.60
_cell.angle_gamma   90.00
#
_symmetry.space_group_name_H-M   'C 1 2 1'
#
loop_
_entity.id
_entity.type
_entity.pdbx_description
1 polymer 'FlaI ATPase'
2 non-polymer "ADENOSINE-5'-DIPHOSPHATE"
3 non-polymer 'MAGNESIUM ION'
4 non-polymer 'PHOSPHATE ION'
5 non-polymer 1,2-ETHANEDIOL
6 water water
#
_entity_poly.entity_id   1
_entity_poly.type   'polypeptide(L)'
_entity_poly.pdbx_seq_one_letter_code
;MSFVEDYLTKLQERPTIIENPNILKGSKIFNAIYRVDDFVYIHIQSIKSEDGYNQYNVIEPPRPTHDEMEEIEEKFALSI
GDKEPPEDTKEKEKLIRSILDKILLRMRLSVPKEYVIYHFIRDKLYTGSLEPLIRDPYIEDISIPGLGHVYIVHKVFGPM
RTSIKFENYEELDNLIVSLSEKSYRPVSHNRPVVDASLPDGSRVNFVYGVDISRRGSNLTVRKFSRVPTSITQLIMFGTL
SSMMAAYIWTMLDEGMNLFVCGETASGKTTTLNAITAFIPPNLKIVTIEDTPELTVPHSNWVAEVTRETGGEGTIKLFDL
LKAALRQRPNYILVGAIRDKEGNVAFQAMQTGHSVMATFHAANITTLIQRLTGYPIEVPKSYINNLNIALFQTALYDKKG
NLIRRVVEVDEIIDIDPVTNDVVYIPAFTYDSVQDKMLFAGKGSSYLIENKIAVKRGIDRRNIGLLYDELQMRSRFLNLL
VEKKIFNYYDVWDYILRARQMGLEEAIKYVSNI
;
_entity_poly.pdbx_strand_id   A,B,C
#
# COMPACT_ATOMS: atom_id res chain seq x y z
N SER A 2 37.31 -41.85 -9.58
CA SER A 2 36.12 -41.47 -8.83
C SER A 2 35.85 -39.98 -8.99
N PHE A 3 34.57 -39.61 -8.98
CA PHE A 3 34.16 -38.22 -9.22
C PHE A 3 34.78 -37.27 -8.20
N VAL A 4 35.05 -37.77 -6.99
CA VAL A 4 35.58 -36.94 -5.91
C VAL A 4 37.05 -36.63 -6.13
N GLU A 5 37.85 -37.69 -6.24
CA GLU A 5 39.28 -37.57 -6.46
C GLU A 5 39.57 -36.65 -7.63
N ASP A 6 38.77 -36.82 -8.69
CA ASP A 6 38.80 -35.92 -9.84
C ASP A 6 38.78 -34.48 -9.35
N TYR A 7 37.66 -34.07 -8.74
CA TYR A 7 37.49 -32.73 -8.21
C TYR A 7 38.71 -32.19 -7.48
N LEU A 8 39.27 -32.99 -6.59
CA LEU A 8 40.45 -32.62 -5.81
C LEU A 8 41.64 -32.15 -6.66
N THR A 9 41.82 -32.76 -7.82
CA THR A 9 42.98 -32.49 -8.68
C THR A 9 42.96 -31.10 -9.31
N LYS A 10 41.77 -30.49 -9.37
CA LYS A 10 41.63 -29.15 -9.93
C LYS A 10 41.98 -28.09 -8.90
N LEU A 11 42.09 -28.53 -7.65
CA LEU A 11 42.30 -27.62 -6.53
C LEU A 11 43.72 -27.07 -6.47
N GLN A 12 43.83 -25.81 -6.07
CA GLN A 12 45.11 -25.17 -5.80
C GLN A 12 45.88 -26.01 -4.80
N GLU A 13 45.23 -26.33 -3.69
CA GLU A 13 45.80 -27.20 -2.67
C GLU A 13 44.74 -28.09 -2.04
N ARG A 14 45.12 -29.33 -1.72
CA ARG A 14 44.16 -30.31 -1.23
C ARG A 14 43.71 -30.13 0.22
N PRO A 15 42.41 -30.36 0.47
CA PRO A 15 41.78 -30.32 1.79
C PRO A 15 41.92 -31.66 2.50
N THR A 16 41.95 -31.66 3.82
CA THR A 16 42.10 -32.90 4.57
C THR A 16 40.74 -33.59 4.72
N ILE A 17 40.71 -34.89 4.42
CA ILE A 17 39.48 -35.66 4.59
C ILE A 17 39.17 -35.82 6.08
N ILE A 18 37.93 -35.54 6.46
CA ILE A 18 37.49 -35.70 7.85
C ILE A 18 36.19 -36.49 7.92
N GLU A 19 35.94 -37.13 9.06
CA GLU A 19 34.70 -37.88 9.27
C GLU A 19 33.50 -36.93 9.31
N ASN A 20 33.65 -35.83 10.04
CA ASN A 20 32.60 -34.81 10.13
C ASN A 20 33.13 -33.42 10.54
N PRO A 21 32.37 -32.35 10.25
CA PRO A 21 32.90 -31.01 10.52
C PRO A 21 32.91 -30.60 12.00
N ASN A 22 32.37 -31.43 12.89
CA ASN A 22 32.36 -31.12 14.33
C ASN A 22 33.75 -30.82 14.88
N ILE A 23 34.76 -31.47 14.31
CA ILE A 23 36.15 -31.29 14.70
C ILE A 23 36.65 -29.89 14.32
N LEU A 24 36.15 -29.37 13.20
CA LEU A 24 36.53 -28.05 12.70
C LEU A 24 35.93 -26.92 13.54
N LYS A 25 35.04 -27.26 14.46
CA LYS A 25 34.34 -26.27 15.28
C LYS A 25 35.29 -25.31 15.99
N GLY A 26 34.91 -24.03 16.02
CA GLY A 26 35.73 -23.02 16.66
C GLY A 26 36.87 -22.58 15.76
N SER A 27 37.56 -23.56 15.18
CA SER A 27 38.69 -23.31 14.28
C SER A 27 38.30 -22.42 13.10
N LYS A 28 39.32 -22.05 12.32
CA LYS A 28 39.13 -21.11 11.23
C LYS A 28 40.30 -21.19 10.25
N ILE A 29 41.33 -21.95 10.61
CA ILE A 29 42.37 -22.30 9.66
C ILE A 29 42.31 -23.81 9.35
N PHE A 30 41.62 -24.14 8.27
CA PHE A 30 41.41 -25.52 7.88
C PHE A 30 41.23 -25.62 6.37
N ASN A 31 40.84 -26.80 5.92
CA ASN A 31 40.48 -27.05 4.53
C ASN A 31 40.07 -28.51 4.52
N ALA A 32 38.78 -28.78 4.42
CA ALA A 32 38.32 -30.14 4.62
C ALA A 32 37.25 -30.63 3.66
N ILE A 33 37.21 -31.95 3.51
CA ILE A 33 36.16 -32.61 2.77
C ILE A 33 35.55 -33.69 3.63
N TYR A 34 34.26 -33.57 3.93
CA TYR A 34 33.56 -34.65 4.61
C TYR A 34 32.51 -35.29 3.73
N ARG A 35 32.19 -36.54 4.04
CA ARG A 35 31.25 -37.34 3.26
C ARG A 35 29.81 -37.19 3.76
N VAL A 36 28.87 -37.05 2.83
CA VAL A 36 27.44 -37.08 3.17
C VAL A 36 26.80 -38.39 2.69
N ASP A 37 26.70 -38.55 1.38
CA ASP A 37 26.31 -39.83 0.77
C ASP A 37 27.53 -40.47 0.14
N ASP A 38 27.32 -41.56 -0.60
CA ASP A 38 28.34 -42.11 -1.47
C ASP A 38 28.44 -41.22 -2.71
N PHE A 39 27.49 -40.30 -2.84
CA PHE A 39 27.40 -39.42 -4.01
C PHE A 39 27.58 -37.95 -3.63
N VAL A 40 27.68 -37.68 -2.33
CA VAL A 40 27.80 -36.31 -1.88
C VAL A 40 28.95 -36.17 -0.90
N TYR A 41 29.95 -35.40 -1.32
CA TYR A 41 31.03 -35.01 -0.42
C TYR A 41 31.02 -33.50 -0.35
N ILE A 42 31.33 -32.96 0.83
CA ILE A 42 31.28 -31.52 1.01
C ILE A 42 32.68 -30.96 1.24
N HIS A 43 33.07 -29.97 0.45
CA HIS A 43 34.36 -29.30 0.61
C HIS A 43 34.15 -27.95 1.28
N ILE A 44 34.71 -27.79 2.48
CA ILE A 44 34.52 -26.55 3.23
C ILE A 44 35.78 -25.69 3.23
N GLN A 45 35.63 -24.43 2.87
CA GLN A 45 36.78 -23.54 2.78
C GLN A 45 36.82 -22.48 3.88
N SER A 46 37.89 -22.52 4.67
CA SER A 46 38.06 -21.65 5.83
C SER A 46 38.28 -20.18 5.49
N ILE A 47 38.54 -19.89 4.22
CA ILE A 47 38.76 -18.50 3.82
C ILE A 47 37.44 -17.83 3.45
N LYS A 48 37.07 -16.85 4.26
CA LYS A 48 35.83 -16.10 4.08
C LYS A 48 35.80 -15.38 2.74
N SER A 49 34.58 -15.14 2.24
CA SER A 49 34.40 -14.19 1.15
C SER A 49 34.47 -12.81 1.77
N GLU A 50 34.47 -11.77 0.95
CA GLU A 50 34.53 -10.41 1.48
C GLU A 50 33.31 -10.06 2.33
N ASP A 51 32.17 -10.69 2.04
CA ASP A 51 30.97 -10.48 2.83
C ASP A 51 30.79 -11.47 4.00
N GLY A 52 31.89 -12.12 4.38
CA GLY A 52 31.92 -12.92 5.60
C GLY A 52 31.23 -14.26 5.52
N TYR A 53 30.90 -14.70 4.31
CA TYR A 53 30.39 -16.05 4.10
C TYR A 53 31.53 -17.04 3.94
N ASN A 54 31.50 -18.11 4.73
CA ASN A 54 32.32 -19.26 4.42
C ASN A 54 31.74 -19.91 3.16
N GLN A 55 32.54 -20.69 2.45
CA GLN A 55 32.09 -21.33 1.23
C GLN A 55 31.79 -22.82 1.46
N TYR A 56 30.60 -23.25 1.06
CA TYR A 56 30.16 -24.64 1.18
C TYR A 56 30.09 -25.23 -0.23
N ASN A 57 31.07 -26.06 -0.58
CA ASN A 57 31.12 -26.60 -1.94
C ASN A 57 30.66 -28.05 -2.02
N VAL A 58 29.57 -28.25 -2.77
CA VAL A 58 28.99 -29.57 -2.96
C VAL A 58 29.74 -30.34 -4.06
N ILE A 59 30.25 -31.52 -3.72
CA ILE A 59 30.88 -32.38 -4.72
C ILE A 59 29.91 -33.47 -5.14
N GLU A 60 29.38 -33.35 -6.35
CA GLU A 60 28.49 -34.37 -6.90
C GLU A 60 29.15 -35.01 -8.12
N PRO A 61 28.70 -36.21 -8.49
CA PRO A 61 29.16 -36.83 -9.75
C PRO A 61 28.75 -35.94 -10.92
N PRO A 62 29.45 -36.05 -12.06
CA PRO A 62 29.13 -35.19 -13.21
C PRO A 62 27.79 -35.52 -13.84
N ARG A 63 27.11 -34.52 -14.39
CA ARG A 63 25.82 -34.72 -15.04
C ARG A 63 26.02 -35.12 -16.50
N PRO A 64 25.02 -35.82 -17.07
CA PRO A 64 25.03 -36.12 -18.51
C PRO A 64 24.81 -34.84 -19.29
N THR A 65 24.98 -34.85 -20.60
CA THR A 65 24.72 -33.66 -21.40
C THR A 65 23.23 -33.30 -21.32
N HIS A 66 22.88 -32.09 -21.73
CA HIS A 66 21.47 -31.67 -21.70
C HIS A 66 20.63 -32.46 -22.68
N ASP A 67 21.19 -32.72 -23.87
CA ASP A 67 20.50 -33.47 -24.91
C ASP A 67 20.32 -34.95 -24.56
N GLU A 68 21.26 -35.47 -23.78
CA GLU A 68 21.16 -36.84 -23.28
C GLU A 68 19.98 -36.92 -22.32
N MET A 69 19.94 -35.96 -21.39
CA MET A 69 18.89 -35.90 -20.38
C MET A 69 17.51 -35.73 -21.02
N GLU A 70 17.43 -34.90 -22.05
CA GLU A 70 16.18 -34.69 -22.77
C GLU A 70 15.75 -35.99 -23.43
N GLU A 71 16.71 -36.67 -24.03
CA GLU A 71 16.44 -37.95 -24.68
C GLU A 71 15.90 -38.98 -23.69
N ILE A 72 16.46 -38.98 -22.48
CA ILE A 72 16.08 -39.95 -21.47
C ILE A 72 14.68 -39.65 -20.93
N GLU A 73 14.47 -38.42 -20.50
CA GLU A 73 13.15 -37.99 -20.01
C GLU A 73 12.04 -38.32 -21.01
N GLU A 74 12.28 -37.99 -22.27
CA GLU A 74 11.29 -38.20 -23.33
C GLU A 74 10.99 -39.68 -23.53
N LYS A 75 12.04 -40.51 -23.51
CA LYS A 75 11.87 -41.96 -23.57
C LYS A 75 11.16 -42.49 -22.33
N PHE A 76 11.52 -41.97 -21.15
CA PHE A 76 10.88 -42.39 -19.92
C PHE A 76 9.40 -42.04 -20.00
N ALA A 77 9.12 -40.83 -20.45
CA ALA A 77 7.75 -40.37 -20.66
C ALA A 77 7.02 -41.22 -21.68
N LEU A 78 7.71 -41.61 -22.74
CA LEU A 78 7.07 -42.39 -23.80
C LEU A 78 6.71 -43.79 -23.32
N SER A 79 7.62 -44.42 -22.59
CA SER A 79 7.27 -45.63 -21.85
C SER A 79 6.25 -45.18 -20.82
N ILE A 80 5.36 -46.09 -20.43
CA ILE A 80 4.46 -45.86 -19.28
C ILE A 80 3.57 -44.59 -19.28
N GLY A 81 3.79 -43.71 -20.25
CA GLY A 81 3.23 -42.37 -20.24
C GLY A 81 1.75 -42.15 -19.95
N ASP A 82 0.95 -43.22 -20.03
CA ASP A 82 -0.47 -43.11 -19.73
C ASP A 82 -0.76 -43.52 -18.30
N LYS A 83 -0.07 -44.57 -17.83
CA LYS A 83 -0.27 -45.08 -16.48
C LYS A 83 0.12 -44.07 -15.41
N GLU A 84 -0.58 -44.12 -14.28
CA GLU A 84 -0.23 -43.29 -13.14
C GLU A 84 0.70 -44.10 -12.23
N PRO A 85 1.71 -43.44 -11.64
CA PRO A 85 2.65 -44.11 -10.73
C PRO A 85 2.00 -44.41 -9.38
N PRO A 86 2.53 -45.42 -8.65
CA PRO A 86 1.96 -45.75 -7.35
C PRO A 86 2.23 -44.64 -6.34
N GLU A 87 1.41 -44.57 -5.28
CA GLU A 87 1.57 -43.53 -4.28
CA GLU A 87 1.57 -43.54 -4.27
C GLU A 87 2.76 -43.81 -3.37
N ASP A 88 2.95 -45.08 -3.01
CA ASP A 88 4.05 -45.47 -2.14
C ASP A 88 5.40 -45.05 -2.71
N THR A 89 6.15 -44.28 -1.93
CA THR A 89 7.39 -43.67 -2.38
C THR A 89 8.45 -44.72 -2.78
N LYS A 90 8.56 -45.79 -1.98
CA LYS A 90 9.51 -46.85 -2.27
C LYS A 90 9.16 -47.61 -3.54
N GLU A 91 7.90 -48.01 -3.66
CA GLU A 91 7.41 -48.73 -4.84
C GLU A 91 7.56 -47.86 -6.09
N LYS A 92 7.35 -46.57 -5.90
CA LYS A 92 7.50 -45.57 -6.96
C LYS A 92 8.94 -45.57 -7.46
N GLU A 93 9.88 -45.44 -6.52
CA GLU A 93 11.30 -45.39 -6.86
C GLU A 93 11.77 -46.71 -7.48
N LYS A 94 11.23 -47.82 -6.96
CA LYS A 94 11.55 -49.15 -7.49
C LYS A 94 11.18 -49.20 -8.97
N LEU A 95 9.99 -48.71 -9.28
CA LEU A 95 9.47 -48.71 -10.65
C LEU A 95 10.34 -47.82 -11.53
N ILE A 96 10.61 -46.61 -11.05
CA ILE A 96 11.40 -45.67 -11.83
C ILE A 96 12.80 -46.21 -12.16
N ARG A 97 13.46 -46.83 -11.18
CA ARG A 97 14.79 -47.39 -11.40
C ARG A 97 14.79 -48.51 -12.42
N SER A 98 13.78 -49.38 -12.34
CA SER A 98 13.62 -50.46 -13.30
C SER A 98 13.49 -49.92 -14.72
N ILE A 99 12.46 -49.09 -14.92
CA ILE A 99 12.21 -48.45 -16.21
C ILE A 99 13.45 -47.73 -16.73
N LEU A 100 14.09 -46.97 -15.85
CA LEU A 100 15.33 -46.27 -16.18
C LEU A 100 16.42 -47.24 -16.62
N ASP A 101 16.57 -48.34 -15.90
CA ASP A 101 17.57 -49.36 -16.22
C ASP A 101 17.37 -49.94 -17.62
N LYS A 102 16.12 -50.04 -18.06
CA LYS A 102 15.81 -50.55 -19.38
C LYS A 102 16.26 -49.56 -20.47
N ILE A 103 15.93 -48.29 -20.27
CA ILE A 103 16.24 -47.25 -21.25
C ILE A 103 17.75 -47.02 -21.42
N LEU A 104 18.47 -47.01 -20.31
CA LEU A 104 19.90 -46.70 -20.31
C LEU A 104 20.74 -47.85 -20.84
N LEU A 105 20.25 -49.07 -20.62
CA LEU A 105 20.95 -50.29 -21.01
C LEU A 105 21.47 -50.21 -22.44
N ARG A 106 20.64 -49.67 -23.33
CA ARG A 106 20.97 -49.62 -24.74
C ARG A 106 21.54 -48.28 -25.19
N MET A 107 21.98 -47.47 -24.24
CA MET A 107 22.48 -46.13 -24.56
C MET A 107 23.98 -45.96 -24.36
N ARG A 108 24.56 -45.01 -25.09
CA ARG A 108 25.98 -44.68 -25.00
C ARG A 108 26.12 -43.33 -24.30
N LEU A 109 26.47 -43.36 -23.01
CA LEU A 109 26.41 -42.15 -22.18
C LEU A 109 27.74 -41.41 -22.02
N SER A 110 27.65 -40.08 -21.97
CA SER A 110 28.79 -39.20 -21.77
C SER A 110 29.49 -39.42 -20.43
N VAL A 111 28.74 -39.93 -19.46
CA VAL A 111 29.25 -40.21 -18.12
C VAL A 111 28.80 -41.60 -17.70
N PRO A 112 29.41 -42.18 -16.65
CA PRO A 112 28.99 -43.50 -16.16
C PRO A 112 27.48 -43.62 -15.90
N LYS A 113 26.97 -44.85 -15.98
CA LYS A 113 25.53 -45.11 -15.82
C LYS A 113 25.07 -44.74 -14.42
N GLU A 114 25.85 -45.14 -13.41
CA GLU A 114 25.52 -44.89 -12.00
C GLU A 114 25.36 -43.39 -11.72
N TYR A 115 25.99 -42.57 -12.56
CA TYR A 115 25.95 -41.12 -12.40
C TYR A 115 24.70 -40.54 -13.06
N VAL A 116 24.34 -41.07 -14.22
CA VAL A 116 23.11 -40.67 -14.89
C VAL A 116 21.93 -41.00 -13.98
N ILE A 117 21.98 -42.19 -13.38
CA ILE A 117 20.95 -42.65 -12.45
C ILE A 117 20.83 -41.73 -11.24
N TYR A 118 21.96 -41.40 -10.61
CA TYR A 118 21.96 -40.48 -9.47
C TYR A 118 21.22 -39.20 -9.79
N HIS A 119 21.60 -38.55 -10.88
CA HIS A 119 21.03 -37.25 -11.23
C HIS A 119 19.57 -37.31 -11.70
N PHE A 120 19.22 -38.37 -12.42
CA PHE A 120 17.83 -38.54 -12.86
C PHE A 120 16.90 -38.70 -11.67
N ILE A 121 17.24 -39.62 -10.77
CA ILE A 121 16.43 -39.90 -9.59
C ILE A 121 16.38 -38.68 -8.69
N ARG A 122 17.54 -38.00 -8.56
N ARG A 122 17.53 -38.00 -8.55
CA ARG A 122 17.65 -36.82 -7.71
CA ARG A 122 17.62 -36.82 -7.71
C ARG A 122 16.63 -35.76 -8.12
C ARG A 122 16.61 -35.76 -8.14
N ASP A 123 16.56 -35.51 -9.43
CA ASP A 123 15.70 -34.47 -9.97
C ASP A 123 14.24 -34.88 -10.06
N LYS A 124 14.00 -36.15 -10.40
CA LYS A 124 12.64 -36.60 -10.61
C LYS A 124 11.91 -36.88 -9.31
N LEU A 125 12.57 -37.60 -8.40
CA LEU A 125 11.91 -38.03 -7.17
C LEU A 125 12.21 -37.12 -5.99
N TYR A 126 13.41 -36.57 -5.95
CA TYR A 126 13.83 -35.80 -4.78
C TYR A 126 13.84 -34.30 -5.07
N THR A 127 14.68 -33.56 -4.35
CA THR A 127 14.61 -32.11 -4.41
C THR A 127 15.65 -31.49 -5.35
N GLY A 128 16.15 -32.30 -6.28
CA GLY A 128 17.04 -31.80 -7.29
C GLY A 128 18.35 -31.31 -6.71
N SER A 129 18.83 -30.18 -7.21
CA SER A 129 20.13 -29.68 -6.79
C SER A 129 20.16 -29.36 -5.29
N LEU A 130 18.98 -29.24 -4.66
CA LEU A 130 18.93 -29.04 -3.21
C LEU A 130 19.13 -30.32 -2.40
N GLU A 131 19.06 -31.47 -3.07
CA GLU A 131 19.08 -32.74 -2.35
C GLU A 131 20.32 -33.00 -1.45
N PRO A 132 21.54 -32.66 -1.95
CA PRO A 132 22.70 -32.76 -1.07
C PRO A 132 22.56 -31.96 0.24
N LEU A 133 21.89 -30.82 0.17
CA LEU A 133 21.70 -29.98 1.35
C LEU A 133 20.74 -30.63 2.31
N ILE A 134 19.70 -31.26 1.76
CA ILE A 134 18.69 -31.97 2.53
C ILE A 134 19.34 -33.14 3.25
N ARG A 135 20.24 -33.82 2.55
CA ARG A 135 20.88 -35.02 3.09
C ARG A 135 22.00 -34.74 4.11
N ASP A 136 22.58 -33.54 4.08
CA ASP A 136 23.62 -33.21 5.04
C ASP A 136 22.97 -32.92 6.38
N PRO A 137 23.30 -33.72 7.40
CA PRO A 137 22.68 -33.53 8.72
C PRO A 137 23.21 -32.30 9.44
N TYR A 138 24.27 -31.71 8.90
CA TYR A 138 24.87 -30.49 9.47
C TYR A 138 24.24 -29.21 8.91
N ILE A 139 23.33 -29.36 7.95
CA ILE A 139 22.54 -28.24 7.46
C ILE A 139 21.30 -28.04 8.33
N GLU A 140 21.08 -26.81 8.83
CA GLU A 140 19.90 -26.49 9.63
C GLU A 140 18.82 -25.85 8.77
N ASP A 141 19.22 -24.84 8.00
CA ASP A 141 18.28 -24.08 7.17
C ASP A 141 18.83 -23.91 5.76
N ILE A 142 17.93 -23.85 4.79
CA ILE A 142 18.30 -23.67 3.39
C ILE A 142 17.48 -22.51 2.82
N SER A 143 18.15 -21.54 2.20
CA SER A 143 17.44 -20.39 1.63
C SER A 143 17.79 -20.15 0.16
N ILE A 144 16.78 -20.02 -0.67
CA ILE A 144 16.97 -19.46 -2.01
C ILE A 144 16.17 -18.17 -2.02
N PRO A 145 16.85 -17.03 -1.79
CA PRO A 145 16.13 -15.76 -1.58
C PRO A 145 15.66 -15.13 -2.89
N GLY A 146 16.13 -15.69 -3.99
CA GLY A 146 15.90 -15.14 -5.32
C GLY A 146 17.08 -15.55 -6.18
N LEU A 147 17.26 -14.92 -7.34
CA LEU A 147 18.37 -15.25 -8.24
C LEU A 147 19.72 -15.16 -7.52
N GLY A 148 20.57 -16.16 -7.71
CA GLY A 148 21.88 -16.16 -7.09
C GLY A 148 22.16 -17.50 -6.45
N HIS A 149 22.98 -17.50 -5.40
CA HIS A 149 23.40 -18.74 -4.78
C HIS A 149 22.32 -19.24 -3.83
N VAL A 150 22.39 -20.53 -3.51
CA VAL A 150 21.65 -21.06 -2.38
C VAL A 150 22.48 -20.80 -1.12
N TYR A 151 21.86 -20.19 -0.12
CA TYR A 151 22.51 -19.92 1.16
C TYR A 151 22.02 -20.93 2.19
N ILE A 152 22.88 -21.29 3.14
CA ILE A 152 22.48 -22.22 4.19
C ILE A 152 22.93 -21.72 5.55
N VAL A 153 22.35 -22.28 6.59
CA VAL A 153 22.89 -22.15 7.93
C VAL A 153 23.39 -23.52 8.35
N HIS A 154 24.69 -23.60 8.62
CA HIS A 154 25.36 -24.87 8.93
C HIS A 154 25.56 -24.95 10.45
N LYS A 155 25.33 -26.11 11.04
CA LYS A 155 25.39 -26.25 12.50
C LYS A 155 26.76 -25.92 13.08
N VAL A 156 27.80 -26.20 12.31
CA VAL A 156 29.16 -25.86 12.71
C VAL A 156 29.55 -24.43 12.32
N PHE A 157 29.29 -24.04 11.08
CA PHE A 157 29.88 -22.82 10.52
C PHE A 157 28.94 -21.60 10.45
N GLY A 158 27.67 -21.80 10.80
CA GLY A 158 26.68 -20.73 10.67
C GLY A 158 26.38 -20.49 9.19
N PRO A 159 26.03 -19.25 8.84
CA PRO A 159 25.65 -18.96 7.45
C PRO A 159 26.80 -19.30 6.50
N MET A 160 26.48 -19.94 5.39
CA MET A 160 27.46 -20.22 4.35
C MET A 160 26.86 -19.97 2.98
N ARG A 161 27.69 -19.63 2.01
CA ARG A 161 27.28 -19.59 0.62
C ARG A 161 27.64 -20.92 -0.03
N THR A 162 26.66 -21.60 -0.63
CA THR A 162 26.92 -22.86 -1.31
C THR A 162 27.28 -22.62 -2.75
N SER A 163 27.83 -23.65 -3.40
CA SER A 163 28.17 -23.62 -4.82
C SER A 163 26.97 -23.79 -5.76
N ILE A 164 25.76 -23.92 -5.22
CA ILE A 164 24.58 -24.07 -6.05
C ILE A 164 24.01 -22.70 -6.44
N LYS A 165 23.70 -22.50 -7.72
CA LYS A 165 23.21 -21.21 -8.20
C LYS A 165 21.95 -21.32 -9.05
N PHE A 166 21.07 -20.33 -8.94
CA PHE A 166 19.91 -20.21 -9.81
C PHE A 166 19.96 -18.86 -10.49
N GLU A 167 20.20 -18.85 -11.79
CA GLU A 167 20.49 -17.61 -12.49
C GLU A 167 19.39 -17.20 -13.45
N ASN A 168 18.31 -17.97 -13.44
CA ASN A 168 17.25 -17.79 -14.42
C ASN A 168 15.88 -17.77 -13.73
N TYR A 169 15.14 -16.67 -13.91
CA TYR A 169 13.80 -16.50 -13.29
C TYR A 169 12.89 -17.70 -13.51
N GLU A 170 12.77 -18.14 -14.75
CA GLU A 170 11.81 -19.21 -15.04
C GLU A 170 12.23 -20.55 -14.44
N GLU A 171 13.52 -20.84 -14.47
CA GLU A 171 14.05 -22.03 -13.83
C GLU A 171 13.76 -21.99 -12.33
N LEU A 172 13.89 -20.81 -11.74
CA LEU A 172 13.60 -20.65 -10.32
C LEU A 172 12.09 -20.83 -10.05
N ASP A 173 11.26 -20.28 -10.93
CA ASP A 173 9.82 -20.50 -10.81
C ASP A 173 9.50 -21.99 -10.87
N ASN A 174 10.13 -22.68 -11.82
CA ASN A 174 9.90 -24.10 -12.02
C ASN A 174 10.27 -24.93 -10.80
N LEU A 175 11.39 -24.58 -10.17
CA LEU A 175 11.80 -25.23 -8.93
C LEU A 175 10.75 -25.09 -7.83
N ILE A 176 10.27 -23.86 -7.61
CA ILE A 176 9.27 -23.60 -6.59
C ILE A 176 7.96 -24.36 -6.91
N VAL A 177 7.54 -24.33 -8.17
CA VAL A 177 6.32 -25.04 -8.59
C VAL A 177 6.50 -26.54 -8.36
N SER A 178 7.60 -27.07 -8.86
CA SER A 178 7.88 -28.49 -8.76
C SER A 178 7.99 -28.97 -7.31
N LEU A 179 8.72 -28.23 -6.47
CA LEU A 179 8.85 -28.63 -5.07
C LEU A 179 7.53 -28.53 -4.32
N SER A 180 6.73 -27.52 -4.60
CA SER A 180 5.45 -27.39 -3.89
C SER A 180 4.50 -28.53 -4.28
N GLU A 181 4.57 -28.95 -5.54
CA GLU A 181 3.76 -30.06 -6.01
C GLU A 181 4.20 -31.35 -5.31
N LYS A 182 5.52 -31.56 -5.21
CA LYS A 182 6.03 -32.70 -4.45
C LYS A 182 5.72 -32.64 -2.95
N SER A 183 5.43 -31.43 -2.46
CA SER A 183 5.07 -31.25 -1.05
C SER A 183 3.55 -31.34 -0.83
N TYR A 184 2.84 -31.79 -1.86
CA TYR A 184 1.38 -31.94 -1.83
C TYR A 184 0.58 -30.65 -1.69
N ARG A 185 1.19 -29.51 -2.00
CA ARG A 185 0.48 -28.23 -1.85
C ARG A 185 1.00 -27.22 -2.87
N PRO A 186 0.55 -27.34 -4.13
CA PRO A 186 1.09 -26.51 -5.21
C PRO A 186 0.88 -25.01 -4.97
N VAL A 187 1.87 -24.20 -5.31
CA VAL A 187 1.66 -22.76 -5.35
C VAL A 187 0.76 -22.46 -6.55
N SER A 188 0.14 -21.28 -6.55
CA SER A 188 -0.48 -20.76 -7.76
C SER A 188 -0.26 -19.26 -7.74
N HIS A 189 -0.55 -18.56 -8.82
CA HIS A 189 -0.46 -17.09 -8.78
C HIS A 189 -1.49 -16.51 -7.81
N ASN A 190 -2.66 -17.14 -7.75
CA ASN A 190 -3.74 -16.72 -6.83
C ASN A 190 -3.35 -16.91 -5.38
N ARG A 191 -2.69 -18.02 -5.08
CA ARG A 191 -2.20 -18.29 -3.71
C ARG A 191 -0.74 -18.64 -3.80
N PRO A 192 0.11 -17.61 -3.96
CA PRO A 192 1.55 -17.75 -4.21
C PRO A 192 2.37 -18.02 -2.96
N VAL A 193 1.78 -17.82 -1.79
CA VAL A 193 2.48 -18.09 -0.55
C VAL A 193 2.00 -19.41 0.03
N VAL A 194 2.92 -20.37 0.16
CA VAL A 194 2.56 -21.71 0.66
C VAL A 194 3.50 -22.21 1.74
N ASP A 195 2.92 -22.63 2.86
CA ASP A 195 3.66 -23.38 3.87
C ASP A 195 3.32 -24.85 3.75
N ALA A 196 4.35 -25.70 3.77
CA ALA A 196 4.17 -27.13 3.62
C ALA A 196 5.38 -27.87 4.18
N SER A 197 5.47 -29.16 3.91
CA SER A 197 6.62 -29.97 4.30
C SER A 197 7.11 -30.80 3.13
N LEU A 198 8.43 -30.81 2.94
CA LEU A 198 9.07 -31.68 1.97
C LEU A 198 8.88 -33.14 2.40
N PRO A 199 9.08 -34.09 1.48
CA PRO A 199 8.87 -35.51 1.84
C PRO A 199 9.68 -36.00 3.02
N ASP A 200 10.84 -35.39 3.28
CA ASP A 200 11.68 -35.81 4.41
C ASP A 200 11.18 -35.27 5.75
N GLY A 201 10.15 -34.41 5.71
CA GLY A 201 9.57 -33.86 6.92
C GLY A 201 10.01 -32.43 7.23
N SER A 202 10.98 -31.93 6.48
CA SER A 202 11.45 -30.57 6.70
C SER A 202 10.34 -29.59 6.36
N ARG A 203 10.20 -28.54 7.16
CA ARG A 203 9.24 -27.50 6.84
C ARG A 203 9.74 -26.67 5.66
N VAL A 204 8.84 -26.29 4.77
CA VAL A 204 9.25 -25.44 3.66
C VAL A 204 8.25 -24.30 3.47
N ASN A 205 8.78 -23.11 3.21
CA ASN A 205 7.95 -21.98 2.83
C ASN A 205 8.27 -21.60 1.40
N PHE A 206 7.23 -21.44 0.57
CA PHE A 206 7.38 -21.04 -0.82
C PHE A 206 6.76 -19.66 -1.02
N VAL A 207 7.39 -18.84 -1.86
CA VAL A 207 6.75 -17.61 -2.32
C VAL A 207 6.94 -17.53 -3.83
N TYR A 208 5.84 -17.58 -4.56
CA TYR A 208 5.87 -17.81 -6.01
C TYR A 208 5.58 -16.58 -6.87
N GLY A 209 6.45 -16.32 -7.83
CA GLY A 209 6.17 -15.34 -8.86
C GLY A 209 6.90 -14.04 -8.61
N VAL A 210 7.49 -13.48 -9.67
CA VAL A 210 8.26 -12.24 -9.54
C VAL A 210 7.36 -11.06 -9.16
N ASP A 211 6.06 -11.19 -9.41
CA ASP A 211 5.13 -10.14 -9.00
C ASP A 211 5.00 -10.02 -7.47
N ILE A 212 5.41 -11.05 -6.73
CA ILE A 212 5.36 -10.98 -5.27
C ILE A 212 6.77 -11.01 -4.69
N SER A 213 7.61 -11.89 -5.21
CA SER A 213 8.99 -12.00 -4.74
C SER A 213 9.85 -11.42 -5.84
N ARG A 214 10.19 -10.13 -5.70
CA ARG A 214 10.69 -9.39 -6.86
C ARG A 214 12.11 -9.72 -7.30
N ARG A 215 12.83 -10.51 -6.53
CA ARG A 215 14.14 -10.96 -7.01
C ARG A 215 14.06 -12.38 -7.57
N GLY A 216 12.83 -12.87 -7.72
CA GLY A 216 12.60 -14.23 -8.19
C GLY A 216 11.91 -15.03 -7.11
N SER A 217 11.18 -16.07 -7.52
CA SER A 217 10.52 -16.97 -6.56
C SER A 217 11.52 -17.41 -5.50
N ASN A 218 11.07 -17.46 -4.25
CA ASN A 218 11.96 -17.78 -3.14
C ASN A 218 11.45 -18.89 -2.24
N LEU A 219 12.38 -19.57 -1.57
CA LEU A 219 11.96 -20.61 -0.62
C LEU A 219 12.90 -20.70 0.57
N THR A 220 12.38 -21.25 1.65
CA THR A 220 13.18 -21.48 2.84
C THR A 220 12.84 -22.86 3.38
N VAL A 221 13.86 -23.68 3.59
CA VAL A 221 13.69 -24.99 4.19
C VAL A 221 14.26 -24.99 5.60
N ARG A 222 13.47 -25.49 6.55
CA ARG A 222 13.90 -25.57 7.92
C ARG A 222 13.86 -27.03 8.34
N LYS A 223 15.03 -27.63 8.53
CA LYS A 223 15.03 -29.04 8.92
C LYS A 223 14.57 -29.19 10.36
N PHE A 224 14.03 -30.35 10.69
CA PHE A 224 13.68 -30.70 12.07
C PHE A 224 12.92 -32.03 12.14
N SER A 225 13.10 -32.70 13.26
CA SER A 225 12.63 -34.06 13.46
C SER A 225 11.22 -34.36 12.95
N ARG A 226 11.06 -35.54 12.36
CA ARG A 226 9.76 -36.14 12.11
C ARG A 226 9.14 -36.49 13.46
N VAL A 227 10.02 -36.75 14.43
CA VAL A 227 9.59 -36.99 15.80
C VAL A 227 9.18 -35.66 16.40
N PRO A 228 7.91 -35.54 16.77
CA PRO A 228 7.44 -34.29 17.38
C PRO A 228 8.02 -34.17 18.78
N THR A 229 8.14 -32.93 19.27
CA THR A 229 8.55 -32.68 20.64
C THR A 229 7.51 -33.31 21.55
N SER A 230 7.98 -33.98 22.60
CA SER A 230 7.07 -34.71 23.49
C SER A 230 6.69 -33.86 24.69
N ILE A 231 5.73 -34.34 25.47
CA ILE A 231 5.29 -33.63 26.65
C ILE A 231 6.39 -33.58 27.75
N THR A 232 7.24 -34.61 27.83
CA THR A 232 8.29 -34.60 28.83
C THR A 232 9.37 -33.56 28.48
N GLN A 233 9.59 -33.35 27.18
CA GLN A 233 10.54 -32.33 26.76
C GLN A 233 9.99 -30.95 27.12
N LEU A 234 8.69 -30.75 26.89
CA LEU A 234 8.05 -29.47 27.20
C LEU A 234 8.14 -29.14 28.70
N ILE A 235 7.98 -30.15 29.55
CA ILE A 235 8.17 -29.97 30.98
C ILE A 235 9.60 -29.58 31.31
N MET A 236 10.55 -30.26 30.70
CA MET A 236 11.96 -29.99 30.93
C MET A 236 12.34 -28.57 30.45
N PHE A 237 11.71 -28.12 29.37
CA PHE A 237 11.95 -26.76 28.85
C PHE A 237 11.40 -25.71 29.82
N GLY A 238 10.43 -26.11 30.64
CA GLY A 238 9.81 -25.20 31.59
C GLY A 238 8.56 -24.56 31.01
N THR A 239 8.13 -25.05 29.85
CA THR A 239 6.98 -24.50 29.15
C THR A 239 5.69 -24.82 29.93
N LEU A 240 5.68 -25.96 30.60
CA LEU A 240 4.61 -26.24 31.55
C LEU A 240 5.13 -27.19 32.61
N SER A 241 4.49 -27.17 33.77
CA SER A 241 4.96 -28.00 34.87
C SER A 241 4.38 -29.40 34.73
N SER A 242 4.96 -30.35 35.46
CA SER A 242 4.48 -31.73 35.46
C SER A 242 3.04 -31.78 35.95
N MET A 243 2.71 -30.94 36.92
CA MET A 243 1.34 -30.86 37.43
C MET A 243 0.38 -30.35 36.35
N MET A 244 0.82 -29.37 35.56
CA MET A 244 -0.02 -28.86 34.49
CA MET A 244 -0.01 -28.84 34.48
C MET A 244 -0.27 -29.93 33.44
N ALA A 245 0.77 -30.70 33.14
CA ALA A 245 0.62 -31.80 32.18
C ALA A 245 -0.32 -32.86 32.74
N ALA A 246 -0.16 -33.15 34.03
CA ALA A 246 -1.00 -34.16 34.69
C ALA A 246 -2.46 -33.75 34.65
N TYR A 247 -2.69 -32.46 34.86
CA TYR A 247 -4.03 -31.86 34.75
C TYR A 247 -4.62 -32.07 33.36
N ILE A 248 -3.88 -31.69 32.33
CA ILE A 248 -4.36 -31.87 30.95
C ILE A 248 -4.63 -33.35 30.64
N TRP A 249 -3.71 -34.20 31.05
CA TRP A 249 -3.84 -35.65 30.93
C TRP A 249 -5.17 -36.15 31.52
N THR A 250 -5.47 -35.71 32.74
CA THR A 250 -6.71 -36.06 33.41
C THR A 250 -7.93 -35.60 32.61
N MET A 251 -7.82 -34.40 32.06
CA MET A 251 -8.94 -33.81 31.33
C MET A 251 -9.19 -34.51 29.98
N LEU A 252 -8.13 -34.86 29.26
CA LEU A 252 -8.27 -35.55 27.97
C LEU A 252 -8.73 -36.99 28.17
N ASP A 253 -8.37 -37.56 29.32
CA ASP A 253 -8.88 -38.88 29.70
C ASP A 253 -10.39 -38.88 29.78
N GLU A 254 -10.96 -37.69 30.00
CA GLU A 254 -12.39 -37.55 30.26
C GLU A 254 -13.08 -36.79 29.15
N GLY A 255 -12.44 -36.73 28.00
CA GLY A 255 -13.05 -36.17 26.81
C GLY A 255 -13.26 -34.67 26.79
N MET A 256 -12.58 -33.93 27.67
CA MET A 256 -12.74 -32.46 27.72
C MET A 256 -12.31 -31.80 26.42
N ASN A 257 -12.99 -30.72 26.07
CA ASN A 257 -12.65 -29.87 24.93
C ASN A 257 -11.66 -28.79 25.35
N LEU A 258 -10.63 -28.55 24.54
CA LEU A 258 -9.53 -27.70 25.00
C LEU A 258 -8.90 -27.00 23.82
N PHE A 259 -8.73 -25.68 23.92
CA PHE A 259 -8.02 -24.91 22.90
C PHE A 259 -6.64 -24.49 23.42
N VAL A 260 -5.63 -24.62 22.58
CA VAL A 260 -4.29 -24.11 22.89
C VAL A 260 -4.16 -22.74 22.20
N CYS A 261 -4.06 -21.67 23.00
CA CYS A 261 -4.12 -20.33 22.43
C CYS A 261 -2.83 -19.52 22.64
N GLY A 262 -2.63 -18.52 21.80
CA GLY A 262 -1.50 -17.61 21.92
C GLY A 262 -1.26 -16.91 20.60
N GLU A 263 -0.16 -16.17 20.51
CA GLU A 263 0.17 -15.47 19.27
CA GLU A 263 0.19 -15.46 19.29
C GLU A 263 0.92 -16.41 18.33
N THR A 264 1.21 -15.93 17.12
CA THR A 264 1.95 -16.75 16.16
C THR A 264 3.36 -17.08 16.67
N ALA A 265 3.77 -18.33 16.45
CA ALA A 265 5.09 -18.83 16.85
C ALA A 265 5.30 -18.86 18.36
N SER A 266 4.18 -18.84 19.10
CA SER A 266 4.25 -19.02 20.54
C SER A 266 4.47 -20.49 20.91
N GLY A 267 4.27 -21.39 19.95
CA GLY A 267 4.46 -22.82 20.20
C GLY A 267 3.15 -23.59 20.38
N LYS A 268 2.05 -23.02 19.92
CA LYS A 268 0.75 -23.67 20.12
C LYS A 268 0.64 -25.05 19.48
N THR A 269 1.06 -25.16 18.22
CA THR A 269 0.95 -26.44 17.52
C THR A 269 1.81 -27.49 18.21
N THR A 270 2.98 -27.09 18.66
CA THR A 270 3.88 -28.01 19.36
C THR A 270 3.26 -28.54 20.66
N THR A 271 2.58 -27.67 21.39
CA THR A 271 1.95 -28.07 22.64
C THR A 271 0.77 -29.01 22.33
N LEU A 272 -0.06 -28.64 21.35
CA LEU A 272 -1.19 -29.50 20.96
C LEU A 272 -0.69 -30.90 20.58
N ASN A 273 0.33 -30.98 19.74
CA ASN A 273 0.88 -32.28 19.35
C ASN A 273 1.38 -33.09 20.53
N ALA A 274 1.98 -32.42 21.51
CA ALA A 274 2.53 -33.13 22.67
C ALA A 274 1.40 -33.70 23.53
N ILE A 275 0.35 -32.91 23.76
CA ILE A 275 -0.68 -33.35 24.69
C ILE A 275 -1.67 -34.34 24.06
N THR A 276 -1.64 -34.43 22.74
CA THR A 276 -2.40 -35.45 21.99
C THR A 276 -2.04 -36.85 22.48
N ALA A 277 -0.81 -37.02 22.96
CA ALA A 277 -0.41 -38.32 23.49
C ALA A 277 -1.21 -38.72 24.73
N PHE A 278 -2.00 -37.80 25.27
CA PHE A 278 -2.84 -38.10 26.44
C PHE A 278 -4.22 -38.63 26.08
N ILE A 279 -4.63 -38.50 24.82
CA ILE A 279 -5.90 -39.06 24.36
C ILE A 279 -5.80 -40.59 24.42
N PRO A 280 -6.78 -41.25 25.07
CA PRO A 280 -6.71 -42.72 25.16
C PRO A 280 -6.45 -43.39 23.80
N PRO A 281 -5.63 -44.47 23.78
CA PRO A 281 -5.06 -45.09 22.58
C PRO A 281 -6.07 -45.77 21.64
N ASN A 282 -7.21 -46.21 22.18
CA ASN A 282 -8.15 -47.02 21.42
C ASN A 282 -9.28 -46.17 20.83
N LEU A 283 -9.04 -44.87 20.68
CA LEU A 283 -10.09 -43.96 20.23
C LEU A 283 -9.83 -43.47 18.81
N LYS A 284 -10.88 -42.98 18.15
CA LYS A 284 -10.74 -42.43 16.80
C LYS A 284 -10.38 -40.96 16.82
N ILE A 285 -9.31 -40.62 16.08
CA ILE A 285 -8.82 -39.25 15.98
C ILE A 285 -8.95 -38.79 14.53
N VAL A 286 -9.66 -37.69 14.30
CA VAL A 286 -9.66 -37.03 13.00
C VAL A 286 -8.92 -35.68 13.09
N THR A 287 -7.79 -35.55 12.40
CA THR A 287 -7.10 -34.27 12.33
C THR A 287 -7.49 -33.54 11.07
N ILE A 288 -7.63 -32.23 11.17
CA ILE A 288 -8.04 -31.41 10.05
C ILE A 288 -7.11 -30.21 10.02
N GLU A 289 -6.34 -30.09 8.93
CA GLU A 289 -5.23 -29.12 8.85
C GLU A 289 -5.13 -28.55 7.45
N ASP A 290 -4.52 -27.37 7.32
CA ASP A 290 -4.20 -26.83 5.99
C ASP A 290 -2.91 -27.42 5.44
N THR A 291 -2.06 -27.89 6.35
CA THR A 291 -0.87 -28.67 5.98
C THR A 291 -0.47 -29.49 7.19
N PRO A 292 0.01 -30.73 6.97
CA PRO A 292 0.20 -31.63 8.12
C PRO A 292 1.34 -31.20 9.04
N GLU A 293 1.03 -31.13 10.33
CA GLU A 293 2.01 -30.80 11.36
C GLU A 293 1.86 -31.76 12.54
N LEU A 294 0.62 -32.15 12.80
CA LEU A 294 0.30 -33.06 13.89
C LEU A 294 0.75 -34.46 13.51
N THR A 295 1.58 -35.07 14.36
CA THR A 295 1.95 -36.47 14.17
C THR A 295 1.26 -37.32 15.25
N VAL A 296 0.10 -37.86 14.90
CA VAL A 296 -0.71 -38.59 15.87
C VAL A 296 -0.20 -40.02 15.97
N PRO A 297 0.00 -40.51 17.20
CA PRO A 297 0.50 -41.89 17.39
C PRO A 297 -0.62 -42.94 17.36
N HIS A 298 -1.86 -42.53 17.59
CA HIS A 298 -2.99 -43.47 17.61
C HIS A 298 -3.15 -44.20 16.28
N SER A 299 -3.60 -45.46 16.35
CA SER A 299 -3.79 -46.26 15.14
C SER A 299 -5.00 -45.79 14.33
N ASN A 300 -6.10 -45.51 15.02
CA ASN A 300 -7.33 -45.12 14.34
C ASN A 300 -7.31 -43.62 14.06
N TRP A 301 -6.50 -43.26 13.07
CA TRP A 301 -6.21 -41.84 12.80
C TRP A 301 -6.57 -41.48 11.36
N VAL A 302 -7.58 -40.61 11.22
CA VAL A 302 -7.90 -40.00 9.95
C VAL A 302 -7.17 -38.66 9.85
N ALA A 303 -6.27 -38.51 8.87
CA ALA A 303 -5.55 -37.26 8.69
C ALA A 303 -6.02 -36.55 7.43
N GLU A 304 -6.79 -35.48 7.61
CA GLU A 304 -7.33 -34.77 6.46
C GLU A 304 -6.70 -33.41 6.28
N VAL A 305 -6.54 -33.02 5.02
CA VAL A 305 -5.86 -31.78 4.67
C VAL A 305 -6.69 -31.01 3.64
N THR A 306 -6.77 -29.69 3.80
CA THR A 306 -7.53 -28.86 2.86
C THR A 306 -6.91 -28.81 1.47
N ARG A 307 -7.66 -28.29 0.49
CA ARG A 307 -7.15 -28.22 -0.88
C ARG A 307 -7.67 -26.95 -1.56
N GLU A 308 -6.76 -26.22 -2.20
CA GLU A 308 -7.15 -25.08 -3.01
CA GLU A 308 -7.12 -25.06 -3.01
C GLU A 308 -6.83 -25.36 -4.47
N THR A 309 -7.83 -25.21 -5.33
CA THR A 309 -7.68 -25.53 -6.74
C THR A 309 -7.90 -24.32 -7.62
N GLY A 310 -8.35 -23.24 -7.01
CA GLY A 310 -8.63 -22.03 -7.76
C GLY A 310 -9.99 -22.10 -8.43
N GLY A 311 -10.84 -23.00 -7.95
CA GLY A 311 -12.15 -23.18 -8.54
C GLY A 311 -12.85 -24.39 -7.92
N GLU A 312 -13.53 -25.16 -8.75
CA GLU A 312 -14.21 -26.34 -8.25
C GLU A 312 -13.20 -27.33 -7.66
N GLY A 313 -13.60 -28.02 -6.60
CA GLY A 313 -12.71 -28.96 -5.93
C GLY A 313 -12.01 -28.39 -4.71
N THR A 314 -12.21 -27.10 -4.44
CA THR A 314 -11.57 -26.50 -3.28
C THR A 314 -12.26 -26.95 -2.01
N ILE A 315 -11.45 -27.39 -1.05
CA ILE A 315 -12.00 -27.91 0.19
C ILE A 315 -11.35 -27.17 1.32
N LYS A 316 -12.16 -26.58 2.18
CA LYS A 316 -11.64 -25.78 3.30
C LYS A 316 -11.82 -26.49 4.63
N LEU A 317 -11.20 -25.96 5.68
CA LEU A 317 -11.36 -26.55 7.03
C LEU A 317 -12.81 -26.74 7.38
N PHE A 318 -13.63 -25.76 7.02
CA PHE A 318 -15.08 -25.79 7.28
C PHE A 318 -15.75 -27.04 6.69
N ASP A 319 -15.40 -27.36 5.45
CA ASP A 319 -15.98 -28.52 4.78
C ASP A 319 -15.54 -29.79 5.45
N LEU A 320 -14.26 -29.86 5.81
CA LEU A 320 -13.77 -31.07 6.49
C LEU A 320 -14.40 -31.26 7.86
N LEU A 321 -14.59 -30.16 8.59
CA LEU A 321 -15.14 -30.23 9.95
C LEU A 321 -16.59 -30.72 9.88
N LYS A 322 -17.32 -30.26 8.87
CA LYS A 322 -18.70 -30.75 8.67
C LYS A 322 -18.71 -32.24 8.40
N ALA A 323 -17.73 -32.71 7.64
CA ALA A 323 -17.69 -34.15 7.29
C ALA A 323 -17.36 -34.97 8.54
N ALA A 324 -16.57 -34.39 9.43
CA ALA A 324 -16.20 -35.07 10.68
C ALA A 324 -17.40 -35.42 11.54
N LEU A 325 -18.49 -34.67 11.38
CA LEU A 325 -19.69 -35.01 12.13
C LEU A 325 -20.24 -36.37 11.73
N ARG A 326 -19.79 -36.89 10.58
CA ARG A 326 -20.30 -38.19 10.11
C ARG A 326 -19.23 -39.26 10.18
N GLN A 327 -18.14 -38.98 10.88
CA GLN A 327 -17.02 -39.90 10.86
C GLN A 327 -16.75 -40.57 12.20
N ARG A 328 -17.69 -40.36 13.13
CA ARG A 328 -17.60 -40.95 14.47
CA ARG A 328 -17.59 -40.94 14.48
C ARG A 328 -16.24 -40.78 15.17
N PRO A 329 -15.63 -39.58 15.06
CA PRO A 329 -14.36 -39.48 15.79
C PRO A 329 -14.65 -39.29 17.27
N ASN A 330 -13.73 -39.70 18.14
CA ASN A 330 -13.78 -39.32 19.55
C ASN A 330 -13.17 -37.95 19.82
N TYR A 331 -12.05 -37.66 19.16
CA TYR A 331 -11.47 -36.31 19.16
C TYR A 331 -11.28 -35.84 17.74
N ILE A 332 -11.68 -34.59 17.50
CA ILE A 332 -11.34 -33.86 16.28
C ILE A 332 -10.27 -32.83 16.64
N LEU A 333 -9.11 -32.88 15.99
CA LEU A 333 -8.04 -31.90 16.23
C LEU A 333 -7.94 -31.00 15.02
N VAL A 334 -8.28 -29.73 15.21
CA VAL A 334 -8.25 -28.77 14.13
C VAL A 334 -6.95 -27.97 14.23
N GLY A 335 -6.15 -27.95 13.17
CA GLY A 335 -4.81 -27.37 13.25
C GLY A 335 -4.85 -25.97 13.81
N ALA A 336 -5.73 -25.16 13.25
CA ALA A 336 -5.98 -23.83 13.77
C ALA A 336 -7.41 -23.44 13.41
N ILE A 337 -8.08 -22.76 14.33
CA ILE A 337 -9.40 -22.24 14.05
C ILE A 337 -9.37 -20.76 13.92
N ARG A 338 -10.00 -20.22 12.89
CA ARG A 338 -9.89 -18.82 12.57
C ARG A 338 -11.19 -18.28 11.96
N ASP A 339 -11.82 -19.08 11.11
CA ASP A 339 -12.98 -18.58 10.41
C ASP A 339 -14.19 -19.42 10.80
N LYS A 340 -15.17 -19.54 9.90
CA LYS A 340 -16.45 -20.14 10.27
C LYS A 340 -16.37 -21.61 10.64
N GLU A 341 -15.21 -22.24 10.41
CA GLU A 341 -15.01 -23.61 10.87
C GLU A 341 -15.11 -23.67 12.39
N GLY A 342 -14.83 -22.54 13.06
CA GLY A 342 -14.95 -22.48 14.51
C GLY A 342 -16.37 -22.80 14.98
N ASN A 343 -17.34 -22.29 14.22
CA ASN A 343 -18.75 -22.52 14.50
C ASN A 343 -19.06 -24.02 14.40
N VAL A 344 -18.57 -24.67 13.36
CA VAL A 344 -18.73 -26.12 13.20
C VAL A 344 -18.01 -26.93 14.29
N ALA A 345 -16.88 -26.44 14.76
CA ALA A 345 -16.19 -27.10 15.86
C ALA A 345 -17.10 -27.18 17.07
N PHE A 346 -17.84 -26.10 17.36
CA PHE A 346 -18.74 -26.13 18.50
C PHE A 346 -20.00 -26.98 18.21
N GLN A 347 -20.43 -27.02 16.95
CA GLN A 347 -21.48 -27.98 16.57
C GLN A 347 -21.02 -29.41 16.87
N ALA A 348 -19.74 -29.69 16.63
CA ALA A 348 -19.17 -31.01 16.89
C ALA A 348 -19.26 -31.30 18.36
N MET A 349 -18.87 -30.32 19.19
CA MET A 349 -19.00 -30.49 20.64
C MET A 349 -20.45 -30.73 21.07
N GLN A 350 -21.39 -30.04 20.42
CA GLN A 350 -22.80 -30.12 20.81
C GLN A 350 -23.44 -31.44 20.34
N THR A 351 -22.71 -32.19 19.52
CA THR A 351 -23.17 -33.48 19.02
C THR A 351 -22.33 -34.64 19.55
N GLY A 352 -21.59 -34.39 20.62
CA GLY A 352 -20.91 -35.46 21.33
C GLY A 352 -19.55 -35.86 20.80
N HIS A 353 -18.83 -34.92 20.18
CA HIS A 353 -17.47 -35.19 19.73
C HIS A 353 -16.55 -34.25 20.49
N SER A 354 -15.47 -34.77 21.04
CA SER A 354 -14.50 -33.90 21.72
C SER A 354 -13.61 -33.20 20.69
N VAL A 355 -13.13 -32.01 21.04
CA VAL A 355 -12.40 -31.17 20.09
C VAL A 355 -11.20 -30.54 20.78
N MET A 356 -10.06 -30.52 20.09
CA MET A 356 -8.96 -29.60 20.43
C MET A 356 -8.54 -28.86 19.18
N ALA A 357 -7.93 -27.68 19.36
CA ALA A 357 -7.49 -26.84 18.26
C ALA A 357 -6.46 -25.84 18.77
N THR A 358 -5.74 -25.17 17.87
CA THR A 358 -5.00 -23.99 18.30
C THR A 358 -5.81 -22.77 17.87
N PHE A 359 -5.67 -21.67 18.60
CA PHE A 359 -6.44 -20.47 18.34
C PHE A 359 -5.60 -19.23 18.64
N HIS A 360 -5.84 -18.16 17.90
CA HIS A 360 -5.06 -16.94 18.11
C HIS A 360 -5.75 -16.02 19.13
N ALA A 361 -5.28 -16.02 20.38
CA ALA A 361 -5.82 -15.17 21.43
C ALA A 361 -4.87 -15.16 22.61
N ALA A 362 -4.65 -14.01 23.23
CA ALA A 362 -3.69 -13.92 24.33
C ALA A 362 -4.33 -14.20 25.70
N ASN A 363 -5.65 -14.12 25.78
CA ASN A 363 -6.31 -14.30 27.08
C ASN A 363 -7.76 -14.71 26.89
N ILE A 364 -8.40 -15.14 27.97
CA ILE A 364 -9.76 -15.67 27.89
C ILE A 364 -10.76 -14.64 27.35
N THR A 365 -10.57 -13.37 27.71
CA THR A 365 -11.48 -12.30 27.30
C THR A 365 -11.46 -12.16 25.78
N THR A 366 -10.26 -12.11 25.22
CA THR A 366 -10.07 -12.03 23.79
C THR A 366 -10.57 -13.30 23.11
N LEU A 367 -10.31 -14.46 23.71
CA LEU A 367 -10.76 -15.70 23.09
C LEU A 367 -12.28 -15.68 22.91
N ILE A 368 -12.99 -15.28 23.96
CA ILE A 368 -14.46 -15.32 23.89
C ILE A 368 -15.00 -14.24 22.93
N GLN A 369 -14.40 -13.06 22.93
CA GLN A 369 -14.78 -12.01 21.97
C GLN A 369 -14.66 -12.54 20.54
N ARG A 370 -13.57 -13.21 20.25
CA ARG A 370 -13.36 -13.71 18.88
C ARG A 370 -14.24 -14.89 18.52
N LEU A 371 -14.43 -15.83 19.45
CA LEU A 371 -15.35 -16.95 19.21
C LEU A 371 -16.77 -16.45 18.93
N THR A 372 -17.22 -15.47 19.71
CA THR A 372 -18.62 -15.04 19.58
C THR A 372 -18.85 -13.99 18.49
N GLY A 373 -17.77 -13.36 18.03
CA GLY A 373 -17.92 -12.31 17.01
C GLY A 373 -17.77 -12.84 15.58
N TYR A 374 -18.10 -12.00 14.61
CA TYR A 374 -17.85 -12.30 13.20
C TYR A 374 -16.37 -12.62 12.97
N PRO A 375 -16.06 -13.62 12.14
CA PRO A 375 -16.95 -14.48 11.35
C PRO A 375 -17.24 -15.82 12.02
N ILE A 376 -16.89 -15.99 13.30
CA ILE A 376 -17.04 -17.32 13.91
C ILE A 376 -18.46 -17.48 14.48
N GLU A 377 -18.89 -16.50 15.27
CA GLU A 377 -20.25 -16.39 15.76
C GLU A 377 -20.77 -17.64 16.49
N VAL A 378 -19.96 -18.16 17.41
CA VAL A 378 -20.48 -19.16 18.32
C VAL A 378 -21.46 -18.48 19.26
N PRO A 379 -22.71 -18.99 19.33
CA PRO A 379 -23.67 -18.37 20.24
C PRO A 379 -23.22 -18.50 21.68
N LYS A 380 -23.53 -17.49 22.48
CA LYS A 380 -22.98 -17.35 23.83
C LYS A 380 -23.31 -18.53 24.73
N SER A 381 -24.55 -19.06 24.62
CA SER A 381 -24.97 -20.11 25.55
C SER A 381 -24.29 -21.46 25.27
N TYR A 382 -23.49 -21.52 24.21
CA TYR A 382 -22.77 -22.75 23.87
C TYR A 382 -21.28 -22.65 24.12
N ILE A 383 -20.83 -21.46 24.50
CA ILE A 383 -19.41 -21.23 24.72
C ILE A 383 -18.84 -22.18 25.78
N ASN A 384 -19.61 -22.46 26.83
CA ASN A 384 -19.12 -23.37 27.88
C ASN A 384 -19.07 -24.85 27.49
N ASN A 385 -19.37 -25.17 26.23
CA ASN A 385 -19.01 -26.50 25.72
C ASN A 385 -17.50 -26.64 25.62
N LEU A 386 -16.80 -25.53 25.39
CA LEU A 386 -15.34 -25.53 25.45
C LEU A 386 -14.96 -25.50 26.93
N ASN A 387 -14.23 -26.52 27.38
CA ASN A 387 -13.96 -26.65 28.82
C ASN A 387 -12.75 -25.87 29.31
N ILE A 388 -11.69 -25.88 28.49
CA ILE A 388 -10.37 -25.40 28.91
C ILE A 388 -9.75 -24.59 27.81
N ALA A 389 -9.15 -23.46 28.19
CA ALA A 389 -8.33 -22.70 27.27
C ALA A 389 -6.98 -22.53 27.93
N LEU A 390 -5.91 -22.91 27.23
CA LEU A 390 -4.61 -22.53 27.76
C LEU A 390 -3.98 -21.46 26.88
N PHE A 391 -3.18 -20.60 27.51
CA PHE A 391 -2.58 -19.48 26.81
C PHE A 391 -1.08 -19.57 26.95
N GLN A 392 -0.41 -19.46 25.83
CA GLN A 392 1.03 -19.72 25.76
C GLN A 392 1.67 -18.53 25.07
N THR A 393 2.85 -18.13 25.53
CA THR A 393 3.51 -17.00 24.91
C THR A 393 5.01 -17.18 24.87
N ALA A 394 5.66 -16.45 23.96
CA ALA A 394 7.12 -16.36 23.95
C ALA A 394 7.56 -15.18 24.81
N LEU A 395 8.66 -15.34 25.53
CA LEU A 395 9.24 -14.30 26.37
C LEU A 395 10.75 -14.39 26.30
N TYR A 396 11.45 -13.36 26.76
CA TYR A 396 12.89 -13.49 27.02
C TYR A 396 13.12 -13.62 28.53
N ASP A 397 14.06 -14.48 28.93
CA ASP A 397 14.47 -14.52 30.33
C ASP A 397 15.42 -13.36 30.62
N LYS A 398 16.06 -13.40 31.78
CA LYS A 398 16.96 -12.34 32.23
C LYS A 398 18.20 -12.24 31.33
N LYS A 399 18.71 -13.39 30.91
CA LYS A 399 19.90 -13.43 30.07
C LYS A 399 19.61 -12.94 28.67
N GLY A 400 18.33 -12.99 28.27
CA GLY A 400 17.94 -12.60 26.94
C GLY A 400 17.63 -13.79 26.07
N ASN A 401 17.60 -14.98 26.66
CA ASN A 401 17.25 -16.20 25.95
C ASN A 401 15.75 -16.31 25.71
N LEU A 402 15.38 -16.79 24.53
CA LEU A 402 13.97 -16.95 24.19
C LEU A 402 13.41 -18.19 24.90
N ILE A 403 12.24 -18.04 25.53
CA ILE A 403 11.57 -19.16 26.17
C ILE A 403 10.09 -19.09 25.83
N ARG A 404 9.40 -20.23 25.89
CA ARG A 404 7.96 -20.25 25.70
C ARG A 404 7.30 -20.86 26.95
N ARG A 405 6.21 -20.23 27.38
CA ARG A 405 5.58 -20.55 28.65
C ARG A 405 4.08 -20.57 28.49
N VAL A 406 3.44 -21.59 29.07
CA VAL A 406 1.99 -21.54 29.25
C VAL A 406 1.74 -20.62 30.45
N VAL A 407 1.14 -19.46 30.20
CA VAL A 407 1.04 -18.45 31.26
C VAL A 407 -0.30 -18.45 32.00
N GLU A 408 -1.30 -19.12 31.44
CA GLU A 408 -2.56 -19.31 32.15
C GLU A 408 -3.35 -20.49 31.61
N VAL A 409 -4.00 -21.20 32.52
CA VAL A 409 -4.91 -22.27 32.11
C VAL A 409 -6.27 -21.95 32.72
N ASP A 410 -7.27 -21.74 31.87
CA ASP A 410 -8.59 -21.32 32.34
C ASP A 410 -9.64 -22.39 32.12
N GLU A 411 -10.49 -22.60 33.14
CA GLU A 411 -11.68 -23.43 33.00
C GLU A 411 -12.87 -22.54 32.65
N ILE A 412 -13.58 -22.85 31.58
CA ILE A 412 -14.71 -22.04 31.16
C ILE A 412 -16.00 -22.58 31.76
N ILE A 413 -16.68 -21.72 32.52
CA ILE A 413 -17.88 -22.11 33.27
C ILE A 413 -19.18 -21.63 32.61
N ASP A 414 -19.21 -20.36 32.21
CA ASP A 414 -20.42 -19.74 31.67
C ASP A 414 -20.15 -18.38 31.03
N ILE A 415 -21.16 -17.83 30.36
CA ILE A 415 -21.17 -16.41 30.01
C ILE A 415 -22.23 -15.74 30.87
N ASP A 416 -21.84 -14.73 31.64
CA ASP A 416 -22.78 -14.10 32.58
C ASP A 416 -23.79 -13.21 31.84
N PRO A 417 -25.09 -13.51 32.02
CA PRO A 417 -26.16 -12.75 31.35
C PRO A 417 -26.30 -11.32 31.89
N VAL A 418 -25.63 -11.03 33.01
CA VAL A 418 -25.49 -9.65 33.46
C VAL A 418 -24.02 -9.26 33.68
N THR A 419 -23.33 -8.86 32.62
CA THR A 419 -23.84 -8.91 31.25
C THR A 419 -22.74 -9.32 30.28
N ASN A 420 -22.89 -10.51 29.71
CA ASN A 420 -22.04 -11.00 28.63
C ASN A 420 -20.54 -11.09 28.91
N ASP A 421 -20.18 -11.20 30.19
CA ASP A 421 -18.79 -11.53 30.53
C ASP A 421 -18.64 -13.01 30.85
N VAL A 422 -17.52 -13.58 30.44
CA VAL A 422 -17.27 -15.00 30.67
C VAL A 422 -16.99 -15.29 32.15
N VAL A 423 -17.61 -16.34 32.68
CA VAL A 423 -17.29 -16.83 34.01
C VAL A 423 -16.29 -17.97 33.84
N TYR A 424 -15.16 -17.85 34.52
CA TYR A 424 -14.06 -18.80 34.34
C TYR A 424 -13.25 -18.91 35.61
N ILE A 425 -12.42 -19.95 35.67
CA ILE A 425 -11.52 -20.14 36.82
C ILE A 425 -10.11 -20.31 36.26
N PRO A 426 -9.16 -19.53 36.78
CA PRO A 426 -7.78 -19.76 36.34
C PRO A 426 -7.20 -20.93 37.13
N ALA A 427 -7.11 -22.11 36.52
CA ALA A 427 -6.60 -23.28 37.25
C ALA A 427 -5.08 -23.19 37.44
N PHE A 428 -4.39 -22.58 36.48
CA PHE A 428 -2.96 -22.31 36.62
C PHE A 428 -2.65 -20.90 36.15
N THR A 429 -1.66 -20.28 36.79
CA THR A 429 -1.14 -19.00 36.28
C THR A 429 0.39 -19.06 36.28
N TYR A 430 1.02 -17.94 35.98
CA TYR A 430 2.46 -17.92 35.84
C TYR A 430 3.09 -16.73 36.54
N ASP A 431 4.18 -16.99 37.27
CA ASP A 431 4.98 -15.92 37.85
C ASP A 431 6.23 -15.70 36.99
N SER A 432 6.24 -14.60 36.24
CA SER A 432 7.30 -14.31 35.28
C SER A 432 8.64 -13.95 35.90
N VAL A 433 8.62 -13.55 37.17
CA VAL A 433 9.85 -13.14 37.86
C VAL A 433 10.66 -14.35 38.29
N GLN A 434 10.00 -15.27 38.98
CA GLN A 434 10.61 -16.50 39.46
C GLN A 434 10.60 -17.57 38.37
N ASP A 435 9.93 -17.28 37.26
CA ASP A 435 9.72 -18.25 36.17
C ASP A 435 9.10 -19.54 36.72
N LYS A 436 7.93 -19.42 37.33
CA LYS A 436 7.28 -20.58 37.96
C LYS A 436 5.79 -20.65 37.64
N MET A 437 5.28 -21.88 37.54
CA MET A 437 3.87 -22.15 37.29
C MET A 437 3.12 -22.29 38.62
N LEU A 438 2.01 -21.58 38.75
CA LEU A 438 1.26 -21.60 40.00
C LEU A 438 -0.06 -22.35 39.84
N PHE A 439 -0.34 -23.26 40.76
CA PHE A 439 -1.61 -23.99 40.77
C PHE A 439 -2.57 -23.29 41.71
N ALA A 440 -3.86 -23.30 41.36
CA ALA A 440 -4.87 -22.55 42.14
C ALA A 440 -5.02 -22.85 43.66
N GLY A 441 -5.12 -24.10 44.11
CA GLY A 441 -5.27 -25.30 43.32
C GLY A 441 -6.21 -26.32 43.99
N LYS A 442 -5.85 -26.75 45.20
CA LYS A 442 -6.63 -27.75 45.93
C LYS A 442 -8.08 -27.29 46.17
N GLY A 443 -9.02 -27.99 45.57
CA GLY A 443 -10.42 -27.60 45.68
C GLY A 443 -10.74 -26.28 44.99
N SER A 444 -10.10 -26.04 43.85
CA SER A 444 -10.36 -24.82 43.11
C SER A 444 -11.00 -25.12 41.76
N SER A 445 -10.69 -26.30 41.22
CA SER A 445 -11.15 -26.68 39.89
C SER A 445 -12.62 -27.06 39.83
N TYR A 446 -13.39 -26.28 39.08
CA TYR A 446 -14.78 -26.59 38.80
C TYR A 446 -14.87 -27.90 38.03
N LEU A 447 -13.99 -28.07 37.04
CA LEU A 447 -14.04 -29.28 36.22
C LEU A 447 -13.76 -30.56 37.00
N ILE A 448 -12.80 -30.51 37.92
CA ILE A 448 -12.52 -31.66 38.77
C ILE A 448 -13.69 -31.94 39.72
N GLU A 449 -14.20 -30.88 40.35
CA GLU A 449 -15.18 -31.01 41.41
C GLU A 449 -16.63 -30.71 41.00
N ASN A 450 -16.95 -30.89 39.72
CA ASN A 450 -18.32 -30.71 39.24
C ASN A 450 -18.61 -31.54 38.00
N LYS A 451 -17.55 -31.99 37.34
CA LYS A 451 -17.71 -32.86 36.18
C LYS A 451 -17.10 -34.23 36.48
N ILE A 452 -15.80 -34.24 36.77
CA ILE A 452 -15.12 -35.51 36.99
C ILE A 452 -15.57 -36.20 38.29
N ALA A 453 -15.66 -35.44 39.38
CA ALA A 453 -16.07 -36.02 40.66
C ALA A 453 -17.46 -36.62 40.59
N VAL A 454 -18.35 -35.93 39.88
CA VAL A 454 -19.72 -36.37 39.70
C VAL A 454 -19.79 -37.63 38.87
N LYS A 455 -18.95 -37.71 37.83
CA LYS A 455 -18.94 -38.88 36.97
C LYS A 455 -18.44 -40.10 37.76
N ARG A 456 -17.52 -39.85 38.69
CA ARG A 456 -16.75 -40.91 39.39
C ARG A 456 -17.35 -41.96 40.37
N GLY A 457 -18.46 -41.71 41.06
CA GLY A 457 -18.99 -40.42 41.41
C GLY A 457 -18.62 -40.24 42.86
N ILE A 458 -17.72 -39.31 43.10
CA ILE A 458 -17.06 -39.13 44.37
C ILE A 458 -17.72 -38.02 45.18
N ASP A 459 -17.82 -38.18 46.49
CA ASP A 459 -18.37 -37.13 47.32
C ASP A 459 -17.37 -36.03 47.64
N ARG A 460 -17.90 -34.83 47.88
CA ARG A 460 -17.13 -33.63 48.17
C ARG A 460 -16.18 -33.74 49.37
N ARG A 461 -16.18 -34.89 50.03
CA ARG A 461 -15.34 -35.11 51.21
C ARG A 461 -14.33 -36.21 50.97
N ASN A 462 -14.41 -36.84 49.81
CA ASN A 462 -13.40 -37.79 49.37
C ASN A 462 -12.77 -37.29 48.07
N ILE A 463 -12.95 -36.00 47.82
CA ILE A 463 -12.40 -35.34 46.64
C ILE A 463 -10.88 -35.42 46.62
N GLY A 464 -10.29 -35.67 47.78
CA GLY A 464 -8.85 -35.84 47.89
C GLY A 464 -8.35 -36.96 47.02
N LEU A 465 -9.19 -37.96 46.79
CA LEU A 465 -8.90 -39.08 45.91
C LEU A 465 -8.59 -38.65 44.46
N LEU A 466 -9.29 -37.63 43.98
CA LEU A 466 -9.02 -37.11 42.65
C LEU A 466 -7.72 -36.33 42.61
N TYR A 467 -7.52 -35.48 43.61
CA TYR A 467 -6.30 -34.68 43.68
C TYR A 467 -5.08 -35.56 43.94
N ASP A 468 -5.32 -36.73 44.52
CA ASP A 468 -4.25 -37.70 44.74
CA ASP A 468 -4.25 -37.70 44.74
C ASP A 468 -3.88 -38.42 43.44
N GLU A 469 -4.87 -38.67 42.60
CA GLU A 469 -4.61 -39.27 41.30
C GLU A 469 -3.84 -38.27 40.44
N LEU A 470 -4.17 -36.99 40.60
CA LEU A 470 -3.52 -35.91 39.87
C LEU A 470 -2.05 -35.74 40.30
N GLN A 471 -1.82 -35.70 41.60
CA GLN A 471 -0.46 -35.57 42.13
C GLN A 471 0.36 -36.78 41.67
N MET A 472 -0.34 -37.90 41.54
CA MET A 472 0.22 -39.17 41.10
C MET A 472 0.72 -39.09 39.66
N ARG A 473 -0.15 -38.61 38.75
CA ARG A 473 0.23 -38.45 37.35
C ARG A 473 1.41 -37.50 37.21
N SER A 474 1.47 -36.47 38.06
CA SER A 474 2.57 -35.52 38.03
C SER A 474 3.89 -36.18 38.41
N ARG A 475 3.86 -37.11 39.36
CA ARG A 475 5.08 -37.80 39.75
C ARG A 475 5.62 -38.68 38.62
N PHE A 476 4.74 -39.46 38.01
CA PHE A 476 5.08 -40.32 36.87
C PHE A 476 5.75 -39.53 35.74
N LEU A 477 5.20 -38.35 35.44
CA LEU A 477 5.75 -37.49 34.39
C LEU A 477 7.14 -36.95 34.78
N ASN A 478 7.26 -36.43 36.00
CA ASN A 478 8.53 -36.02 36.56
C ASN A 478 9.55 -37.15 36.49
N LEU A 479 9.10 -38.37 36.70
CA LEU A 479 9.99 -39.52 36.67
C LEU A 479 10.53 -39.78 35.27
N LEU A 480 9.66 -39.66 34.28
CA LEU A 480 10.05 -39.82 32.88
C LEU A 480 11.12 -38.79 32.50
N VAL A 481 10.93 -37.55 32.94
CA VAL A 481 11.90 -36.48 32.72
C VAL A 481 13.25 -36.80 33.38
N GLU A 482 13.22 -37.27 34.63
CA GLU A 482 14.44 -37.62 35.35
C GLU A 482 15.24 -38.71 34.65
N LYS A 483 14.53 -39.67 34.06
CA LYS A 483 15.18 -40.78 33.40
C LYS A 483 15.40 -40.47 31.92
N LYS A 484 15.18 -39.21 31.55
CA LYS A 484 15.45 -38.73 30.20
C LYS A 484 14.70 -39.48 29.11
N ILE A 485 13.49 -39.92 29.44
CA ILE A 485 12.57 -40.46 28.45
C ILE A 485 11.92 -39.28 27.73
N PHE A 486 12.53 -38.84 26.63
CA PHE A 486 12.13 -37.61 25.95
C PHE A 486 11.53 -37.83 24.56
N ASN A 487 11.95 -38.90 23.90
CA ASN A 487 11.42 -39.25 22.59
C ASN A 487 9.90 -39.40 22.62
N TYR A 488 9.24 -38.85 21.60
CA TYR A 488 7.80 -38.82 21.52
C TYR A 488 7.16 -40.19 21.67
N TYR A 489 7.68 -41.17 20.94
CA TYR A 489 7.04 -42.49 20.90
C TYR A 489 7.33 -43.34 22.12
N ASP A 490 8.48 -43.08 22.75
CA ASP A 490 8.83 -43.72 24.01
C ASP A 490 7.90 -43.22 25.12
N VAL A 491 7.68 -41.90 25.15
CA VAL A 491 6.77 -41.29 26.09
C VAL A 491 5.36 -41.85 25.91
N TRP A 492 4.92 -41.96 24.65
CA TRP A 492 3.64 -42.59 24.31
C TRP A 492 3.55 -44.01 24.89
N ASP A 493 4.60 -44.80 24.70
CA ASP A 493 4.64 -46.15 25.25
C ASP A 493 4.51 -46.17 26.78
N TYR A 494 5.23 -45.28 27.44
CA TYR A 494 5.16 -45.19 28.89
C TYR A 494 3.77 -44.75 29.38
N ILE A 495 3.09 -43.90 28.61
CA ILE A 495 1.73 -43.48 28.94
C ILE A 495 0.76 -44.66 28.80
N LEU A 496 0.82 -45.34 27.66
CA LEU A 496 0.02 -46.55 27.43
C LEU A 496 0.30 -47.60 28.50
N ARG A 497 1.56 -47.71 28.90
CA ARG A 497 1.97 -48.63 29.95
C ARG A 497 1.28 -48.27 31.27
N ALA A 498 1.21 -46.98 31.56
CA ALA A 498 0.55 -46.51 32.77
C ALA A 498 -0.96 -46.78 32.74
N ARG A 499 -1.55 -46.75 31.55
CA ARG A 499 -2.96 -47.06 31.38
C ARG A 499 -3.20 -48.53 31.68
N GLN A 500 -2.22 -49.37 31.35
CA GLN A 500 -2.43 -50.81 31.33
C GLN A 500 -1.84 -51.56 32.51
N MET A 501 -1.54 -50.85 33.60
CA MET A 501 -1.14 -51.51 34.83
C MET A 501 -1.34 -50.56 36.00
N GLY A 502 -1.81 -49.35 35.68
CA GLY A 502 -2.17 -48.38 36.69
C GLY A 502 -1.02 -47.48 37.09
N LEU A 503 -1.36 -46.31 37.60
CA LEU A 503 -0.38 -45.30 38.02
C LEU A 503 0.54 -45.82 39.12
N GLU A 504 -0.06 -46.29 40.22
CA GLU A 504 0.69 -46.79 41.37
C GLU A 504 1.77 -47.77 40.96
N GLU A 505 1.40 -48.66 40.04
CA GLU A 505 2.34 -49.66 39.53
C GLU A 505 3.29 -49.06 38.52
N ALA A 506 2.86 -48.00 37.84
CA ALA A 506 3.68 -47.35 36.82
C ALA A 506 4.81 -46.51 37.42
N ILE A 507 4.48 -45.65 38.39
CA ILE A 507 5.47 -44.81 39.07
C ILE A 507 6.58 -45.68 39.63
N LYS A 508 6.17 -46.76 40.29
CA LYS A 508 7.09 -47.60 41.05
C LYS A 508 8.03 -48.33 40.10
N TYR A 509 7.50 -48.75 38.94
CA TYR A 509 8.31 -49.34 37.89
C TYR A 509 9.39 -48.34 37.50
N VAL A 510 8.98 -47.24 36.89
CA VAL A 510 9.91 -46.34 36.21
C VAL A 510 10.92 -45.70 37.18
N SER A 511 10.61 -45.75 38.47
CA SER A 511 11.56 -45.37 39.51
C SER A 511 12.84 -46.19 39.38
N ASN A 512 12.71 -47.39 38.83
CA ASN A 512 13.86 -48.24 38.56
C ASN A 512 14.45 -48.04 37.15
N ILE A 513 15.51 -47.24 37.07
CA ILE A 513 16.44 -47.16 35.94
C ILE A 513 17.43 -46.03 36.13
N SER B 2 22.95 17.29 -37.95
CA SER B 2 22.30 16.13 -37.34
C SER B 2 21.08 16.59 -36.54
N PHE B 3 20.28 15.65 -36.04
CA PHE B 3 19.01 16.02 -35.38
C PHE B 3 19.20 16.90 -34.13
N VAL B 4 20.27 16.66 -33.38
CA VAL B 4 20.57 17.49 -32.21
C VAL B 4 20.96 18.90 -32.61
N GLU B 5 21.97 19.02 -33.47
CA GLU B 5 22.43 20.33 -33.89
C GLU B 5 21.35 21.08 -34.65
N ASP B 6 20.52 20.36 -35.39
CA ASP B 6 19.37 20.94 -36.08
C ASP B 6 18.48 21.67 -35.07
N TYR B 7 18.17 20.98 -33.98
CA TYR B 7 17.50 21.59 -32.85
C TYR B 7 18.39 22.68 -32.25
N LEU B 8 19.65 22.34 -32.01
CA LEU B 8 20.55 23.18 -31.23
C LEU B 8 20.90 24.52 -31.90
N THR B 9 20.64 24.64 -33.20
CA THR B 9 20.98 25.87 -33.90
C THR B 9 19.82 26.85 -33.87
N LYS B 10 18.59 26.34 -33.73
CA LYS B 10 17.41 27.18 -33.75
C LYS B 10 17.20 27.96 -32.44
N LEU B 11 18.03 27.68 -31.44
CA LEU B 11 17.89 28.36 -30.16
C LEU B 11 18.58 29.72 -30.16
N GLN B 12 17.91 30.72 -29.61
CA GLN B 12 18.45 32.08 -29.55
C GLN B 12 19.71 32.12 -28.71
N GLU B 13 19.65 31.52 -27.52
CA GLU B 13 20.81 31.41 -26.66
C GLU B 13 21.19 29.94 -26.51
N ARG B 14 22.36 29.58 -27.03
CA ARG B 14 22.78 28.18 -27.08
C ARG B 14 23.08 27.61 -25.69
N PRO B 15 22.51 26.43 -25.38
CA PRO B 15 22.80 25.81 -24.08
C PRO B 15 24.18 25.19 -24.01
N THR B 16 24.80 25.25 -22.84
CA THR B 16 26.09 24.61 -22.59
C THR B 16 25.95 23.09 -22.56
N ILE B 17 27.03 22.41 -22.21
CA ILE B 17 27.01 20.95 -22.13
C ILE B 17 27.46 20.39 -20.77
N ILE B 18 26.81 19.33 -20.33
CA ILE B 18 27.20 18.55 -19.16
C ILE B 18 26.89 17.09 -19.46
N GLU B 19 26.66 16.31 -18.41
CA GLU B 19 25.90 15.06 -18.47
C GLU B 19 25.52 14.59 -17.06
N ASN B 20 25.28 15.57 -16.19
CA ASN B 20 24.93 15.34 -14.79
C ASN B 20 24.50 16.65 -14.14
N PRO B 21 23.20 16.92 -14.11
CA PRO B 21 22.66 18.16 -13.54
C PRO B 21 22.83 18.32 -12.03
N ASN B 22 23.54 17.41 -11.37
CA ASN B 22 23.81 17.54 -9.93
C ASN B 22 24.58 18.83 -9.66
N ILE B 23 25.51 19.17 -10.55
CA ILE B 23 26.26 20.42 -10.48
C ILE B 23 25.34 21.62 -10.30
N LEU B 24 24.14 21.53 -10.89
CA LEU B 24 23.20 22.65 -10.86
C LEU B 24 22.45 22.77 -9.55
N LYS B 25 22.64 21.81 -8.63
CA LYS B 25 21.97 21.88 -7.32
C LYS B 25 22.18 23.26 -6.68
N GLY B 26 21.09 24.03 -6.57
CA GLY B 26 21.16 25.38 -6.06
C GLY B 26 21.33 26.45 -7.13
N SER B 27 21.65 26.03 -8.35
CA SER B 27 21.67 26.95 -9.48
C SER B 27 20.24 27.16 -9.97
N LYS B 28 19.72 28.35 -9.70
CA LYS B 28 18.33 28.65 -10.03
C LYS B 28 18.22 29.18 -11.45
N ILE B 29 19.37 29.29 -12.11
CA ILE B 29 19.47 29.75 -13.48
C ILE B 29 20.28 28.74 -14.30
N PHE B 30 19.73 28.31 -15.43
CA PHE B 30 20.40 27.32 -16.27
C PHE B 30 19.84 27.17 -17.68
N ASN B 31 20.72 26.73 -18.57
CA ASN B 31 20.40 26.43 -19.96
C ASN B 31 21.41 25.39 -20.45
N ALA B 32 21.08 24.12 -20.27
CA ALA B 32 22.01 23.03 -20.56
C ALA B 32 21.35 21.89 -21.34
N ILE B 33 22.17 21.07 -22.01
CA ILE B 33 21.67 19.93 -22.77
C ILE B 33 22.53 18.69 -22.57
N TYR B 34 21.90 17.55 -22.28
CA TYR B 34 22.63 16.31 -22.01
C TYR B 34 22.07 15.06 -22.70
N ARG B 35 22.95 14.08 -22.87
CA ARG B 35 22.63 12.82 -23.53
C ARG B 35 21.82 11.92 -22.62
N VAL B 36 20.96 11.10 -23.21
CA VAL B 36 20.34 10.00 -22.51
C VAL B 36 20.71 8.73 -23.25
N ASP B 37 20.27 8.65 -24.50
CA ASP B 37 20.57 7.52 -25.39
C ASP B 37 21.02 8.07 -26.73
N ASP B 38 21.32 7.16 -27.66
CA ASP B 38 21.27 7.51 -29.06
C ASP B 38 19.80 7.90 -29.26
N PHE B 39 19.57 8.93 -30.06
CA PHE B 39 18.22 9.42 -30.37
C PHE B 39 17.49 10.15 -29.21
N VAL B 40 18.08 10.27 -28.03
CA VAL B 40 17.44 11.06 -26.95
C VAL B 40 18.38 12.02 -26.20
N TYR B 41 18.16 13.33 -26.38
CA TYR B 41 18.87 14.36 -25.60
C TYR B 41 17.91 15.23 -24.78
N ILE B 42 18.39 15.77 -23.66
CA ILE B 42 17.57 16.59 -22.77
C ILE B 42 18.08 18.02 -22.56
N HIS B 43 17.28 18.99 -22.97
CA HIS B 43 17.60 20.42 -22.80
C HIS B 43 16.80 20.99 -21.63
N ILE B 44 17.48 21.33 -20.55
CA ILE B 44 16.80 21.95 -19.42
C ILE B 44 17.06 23.46 -19.45
N GLN B 45 15.99 24.24 -19.38
CA GLN B 45 16.12 25.69 -19.34
C GLN B 45 15.26 26.28 -18.22
N SER B 46 15.90 27.12 -17.41
CA SER B 46 15.30 27.72 -16.24
C SER B 46 14.58 29.03 -16.57
N ILE B 47 13.50 28.95 -17.33
CA ILE B 47 12.69 30.13 -17.62
C ILE B 47 12.08 30.68 -16.35
N LYS B 48 11.66 31.95 -16.39
CA LYS B 48 10.95 32.54 -15.26
C LYS B 48 9.46 32.22 -15.31
N SER B 49 9.15 30.95 -15.50
CA SER B 49 7.75 30.49 -15.59
C SER B 49 6.92 30.91 -14.39
N GLU B 50 5.86 31.65 -14.67
CA GLU B 50 4.97 32.22 -13.67
C GLU B 50 4.39 31.22 -12.68
N ASP B 51 4.15 29.99 -13.12
CA ASP B 51 3.65 28.96 -12.19
C ASP B 51 4.79 28.11 -11.60
N GLY B 52 6.03 28.57 -11.80
CA GLY B 52 7.15 27.98 -11.09
C GLY B 52 7.68 26.66 -11.63
N TYR B 53 7.28 26.30 -12.84
CA TYR B 53 7.86 25.13 -13.49
C TYR B 53 9.04 25.54 -14.37
N ASN B 54 10.19 24.92 -14.21
CA ASN B 54 11.22 25.09 -15.21
C ASN B 54 10.93 24.15 -16.38
N GLN B 55 11.59 24.36 -17.50
CA GLN B 55 11.31 23.56 -18.69
CA GLN B 55 11.36 23.59 -18.73
C GLN B 55 12.26 22.37 -18.84
N TYR B 56 11.68 21.23 -19.18
CA TYR B 56 12.45 20.04 -19.46
C TYR B 56 12.17 19.69 -20.92
N ASN B 57 13.11 20.01 -21.80
CA ASN B 57 12.90 19.79 -23.24
C ASN B 57 13.50 18.48 -23.76
N VAL B 58 12.62 17.62 -24.28
CA VAL B 58 13.03 16.35 -24.85
C VAL B 58 13.42 16.50 -26.32
N ILE B 59 14.65 16.14 -26.64
CA ILE B 59 15.14 16.26 -28.01
C ILE B 59 15.22 14.91 -28.71
N GLU B 60 14.24 14.67 -29.60
CA GLU B 60 14.19 13.43 -30.37
C GLU B 60 14.26 13.70 -31.88
N PRO B 61 14.70 12.69 -32.65
CA PRO B 61 14.62 12.58 -34.10
C PRO B 61 13.27 13.00 -34.65
N PRO B 62 13.26 13.68 -35.80
CA PRO B 62 11.99 13.98 -36.47
C PRO B 62 11.22 12.71 -36.86
N ARG B 63 9.90 12.81 -36.88
CA ARG B 63 9.04 11.69 -37.24
C ARG B 63 8.73 11.71 -38.73
N PRO B 64 8.72 10.52 -39.37
CA PRO B 64 8.16 10.37 -40.71
C PRO B 64 6.69 10.82 -40.68
N THR B 65 6.15 11.30 -41.80
CA THR B 65 4.76 11.74 -41.80
C THR B 65 3.82 10.57 -41.48
N HIS B 66 2.62 10.91 -41.00
CA HIS B 66 1.61 9.93 -40.62
C HIS B 66 1.38 8.90 -41.74
N ASP B 67 1.48 9.38 -42.98
CA ASP B 67 1.29 8.55 -44.16
C ASP B 67 2.35 7.46 -44.29
N GLU B 68 3.61 7.84 -44.06
CA GLU B 68 4.73 6.91 -44.11
C GLU B 68 4.52 5.77 -43.10
N MET B 69 4.35 6.14 -41.84
CA MET B 69 4.07 5.17 -40.78
C MET B 69 2.94 4.20 -41.10
N GLU B 70 1.75 4.73 -41.40
CA GLU B 70 0.60 3.91 -41.77
C GLU B 70 0.94 2.97 -42.93
N GLU B 71 1.80 3.42 -43.83
CA GLU B 71 2.27 2.58 -44.93
C GLU B 71 3.27 1.53 -44.44
N ILE B 72 4.12 1.91 -43.47
CA ILE B 72 5.07 0.98 -42.88
C ILE B 72 4.36 -0.01 -41.96
N GLU B 73 3.40 0.49 -41.19
CA GLU B 73 2.52 -0.38 -40.40
C GLU B 73 1.84 -1.41 -41.30
N GLU B 74 1.16 -0.93 -42.34
CA GLU B 74 0.47 -1.78 -43.30
C GLU B 74 1.36 -2.89 -43.85
N LYS B 75 2.48 -2.50 -44.46
CA LYS B 75 3.40 -3.47 -45.04
C LYS B 75 3.96 -4.42 -44.00
N PHE B 76 4.10 -3.94 -42.78
CA PHE B 76 4.57 -4.78 -41.67
C PHE B 76 3.50 -5.76 -41.19
N ALA B 77 2.29 -5.25 -40.94
CA ALA B 77 1.18 -6.06 -40.47
C ALA B 77 0.95 -7.27 -41.38
N LEU B 78 1.06 -7.05 -42.69
CA LEU B 78 0.87 -8.10 -43.68
C LEU B 78 1.95 -9.18 -43.60
N SER B 79 3.14 -8.82 -43.14
CA SER B 79 4.18 -9.80 -42.87
C SER B 79 3.86 -10.47 -41.53
N ILE B 80 4.50 -11.61 -41.27
CA ILE B 80 4.31 -12.39 -40.03
C ILE B 80 2.85 -12.59 -39.60
N GLY B 81 1.94 -12.64 -40.57
CA GLY B 81 0.52 -12.79 -40.32
C GLY B 81 0.18 -13.97 -39.44
N ASP B 82 0.20 -15.17 -40.03
CA ASP B 82 0.03 -16.41 -39.28
C ASP B 82 1.04 -16.47 -38.15
N LYS B 83 2.30 -16.21 -38.49
CA LYS B 83 3.42 -16.26 -37.55
C LYS B 83 3.11 -15.58 -36.23
N GLU B 84 3.52 -16.21 -35.14
CA GLU B 84 3.26 -15.70 -33.80
C GLU B 84 4.47 -14.94 -33.31
N PRO B 85 4.24 -13.76 -32.71
CA PRO B 85 5.30 -12.98 -32.09
C PRO B 85 5.99 -13.79 -31.01
N PRO B 86 7.24 -14.20 -31.25
CA PRO B 86 7.97 -15.12 -30.35
C PRO B 86 8.15 -14.50 -28.95
N GLU B 87 8.51 -15.30 -27.95
CA GLU B 87 8.49 -14.84 -26.55
CA GLU B 87 8.49 -14.84 -26.55
C GLU B 87 9.47 -13.71 -26.22
N ASP B 88 10.75 -14.08 -26.03
CA ASP B 88 11.80 -13.15 -25.58
C ASP B 88 11.70 -11.71 -26.07
N THR B 89 12.03 -10.78 -25.18
CA THR B 89 11.95 -9.37 -25.50
C THR B 89 13.16 -8.85 -26.32
N LYS B 90 14.35 -9.37 -26.02
CA LYS B 90 15.58 -8.76 -26.58
C LYS B 90 16.04 -9.29 -27.95
N GLU B 91 16.00 -10.60 -28.17
CA GLU B 91 16.45 -11.15 -29.45
C GLU B 91 15.27 -11.26 -30.42
N LYS B 92 14.08 -10.98 -29.90
CA LYS B 92 12.88 -10.91 -30.72
C LYS B 92 12.39 -9.48 -30.85
N GLU B 93 13.18 -8.55 -30.32
CA GLU B 93 13.13 -7.17 -30.77
C GLU B 93 14.02 -7.14 -32.00
N LYS B 94 15.27 -7.57 -31.82
CA LYS B 94 16.21 -7.72 -32.93
C LYS B 94 15.69 -8.80 -33.89
N LEU B 95 14.56 -8.48 -34.53
CA LEU B 95 13.89 -9.34 -35.48
C LEU B 95 12.94 -8.41 -36.20
N ILE B 96 12.22 -7.62 -35.41
CA ILE B 96 11.39 -6.54 -35.89
C ILE B 96 12.26 -5.53 -36.63
N ARG B 97 13.52 -5.42 -36.20
CA ARG B 97 14.54 -4.63 -36.89
C ARG B 97 14.69 -5.11 -38.32
N SER B 98 15.18 -6.34 -38.44
CA SER B 98 15.35 -7.05 -39.70
C SER B 98 14.19 -6.80 -40.67
N ILE B 99 12.98 -7.10 -40.21
CA ILE B 99 11.78 -6.94 -41.01
C ILE B 99 11.54 -5.50 -41.46
N LEU B 100 11.90 -4.54 -40.61
CA LEU B 100 11.82 -3.12 -40.98
C LEU B 100 12.75 -2.83 -42.15
N ASP B 101 14.02 -3.20 -41.99
CA ASP B 101 15.03 -3.03 -43.03
C ASP B 101 14.55 -3.53 -44.39
N LYS B 102 14.03 -4.76 -44.42
CA LYS B 102 13.63 -5.36 -45.69
C LYS B 102 12.19 -5.02 -46.11
N ILE B 103 11.64 -3.94 -45.54
CA ILE B 103 10.46 -3.28 -46.11
C ILE B 103 10.68 -1.78 -46.29
N LEU B 104 11.80 -1.28 -45.77
CA LEU B 104 12.17 0.12 -45.94
C LEU B 104 13.19 0.28 -47.07
N LEU B 105 14.02 -0.75 -47.27
CA LEU B 105 15.14 -0.69 -48.20
C LEU B 105 14.75 -0.28 -49.62
N ARG B 106 13.48 -0.45 -49.95
CA ARG B 106 12.95 0.06 -51.21
C ARG B 106 11.78 1.00 -50.95
N MET B 107 12.03 2.02 -50.13
CA MET B 107 11.08 3.11 -49.91
C MET B 107 11.81 4.44 -49.95
N ARG B 108 11.21 5.43 -50.62
CA ARG B 108 11.75 6.78 -50.61
C ARG B 108 11.21 7.52 -49.38
N LEU B 109 11.99 7.53 -48.30
CA LEU B 109 11.53 8.15 -47.06
C LEU B 109 11.95 9.61 -46.90
N SER B 110 11.09 10.38 -46.23
CA SER B 110 11.38 11.77 -45.90
C SER B 110 12.61 11.87 -45.00
N VAL B 111 12.44 11.51 -43.74
CA VAL B 111 13.53 11.57 -42.75
C VAL B 111 14.47 10.37 -42.92
N PRO B 112 15.70 10.46 -42.36
CA PRO B 112 16.61 9.32 -42.47
C PRO B 112 16.03 8.05 -41.85
N LYS B 113 16.35 6.90 -42.45
CA LYS B 113 15.80 5.60 -42.02
C LYS B 113 15.98 5.31 -40.52
N GLU B 114 17.19 5.52 -40.02
CA GLU B 114 17.51 5.26 -38.62
C GLU B 114 16.49 5.91 -37.70
N TYR B 115 16.15 7.14 -38.02
CA TYR B 115 15.20 7.93 -37.25
C TYR B 115 13.77 7.40 -37.42
N VAL B 116 13.49 6.78 -38.56
CA VAL B 116 12.23 6.04 -38.75
C VAL B 116 12.24 4.78 -37.89
N ILE B 117 13.35 4.05 -37.93
CA ILE B 117 13.53 2.86 -37.11
C ILE B 117 13.26 3.19 -35.64
N TYR B 118 13.94 4.22 -35.12
CA TYR B 118 13.82 4.60 -33.72
C TYR B 118 12.38 4.82 -33.25
N HIS B 119 11.62 5.58 -34.04
CA HIS B 119 10.24 5.90 -33.70
C HIS B 119 9.29 4.69 -33.82
N PHE B 120 9.52 3.86 -34.83
CA PHE B 120 8.73 2.64 -34.99
C PHE B 120 8.91 1.72 -33.78
N ILE B 121 10.16 1.52 -33.38
CA ILE B 121 10.52 0.65 -32.26
C ILE B 121 10.08 1.19 -30.90
N ARG B 122 10.30 2.49 -30.68
CA ARG B 122 9.92 3.16 -29.44
C ARG B 122 8.44 3.00 -29.16
N ASP B 123 7.62 3.11 -30.20
CA ASP B 123 6.17 3.04 -30.07
C ASP B 123 5.63 1.61 -30.02
N LYS B 124 6.30 0.69 -30.73
CA LYS B 124 5.85 -0.70 -30.79
C LYS B 124 6.33 -1.52 -29.59
N LEU B 125 7.59 -1.32 -29.21
CA LEU B 125 8.25 -2.21 -28.25
C LEU B 125 8.42 -1.58 -26.87
N TYR B 126 8.36 -0.26 -26.81
CA TYR B 126 8.61 0.46 -25.56
C TYR B 126 7.46 1.39 -25.21
N THR B 127 7.72 2.39 -24.37
CA THR B 127 6.63 3.22 -23.85
C THR B 127 6.36 4.49 -24.67
N GLY B 128 6.61 4.40 -25.99
CA GLY B 128 6.32 5.49 -26.89
C GLY B 128 6.97 6.78 -26.48
N SER B 129 6.22 7.88 -26.55
CA SER B 129 6.77 9.20 -26.27
C SER B 129 7.26 9.36 -24.83
N LEU B 130 6.84 8.47 -23.93
CA LEU B 130 7.31 8.53 -22.54
C LEU B 130 8.69 7.90 -22.36
N GLU B 131 9.11 7.12 -23.34
CA GLU B 131 10.37 6.37 -23.24
C GLU B 131 11.60 7.21 -22.84
N PRO B 132 11.77 8.42 -23.41
CA PRO B 132 12.91 9.24 -22.97
C PRO B 132 12.86 9.55 -21.47
N LEU B 133 11.65 9.68 -20.92
CA LEU B 133 11.51 9.99 -19.50
C LEU B 133 11.82 8.75 -18.67
N ILE B 134 11.35 7.61 -19.13
CA ILE B 134 11.68 6.34 -18.50
C ILE B 134 13.19 6.14 -18.51
N ARG B 135 13.79 6.35 -19.68
CA ARG B 135 15.22 6.16 -19.86
C ARG B 135 16.09 7.14 -19.05
N ASP B 136 15.53 8.29 -18.69
CA ASP B 136 16.29 9.32 -17.96
C ASP B 136 16.40 9.01 -16.48
N PRO B 137 17.62 8.69 -16.01
CA PRO B 137 17.84 8.25 -14.63
C PRO B 137 17.67 9.36 -13.57
N TYR B 138 17.54 10.61 -14.01
CA TYR B 138 17.34 11.72 -13.07
C TYR B 138 15.87 12.06 -12.82
N ILE B 139 14.98 11.36 -13.51
CA ILE B 139 13.55 11.54 -13.29
C ILE B 139 13.02 10.52 -12.27
N GLU B 140 12.23 10.99 -11.31
CA GLU B 140 11.64 10.12 -10.30
C GLU B 140 10.12 9.93 -10.43
N ASP B 141 9.38 11.00 -10.77
CA ASP B 141 7.93 10.89 -11.03
C ASP B 141 7.62 11.38 -12.44
N ILE B 142 6.65 10.73 -13.07
CA ILE B 142 6.11 11.19 -14.34
C ILE B 142 4.60 11.23 -14.22
N SER B 143 3.99 12.38 -14.51
CA SER B 143 2.53 12.47 -14.48
C SER B 143 1.95 12.97 -15.79
N ILE B 144 0.92 12.28 -16.26
CA ILE B 144 0.10 12.86 -17.32
C ILE B 144 -1.29 12.95 -16.72
N PRO B 145 -1.64 14.14 -16.19
CA PRO B 145 -2.85 14.31 -15.39
C PRO B 145 -4.13 14.38 -16.22
N GLY B 146 -3.95 14.51 -17.53
CA GLY B 146 -5.06 14.73 -18.45
C GLY B 146 -4.48 15.53 -19.61
N LEU B 147 -5.34 16.19 -20.39
CA LEU B 147 -4.91 17.01 -21.54
C LEU B 147 -3.90 18.04 -21.12
N GLY B 148 -2.88 18.27 -21.96
CA GLY B 148 -1.81 19.19 -21.62
C GLY B 148 -0.44 18.53 -21.62
N HIS B 149 0.48 19.11 -20.88
CA HIS B 149 1.88 18.65 -20.87
C HIS B 149 2.06 17.44 -19.97
N VAL B 150 3.11 16.66 -20.22
CA VAL B 150 3.60 15.69 -19.26
C VAL B 150 4.45 16.43 -18.22
N TYR B 151 4.21 16.13 -16.95
CA TYR B 151 4.92 16.77 -15.84
C TYR B 151 5.80 15.74 -15.17
N ILE B 152 6.96 16.16 -14.70
CA ILE B 152 7.85 15.28 -13.99
C ILE B 152 8.32 15.90 -12.67
N VAL B 153 8.90 15.07 -11.82
CA VAL B 153 9.66 15.56 -10.67
C VAL B 153 11.06 15.10 -10.93
N HIS B 154 11.97 16.05 -10.96
CA HIS B 154 13.38 15.83 -11.24
C HIS B 154 14.11 15.83 -9.89
N LYS B 155 15.12 14.99 -9.73
CA LYS B 155 15.84 14.95 -8.45
C LYS B 155 16.64 16.22 -8.18
N VAL B 156 17.12 16.87 -9.24
CA VAL B 156 17.81 18.15 -9.10
C VAL B 156 16.84 19.31 -9.02
N PHE B 157 15.89 19.34 -9.95
CA PHE B 157 15.12 20.56 -10.20
C PHE B 157 13.75 20.58 -9.54
N GLY B 158 13.30 19.40 -9.10
CA GLY B 158 11.97 19.28 -8.57
C GLY B 158 11.00 19.20 -9.72
N PRO B 159 9.76 19.65 -9.50
CA PRO B 159 8.73 19.61 -10.55
C PRO B 159 9.17 20.42 -11.77
N MET B 160 9.06 19.79 -12.93
CA MET B 160 9.31 20.49 -14.19
C MET B 160 8.19 20.19 -15.18
N ARG B 161 7.99 21.10 -16.13
CA ARG B 161 7.08 20.89 -17.25
C ARG B 161 7.89 20.40 -18.46
N THR B 162 7.51 19.25 -19.00
CA THR B 162 8.20 18.73 -20.20
C THR B 162 7.62 19.25 -21.49
N SER B 163 8.33 19.02 -22.60
CA SER B 163 7.89 19.47 -23.91
C SER B 163 6.89 18.50 -24.54
N ILE B 164 6.63 17.39 -23.86
CA ILE B 164 5.71 16.42 -24.40
C ILE B 164 4.28 16.85 -24.05
N LYS B 165 3.40 16.86 -25.03
CA LYS B 165 2.06 17.43 -24.87
C LYS B 165 0.97 16.56 -25.48
N PHE B 166 -0.10 16.31 -24.72
CA PHE B 166 -1.25 15.55 -25.23
C PHE B 166 -2.43 16.48 -25.48
N GLU B 167 -2.86 16.55 -26.74
CA GLU B 167 -3.81 17.55 -27.22
C GLU B 167 -5.24 17.05 -27.29
N ASN B 168 -5.41 15.72 -27.42
CA ASN B 168 -6.76 15.15 -27.50
C ASN B 168 -6.99 13.89 -26.67
N TYR B 169 -8.25 13.68 -26.29
CA TYR B 169 -8.65 12.56 -25.45
C TYR B 169 -8.26 11.22 -26.05
N GLU B 170 -8.28 11.12 -27.38
CA GLU B 170 -8.02 9.87 -28.08
C GLU B 170 -6.55 9.45 -28.02
N GLU B 171 -5.64 10.42 -28.16
CA GLU B 171 -4.20 10.17 -27.96
C GLU B 171 -3.97 9.61 -26.56
N LEU B 172 -4.53 10.32 -25.57
CA LEU B 172 -4.43 9.94 -24.17
C LEU B 172 -4.94 8.52 -23.95
N ASP B 173 -6.12 8.22 -24.48
CA ASP B 173 -6.72 6.90 -24.33
C ASP B 173 -5.80 5.82 -24.93
N ASN B 174 -5.32 6.07 -26.14
CA ASN B 174 -4.44 5.12 -26.82
C ASN B 174 -3.16 4.86 -26.03
N LEU B 175 -2.68 5.88 -25.35
CA LEU B 175 -1.49 5.74 -24.52
C LEU B 175 -1.77 4.81 -23.36
N ILE B 176 -2.79 5.15 -22.58
CA ILE B 176 -3.14 4.37 -21.40
C ILE B 176 -3.49 2.91 -21.79
N VAL B 177 -4.20 2.74 -22.89
CA VAL B 177 -4.57 1.39 -23.33
C VAL B 177 -3.35 0.56 -23.72
N SER B 178 -2.54 1.08 -24.63
CA SER B 178 -1.37 0.34 -25.12
C SER B 178 -0.34 0.06 -24.02
N LEU B 179 -0.11 1.02 -23.13
CA LEU B 179 0.86 0.82 -22.05
C LEU B 179 0.37 -0.22 -21.06
N SER B 180 -0.92 -0.16 -20.73
CA SER B 180 -1.50 -1.12 -19.80
C SER B 180 -1.45 -2.52 -20.41
N GLU B 181 -1.72 -2.62 -21.71
CA GLU B 181 -1.62 -3.90 -22.38
C GLU B 181 -0.17 -4.38 -22.39
N LYS B 182 0.75 -3.46 -22.66
CA LYS B 182 2.17 -3.82 -22.68
C LYS B 182 2.63 -4.26 -21.30
N SER B 183 2.03 -3.69 -20.27
CA SER B 183 2.34 -4.08 -18.89
C SER B 183 1.59 -5.34 -18.45
N TYR B 184 0.90 -5.97 -19.40
CA TYR B 184 0.12 -7.19 -19.16
C TYR B 184 -1.01 -7.00 -18.15
N ARG B 185 -1.47 -5.76 -17.99
CA ARG B 185 -2.62 -5.48 -17.13
C ARG B 185 -3.52 -4.47 -17.85
N PRO B 186 -4.22 -4.94 -18.90
CA PRO B 186 -5.01 -4.02 -19.72
C PRO B 186 -6.09 -3.32 -18.90
N VAL B 187 -6.32 -2.04 -19.15
CA VAL B 187 -7.48 -1.35 -18.58
C VAL B 187 -8.71 -1.75 -19.40
N SER B 188 -9.90 -1.61 -18.82
CA SER B 188 -11.14 -1.71 -19.58
C SER B 188 -12.07 -0.68 -18.98
N HIS B 189 -13.16 -0.36 -19.66
CA HIS B 189 -14.12 0.58 -19.07
C HIS B 189 -14.69 0.02 -17.76
N ASN B 190 -14.90 -1.30 -17.71
CA ASN B 190 -15.38 -1.98 -16.51
C ASN B 190 -14.42 -1.94 -15.32
N ARG B 191 -13.13 -2.10 -15.57
CA ARG B 191 -12.14 -1.83 -14.54
C ARG B 191 -11.06 -0.89 -15.08
N PRO B 192 -11.32 0.43 -14.94
CA PRO B 192 -10.57 1.51 -15.58
C PRO B 192 -9.36 1.95 -14.77
N VAL B 193 -9.26 1.51 -13.52
CA VAL B 193 -8.14 1.90 -12.69
C VAL B 193 -7.21 0.70 -12.57
N VAL B 194 -5.96 0.85 -12.97
CA VAL B 194 -5.04 -0.29 -13.00
C VAL B 194 -3.66 0.10 -12.48
N ASP B 195 -3.09 -0.75 -11.63
CA ASP B 195 -1.70 -0.60 -11.21
C ASP B 195 -0.86 -1.72 -11.80
N ALA B 196 0.33 -1.39 -12.32
CA ALA B 196 1.17 -2.41 -12.95
C ALA B 196 2.65 -2.11 -12.82
N SER B 197 3.48 -3.04 -13.27
CA SER B 197 4.90 -2.77 -13.39
C SER B 197 5.29 -2.64 -14.87
N LEU B 198 6.16 -1.68 -15.15
CA LEU B 198 6.83 -1.57 -16.45
C LEU B 198 8.04 -2.50 -16.42
N PRO B 199 8.54 -2.91 -17.59
CA PRO B 199 9.66 -3.86 -17.65
C PRO B 199 10.91 -3.41 -16.87
N ASP B 200 11.11 -2.10 -16.73
CA ASP B 200 12.28 -1.59 -16.02
C ASP B 200 12.09 -1.61 -14.51
N GLY B 201 10.89 -1.96 -14.06
CA GLY B 201 10.63 -2.06 -12.63
C GLY B 201 9.90 -0.86 -12.04
N SER B 202 9.74 0.18 -12.85
CA SER B 202 8.94 1.33 -12.44
C SER B 202 7.51 0.89 -12.18
N ARG B 203 6.80 1.63 -11.34
CA ARG B 203 5.39 1.32 -11.09
C ARG B 203 4.55 2.33 -11.82
N VAL B 204 3.43 1.88 -12.36
CA VAL B 204 2.56 2.80 -13.09
C VAL B 204 1.12 2.64 -12.65
N ASN B 205 0.42 3.75 -12.44
CA ASN B 205 -1.00 3.72 -12.18
C ASN B 205 -1.72 4.29 -13.39
N PHE B 206 -2.76 3.60 -13.85
CA PHE B 206 -3.57 4.09 -14.98
C PHE B 206 -5.00 4.38 -14.54
N VAL B 207 -5.58 5.43 -15.09
CA VAL B 207 -7.01 5.69 -14.90
C VAL B 207 -7.64 5.98 -16.26
N TYR B 208 -8.53 5.10 -16.71
CA TYR B 208 -8.98 5.08 -18.10
C TYR B 208 -10.42 5.55 -18.33
N GLY B 209 -10.61 6.43 -19.30
CA GLY B 209 -11.93 6.89 -19.68
C GLY B 209 -12.29 8.23 -19.08
N VAL B 210 -12.85 9.11 -19.91
CA VAL B 210 -13.21 10.46 -19.50
C VAL B 210 -14.35 10.46 -18.48
N ASP B 211 -15.15 9.39 -18.46
CA ASP B 211 -16.21 9.25 -17.46
C ASP B 211 -15.65 9.07 -16.04
N ILE B 212 -14.36 8.74 -15.94
CA ILE B 212 -13.72 8.63 -14.65
C ILE B 212 -12.68 9.75 -14.45
N SER B 213 -11.85 9.99 -15.46
CA SER B 213 -10.80 11.02 -15.33
C SER B 213 -11.25 12.15 -16.25
N ARG B 214 -11.91 13.16 -15.67
CA ARG B 214 -12.69 14.09 -16.51
C ARG B 214 -11.88 15.08 -17.35
N ARG B 215 -10.56 15.14 -17.14
CA ARG B 215 -9.71 15.90 -18.05
C ARG B 215 -9.00 14.98 -19.05
N GLY B 216 -9.45 13.73 -19.11
CA GLY B 216 -8.89 12.75 -20.02
C GLY B 216 -8.16 11.69 -19.24
N SER B 217 -7.99 10.50 -19.84
CA SER B 217 -7.30 9.38 -19.17
C SER B 217 -5.94 9.83 -18.63
N ASN B 218 -5.62 9.40 -17.42
CA ASN B 218 -4.39 9.89 -16.80
C ASN B 218 -3.49 8.76 -16.35
N LEU B 219 -2.20 9.05 -16.20
CA LEU B 219 -1.31 8.08 -15.54
C LEU B 219 -0.21 8.70 -14.70
N THR B 220 0.38 7.87 -13.85
CA THR B 220 1.47 8.27 -13.01
C THR B 220 2.49 7.16 -13.01
N VAL B 221 3.73 7.50 -13.33
CA VAL B 221 4.83 6.56 -13.20
C VAL B 221 5.71 6.93 -12.00
N ARG B 222 6.02 5.94 -11.18
CA ARG B 222 6.95 6.11 -10.08
CA ARG B 222 6.94 6.10 -10.07
C ARG B 222 8.21 5.31 -10.39
N LYS B 223 9.35 5.99 -10.45
CA LYS B 223 10.58 5.31 -10.75
C LYS B 223 11.42 5.19 -9.48
N PHE B 224 12.33 4.24 -9.45
CA PHE B 224 13.09 4.02 -8.22
C PHE B 224 14.60 3.99 -8.48
N SER B 225 15.36 4.57 -7.57
CA SER B 225 16.81 4.62 -7.74
C SER B 225 17.43 3.25 -7.52
N ARG B 226 18.28 2.84 -8.45
CA ARG B 226 18.98 1.56 -8.32
C ARG B 226 20.13 1.69 -7.32
N VAL B 227 20.59 2.92 -7.10
CA VAL B 227 21.68 3.16 -6.18
C VAL B 227 21.22 4.05 -5.03
N PRO B 228 20.96 3.46 -3.86
CA PRO B 228 20.42 4.24 -2.74
C PRO B 228 21.43 5.28 -2.24
N THR B 229 20.93 6.32 -1.57
CA THR B 229 21.79 7.28 -0.89
C THR B 229 22.49 6.56 0.27
N SER B 230 23.78 6.80 0.45
CA SER B 230 24.55 6.05 1.44
C SER B 230 24.61 6.77 2.79
N ILE B 231 25.06 6.05 3.82
CA ILE B 231 25.18 6.64 5.15
C ILE B 231 26.25 7.77 5.19
N THR B 232 27.29 7.70 4.37
CA THR B 232 28.27 8.80 4.34
C THR B 232 27.71 10.05 3.66
N GLN B 233 26.88 9.85 2.64
CA GLN B 233 26.18 10.99 2.05
C GLN B 233 25.27 11.68 3.08
N LEU B 234 24.52 10.88 3.84
CA LEU B 234 23.65 11.45 4.84
C LEU B 234 24.45 12.22 5.88
N ILE B 235 25.61 11.69 6.28
CA ILE B 235 26.46 12.40 7.23
C ILE B 235 26.91 13.71 6.61
N MET B 236 27.34 13.66 5.35
CA MET B 236 27.82 14.87 4.67
C MET B 236 26.71 15.91 4.52
N PHE B 237 25.48 15.43 4.27
CA PHE B 237 24.32 16.31 4.19
C PHE B 237 24.02 16.97 5.55
N GLY B 238 24.53 16.38 6.63
CA GLY B 238 24.28 16.88 7.98
C GLY B 238 23.04 16.23 8.59
N THR B 239 22.47 15.25 7.92
CA THR B 239 21.21 14.64 8.39
C THR B 239 21.45 13.79 9.65
N LEU B 240 22.57 13.09 9.67
CA LEU B 240 23.07 12.43 10.88
C LEU B 240 24.52 12.85 11.12
N SER B 241 24.96 12.83 12.38
CA SER B 241 26.36 13.00 12.69
C SER B 241 27.04 11.65 12.57
N SER B 242 28.35 11.68 12.42
CA SER B 242 29.14 10.46 12.38
CA SER B 242 29.14 10.45 12.37
C SER B 242 28.93 9.61 13.63
N MET B 243 28.86 10.26 14.79
CA MET B 243 28.61 9.55 16.05
C MET B 243 27.26 8.87 16.09
N MET B 244 26.24 9.57 15.59
CA MET B 244 24.91 9.01 15.50
C MET B 244 24.88 7.78 14.60
N ALA B 245 25.59 7.86 13.48
CA ALA B 245 25.61 6.74 12.55
C ALA B 245 26.36 5.56 13.17
N ALA B 246 27.41 5.87 13.92
CA ALA B 246 28.21 4.87 14.61
C ALA B 246 27.36 4.17 15.66
N TYR B 247 26.53 4.95 16.35
CA TYR B 247 25.62 4.43 17.35
C TYR B 247 24.63 3.45 16.70
N ILE B 248 24.06 3.86 15.56
CA ILE B 248 23.15 2.99 14.84
C ILE B 248 23.87 1.70 14.39
N TRP B 249 25.09 1.85 13.91
CA TRP B 249 25.89 0.70 13.46
C TRP B 249 26.09 -0.29 14.61
N THR B 250 26.45 0.25 15.78
CA THR B 250 26.62 -0.60 16.96
C THR B 250 25.33 -1.37 17.25
N MET B 251 24.19 -0.69 17.10
CA MET B 251 22.91 -1.30 17.47
C MET B 251 22.46 -2.37 16.48
N LEU B 252 22.67 -2.11 15.18
CA LEU B 252 22.26 -3.07 14.16
C LEU B 252 23.20 -4.26 14.16
N ASP B 253 24.44 -4.02 14.55
CA ASP B 253 25.40 -5.11 14.72
C ASP B 253 24.94 -6.10 15.79
N GLU B 254 24.13 -5.61 16.73
CA GLU B 254 23.64 -6.43 17.83
C GLU B 254 22.17 -6.81 17.67
N GLY B 255 21.60 -6.58 16.49
CA GLY B 255 20.25 -7.01 16.21
C GLY B 255 19.12 -6.20 16.84
N MET B 256 19.40 -4.96 17.22
CA MET B 256 18.38 -4.12 17.84
C MET B 256 17.27 -3.81 16.85
N ASN B 257 16.06 -3.65 17.37
CA ASN B 257 14.92 -3.27 16.57
C ASN B 257 14.81 -1.76 16.54
N LEU B 258 14.49 -1.21 15.37
CA LEU B 258 14.61 0.22 15.19
C LEU B 258 13.61 0.75 14.17
N PHE B 259 12.85 1.77 14.54
CA PHE B 259 11.90 2.38 13.61
C PHE B 259 12.46 3.74 13.18
N VAL B 260 12.45 4.01 11.89
CA VAL B 260 12.85 5.31 11.36
C VAL B 260 11.56 6.07 11.13
N CYS B 261 11.35 7.13 11.92
CA CYS B 261 10.09 7.84 11.93
C CYS B 261 10.24 9.31 11.53
N GLY B 262 9.11 9.92 11.20
CA GLY B 262 9.07 11.32 10.79
C GLY B 262 7.83 11.50 9.94
N GLU B 263 7.44 12.75 9.73
CA GLU B 263 6.22 13.00 8.98
C GLU B 263 6.47 13.15 7.46
N THR B 264 5.74 14.02 6.78
CA THR B 264 5.71 14.02 5.32
C THR B 264 7.07 14.30 4.69
N ALA B 265 7.52 13.40 3.82
CA ALA B 265 8.78 13.62 3.06
C ALA B 265 9.97 13.88 3.96
N SER B 266 9.98 13.28 5.15
CA SER B 266 11.06 13.56 6.11
C SER B 266 12.35 12.79 5.79
N GLY B 267 12.27 11.83 4.87
CA GLY B 267 13.45 11.06 4.47
C GLY B 267 13.63 9.74 5.19
N LYS B 268 12.54 9.20 5.72
CA LYS B 268 12.61 7.96 6.51
C LYS B 268 13.14 6.79 5.71
N THR B 269 12.57 6.58 4.53
CA THR B 269 12.92 5.42 3.71
C THR B 269 14.40 5.52 3.26
N THR B 270 14.80 6.73 2.91
CA THR B 270 16.22 6.97 2.55
C THR B 270 17.16 6.61 3.71
N THR B 271 16.81 7.05 4.91
CA THR B 271 17.64 6.76 6.08
C THR B 271 17.64 5.26 6.34
N LEU B 272 16.45 4.65 6.30
CA LEU B 272 16.36 3.19 6.46
C LEU B 272 17.28 2.47 5.46
N ASN B 273 17.20 2.83 4.19
CA ASN B 273 18.02 2.13 3.20
C ASN B 273 19.52 2.37 3.46
N ALA B 274 19.87 3.53 4.00
CA ALA B 274 21.29 3.82 4.22
C ALA B 274 21.81 3.02 5.40
N ILE B 275 21.03 2.91 6.47
CA ILE B 275 21.56 2.24 7.67
C ILE B 275 21.52 0.71 7.53
N THR B 276 20.79 0.23 6.52
CA THR B 276 20.76 -1.21 6.25
C THR B 276 22.16 -1.77 5.99
N ALA B 277 23.06 -0.94 5.46
CA ALA B 277 24.44 -1.36 5.21
C ALA B 277 25.22 -1.76 6.48
N PHE B 278 24.70 -1.39 7.65
CA PHE B 278 25.35 -1.73 8.92
C PHE B 278 24.93 -3.12 9.45
N ILE B 279 23.87 -3.71 8.89
CA ILE B 279 23.51 -5.09 9.28
C ILE B 279 24.63 -6.03 8.82
N PRO B 280 25.11 -6.94 9.71
CA PRO B 280 26.19 -7.87 9.29
C PRO B 280 25.91 -8.58 7.96
N PRO B 281 26.93 -8.63 7.09
CA PRO B 281 26.76 -8.97 5.66
C PRO B 281 26.37 -10.42 5.36
N ASN B 282 26.59 -11.33 6.31
CA ASN B 282 26.31 -12.75 6.06
C ASN B 282 24.92 -13.17 6.55
N LEU B 283 24.07 -12.19 6.83
CA LEU B 283 22.75 -12.45 7.43
C LEU B 283 21.61 -12.37 6.41
N LYS B 284 20.48 -12.98 6.74
CA LYS B 284 19.34 -12.95 5.84
C LYS B 284 18.43 -11.76 6.11
N ILE B 285 18.11 -11.02 5.06
CA ILE B 285 17.22 -9.86 5.22
C ILE B 285 15.98 -10.10 4.37
N VAL B 286 14.80 -9.85 4.95
CA VAL B 286 13.57 -9.93 4.18
C VAL B 286 12.98 -8.53 4.15
N THR B 287 12.76 -7.99 2.96
CA THR B 287 12.06 -6.72 2.87
C THR B 287 10.64 -6.97 2.42
N ILE B 288 9.71 -6.25 3.00
CA ILE B 288 8.32 -6.39 2.61
C ILE B 288 7.77 -4.98 2.44
N GLU B 289 7.24 -4.66 1.26
CA GLU B 289 6.91 -3.28 0.95
C GLU B 289 5.64 -3.21 0.11
N ASP B 290 4.95 -2.08 0.15
CA ASP B 290 3.87 -1.82 -0.81
C ASP B 290 4.46 -1.32 -2.12
N THR B 291 5.66 -0.75 -2.02
CA THR B 291 6.35 -0.09 -3.13
C THR B 291 7.84 -0.49 -3.10
N PRO B 292 8.39 -0.95 -4.24
CA PRO B 292 9.75 -1.51 -4.22
C PRO B 292 10.84 -0.43 -4.18
N GLU B 293 10.93 0.30 -3.08
CA GLU B 293 11.90 1.40 -2.95
C GLU B 293 13.27 0.95 -2.47
N LEU B 294 13.32 -0.07 -1.62
CA LEU B 294 14.57 -0.45 -0.97
C LEU B 294 15.48 -1.31 -1.87
N THR B 295 16.78 -1.10 -1.74
CA THR B 295 17.74 -1.97 -2.39
C THR B 295 18.76 -2.39 -1.34
N VAL B 296 18.79 -3.69 -1.05
CA VAL B 296 19.60 -4.24 0.03
C VAL B 296 20.86 -4.79 -0.59
N PRO B 297 22.03 -4.48 0.00
CA PRO B 297 23.27 -4.96 -0.61
C PRO B 297 23.62 -6.41 -0.26
N HIS B 298 23.09 -6.92 0.86
CA HIS B 298 23.34 -8.30 1.27
C HIS B 298 22.95 -9.29 0.16
N SER B 299 23.71 -10.36 0.00
CA SER B 299 23.36 -11.40 -0.96
C SER B 299 22.09 -12.17 -0.56
N ASN B 300 21.93 -12.46 0.72
CA ASN B 300 20.79 -13.28 1.17
C ASN B 300 19.58 -12.37 1.45
N TRP B 301 19.02 -11.84 0.37
CA TRP B 301 18.01 -10.79 0.43
C TRP B 301 16.74 -11.27 -0.26
N VAL B 302 15.71 -11.52 0.53
CA VAL B 302 14.38 -11.79 0.02
C VAL B 302 13.66 -10.46 -0.13
N ALA B 303 13.14 -10.19 -1.31
CA ALA B 303 12.48 -8.90 -1.51
C ALA B 303 11.04 -9.18 -1.93
N GLU B 304 10.09 -8.78 -1.08
CA GLU B 304 8.68 -9.03 -1.39
C GLU B 304 7.81 -7.76 -1.44
N VAL B 305 6.81 -7.80 -2.31
CA VAL B 305 5.88 -6.70 -2.47
C VAL B 305 4.44 -7.21 -2.36
N THR B 306 3.53 -6.28 -2.05
CA THR B 306 2.10 -6.57 -1.91
C THR B 306 1.44 -6.59 -3.26
N ARG B 307 0.22 -7.15 -3.31
CA ARG B 307 -0.56 -7.19 -4.52
C ARG B 307 -2.03 -6.99 -4.17
N GLU B 308 -2.68 -5.99 -4.77
CA GLU B 308 -4.10 -5.77 -4.51
CA GLU B 308 -4.09 -5.78 -4.51
C GLU B 308 -4.94 -6.09 -5.73
N THR B 309 -5.82 -7.07 -5.59
CA THR B 309 -6.63 -7.57 -6.69
C THR B 309 -8.10 -7.19 -6.56
N GLY B 310 -8.47 -6.66 -5.40
CA GLY B 310 -9.85 -6.30 -5.14
C GLY B 310 -10.55 -7.31 -4.27
N GLY B 311 -9.97 -8.51 -4.17
CA GLY B 311 -10.51 -9.56 -3.35
C GLY B 311 -9.61 -10.80 -3.31
N GLU B 312 -9.94 -11.77 -4.14
CA GLU B 312 -9.17 -13.01 -4.18
C GLU B 312 -7.81 -12.77 -4.82
N GLY B 313 -6.76 -13.31 -4.23
CA GLY B 313 -5.41 -13.11 -4.72
C GLY B 313 -4.71 -11.89 -4.14
N THR B 314 -5.42 -11.12 -3.31
CA THR B 314 -4.79 -10.00 -2.62
C THR B 314 -3.76 -10.51 -1.62
N ILE B 315 -2.56 -9.92 -1.67
CA ILE B 315 -1.50 -10.22 -0.72
C ILE B 315 -1.14 -8.93 0.00
N LYS B 316 -1.32 -8.90 1.31
CA LYS B 316 -1.05 -7.68 2.07
C LYS B 316 0.25 -7.76 2.82
N LEU B 317 0.70 -6.63 3.39
CA LEU B 317 1.88 -6.63 4.25
C LEU B 317 1.71 -7.62 5.41
N PHE B 318 0.50 -7.66 5.96
CA PHE B 318 0.15 -8.64 7.00
C PHE B 318 0.53 -10.06 6.58
N ASP B 319 0.09 -10.44 5.39
CA ASP B 319 0.37 -11.78 4.85
C ASP B 319 1.87 -12.04 4.74
N LEU B 320 2.61 -11.07 4.21
CA LEU B 320 4.05 -11.25 4.04
C LEU B 320 4.82 -11.30 5.35
N LEU B 321 4.42 -10.49 6.33
CA LEU B 321 5.10 -10.53 7.63
C LEU B 321 4.83 -11.89 8.32
N LYS B 322 3.61 -12.41 8.19
CA LYS B 322 3.31 -13.77 8.68
C LYS B 322 4.21 -14.80 8.02
N ALA B 323 4.35 -14.71 6.69
CA ALA B 323 5.24 -15.63 5.97
C ALA B 323 6.70 -15.45 6.40
N ALA B 324 7.07 -14.22 6.79
CA ALA B 324 8.46 -13.99 7.21
C ALA B 324 8.82 -14.77 8.45
N LEU B 325 7.84 -15.10 9.29
CA LEU B 325 8.12 -15.94 10.45
C LEU B 325 8.52 -17.36 10.07
N ARG B 326 8.32 -17.74 8.81
CA ARG B 326 8.70 -19.08 8.36
C ARG B 326 9.95 -19.04 7.48
N GLN B 327 10.59 -17.87 7.41
CA GLN B 327 11.68 -17.70 6.43
C GLN B 327 13.09 -17.55 7.02
N ARG B 328 13.21 -17.83 8.33
CA ARG B 328 14.48 -17.66 9.04
C ARG B 328 15.22 -16.34 8.76
N PRO B 329 14.50 -15.20 8.77
CA PRO B 329 15.21 -13.93 8.58
C PRO B 329 16.01 -13.54 9.83
N ASN B 330 17.10 -12.79 9.66
CA ASN B 330 17.76 -12.13 10.79
C ASN B 330 17.16 -10.75 11.01
N TYR B 331 16.84 -10.06 9.91
CA TYR B 331 16.15 -8.77 9.97
C TYR B 331 14.98 -8.82 9.02
N ILE B 332 13.83 -8.32 9.49
CA ILE B 332 12.70 -8.08 8.61
C ILE B 332 12.58 -6.58 8.47
N LEU B 333 12.58 -6.07 7.23
CA LEU B 333 12.44 -4.64 7.00
C LEU B 333 11.06 -4.40 6.43
N VAL B 334 10.25 -3.61 7.11
CA VAL B 334 8.90 -3.32 6.62
C VAL B 334 8.89 -1.90 6.10
N GLY B 335 8.56 -1.73 4.82
CA GLY B 335 8.64 -0.44 4.15
C GLY B 335 8.07 0.70 4.96
N ALA B 336 6.84 0.48 5.42
CA ALA B 336 6.13 1.41 6.31
C ALA B 336 5.07 0.59 7.06
N ILE B 337 4.90 0.86 8.35
CA ILE B 337 3.86 0.21 9.13
C ILE B 337 2.71 1.18 9.35
N ARG B 338 1.47 0.74 9.09
CA ARG B 338 0.34 1.54 9.53
C ARG B 338 -0.91 0.71 9.82
N ASP B 339 -0.84 -0.60 9.59
CA ASP B 339 -1.99 -1.46 9.88
C ASP B 339 -1.58 -2.73 10.66
N LYS B 340 -2.40 -3.77 10.58
CA LYS B 340 -2.22 -4.98 11.39
CA LYS B 340 -2.22 -4.98 11.40
C LYS B 340 -0.87 -5.67 11.23
N GLU B 341 -0.18 -5.41 10.12
CA GLU B 341 1.16 -5.97 9.97
C GLU B 341 2.08 -5.47 11.11
N GLY B 342 1.78 -4.30 11.67
CA GLY B 342 2.54 -3.82 12.81
C GLY B 342 2.44 -4.76 14.01
N ASN B 343 1.27 -5.36 14.21
CA ASN B 343 1.10 -6.31 15.30
C ASN B 343 1.99 -7.53 15.06
N VAL B 344 2.02 -8.03 13.82
CA VAL B 344 2.83 -9.19 13.51
C VAL B 344 4.31 -8.85 13.66
N ALA B 345 4.69 -7.61 13.32
CA ALA B 345 6.09 -7.21 13.44
C ALA B 345 6.57 -7.34 14.88
N PHE B 346 5.76 -6.90 15.83
CA PHE B 346 6.13 -7.03 17.25
C PHE B 346 6.15 -8.49 17.70
N GLN B 347 5.29 -9.31 17.12
CA GLN B 347 5.36 -10.73 17.44
CA GLN B 347 5.32 -10.75 17.38
C GLN B 347 6.65 -11.32 16.86
N ALA B 348 7.08 -10.83 15.70
CA ALA B 348 8.36 -11.25 15.13
C ALA B 348 9.51 -10.85 16.06
N MET B 349 9.48 -9.62 16.56
CA MET B 349 10.49 -9.18 17.52
C MET B 349 10.48 -10.02 18.79
N GLN B 350 9.29 -10.38 19.23
CA GLN B 350 9.15 -11.13 20.48
C GLN B 350 9.69 -12.55 20.36
N THR B 351 9.79 -13.06 19.13
CA THR B 351 10.22 -14.44 18.94
C THR B 351 11.61 -14.56 18.32
N GLY B 352 12.44 -13.55 18.53
CA GLY B 352 13.84 -13.64 18.15
C GLY B 352 14.23 -13.06 16.80
N HIS B 353 13.31 -12.36 16.12
CA HIS B 353 13.66 -11.78 14.83
C HIS B 353 13.88 -10.28 14.99
N SER B 354 14.87 -9.73 14.30
CA SER B 354 15.10 -8.29 14.37
C SER B 354 14.22 -7.61 13.32
N VAL B 355 13.77 -6.40 13.62
CA VAL B 355 12.89 -5.68 12.70
C VAL B 355 13.32 -4.23 12.57
N MET B 356 13.26 -3.70 11.34
CA MET B 356 13.25 -2.27 11.15
C MET B 356 12.07 -1.90 10.25
N ALA B 357 11.61 -0.65 10.40
CA ALA B 357 10.50 -0.18 9.60
C ALA B 357 10.50 1.33 9.58
N THR B 358 9.75 1.92 8.66
CA THR B 358 9.44 3.33 8.81
C THR B 358 8.04 3.52 9.32
N PHE B 359 7.83 4.63 10.02
CA PHE B 359 6.51 4.96 10.57
C PHE B 359 6.28 6.47 10.55
N HIS B 360 5.08 6.89 10.18
CA HIS B 360 4.79 8.32 10.04
C HIS B 360 4.27 8.87 11.37
N ALA B 361 5.13 9.58 12.09
CA ALA B 361 4.85 10.15 13.41
C ALA B 361 6.01 11.08 13.75
N ALA B 362 5.74 12.16 14.49
CA ALA B 362 6.75 13.19 14.76
C ALA B 362 7.57 12.93 16.04
N ASN B 363 7.02 12.13 16.94
CA ASN B 363 7.64 11.95 18.25
C ASN B 363 7.24 10.64 18.90
N ILE B 364 7.92 10.27 19.98
CA ILE B 364 7.72 8.96 20.57
C ILE B 364 6.33 8.77 21.16
N THR B 365 5.76 9.83 21.75
CA THR B 365 4.43 9.74 22.32
C THR B 365 3.42 9.37 21.23
N THR B 366 3.47 10.09 20.12
CA THR B 366 2.57 9.84 19.00
C THR B 366 2.80 8.44 18.45
N LEU B 367 4.07 8.08 18.28
CA LEU B 367 4.39 6.74 17.78
C LEU B 367 3.76 5.65 18.65
N ILE B 368 3.93 5.73 19.97
CA ILE B 368 3.40 4.67 20.84
C ILE B 368 1.86 4.63 20.86
N GLN B 369 1.24 5.81 20.88
CA GLN B 369 -0.23 5.90 20.84
C GLN B 369 -0.79 5.25 19.58
N ARG B 370 -0.15 5.47 18.47
CA ARG B 370 -0.63 4.95 17.19
C ARG B 370 -0.33 3.46 17.00
N LEU B 371 0.72 2.96 17.67
CA LEU B 371 1.06 1.53 17.57
C LEU B 371 0.16 0.72 18.48
N THR B 372 -0.22 1.30 19.61
CA THR B 372 -1.05 0.59 20.57
C THR B 372 -2.53 0.78 20.27
N GLY B 373 -2.85 1.74 19.42
CA GLY B 373 -4.25 1.96 19.11
C GLY B 373 -4.74 1.00 18.05
N TYR B 374 -6.05 0.98 17.81
CA TYR B 374 -6.56 0.41 16.57
C TYR B 374 -5.91 1.24 15.44
N PRO B 375 -5.57 0.62 14.31
CA PRO B 375 -5.83 -0.77 13.92
C PRO B 375 -4.63 -1.67 14.19
N ILE B 376 -3.51 -1.09 14.60
CA ILE B 376 -2.28 -1.86 14.70
C ILE B 376 -2.33 -2.81 15.89
N GLU B 377 -2.84 -2.33 17.02
CA GLU B 377 -3.06 -3.14 18.22
C GLU B 377 -1.84 -3.91 18.73
N VAL B 378 -0.68 -3.24 18.79
CA VAL B 378 0.42 -3.78 19.57
C VAL B 378 0.05 -3.61 21.02
N PRO B 379 0.12 -4.70 21.81
CA PRO B 379 -0.15 -4.58 23.25
C PRO B 379 0.96 -3.80 23.95
N LYS B 380 0.62 -3.11 25.03
CA LYS B 380 1.61 -2.31 25.75
C LYS B 380 2.78 -3.15 26.26
N SER B 381 2.46 -4.40 26.62
CA SER B 381 3.46 -5.31 27.15
C SER B 381 4.47 -5.68 26.08
N TYR B 382 4.16 -5.37 24.82
CA TYR B 382 5.06 -5.69 23.72
C TYR B 382 5.90 -4.48 23.27
N ILE B 383 5.56 -3.27 23.70
CA ILE B 383 6.22 -2.06 23.15
C ILE B 383 7.73 -2.08 23.40
N ASN B 384 8.11 -2.64 24.54
CA ASN B 384 9.51 -2.77 24.96
C ASN B 384 10.40 -3.50 23.95
N ASN B 385 9.81 -4.34 23.07
CA ASN B 385 10.58 -4.98 22.00
C ASN B 385 11.22 -4.03 21.04
N LEU B 386 10.56 -2.89 20.82
CA LEU B 386 11.13 -1.88 19.94
C LEU B 386 12.23 -1.21 20.74
N ASN B 387 13.46 -1.27 20.27
CA ASN B 387 14.56 -0.68 21.07
C ASN B 387 14.84 0.78 20.79
N ILE B 388 14.78 1.17 19.52
CA ILE B 388 15.18 2.53 19.12
C ILE B 388 14.12 3.13 18.22
N ALA B 389 13.70 4.36 18.51
CA ALA B 389 12.86 5.09 17.58
C ALA B 389 13.60 6.36 17.23
N LEU B 390 13.87 6.58 15.95
CA LEU B 390 14.51 7.83 15.58
C LEU B 390 13.51 8.66 14.79
N PHE B 391 13.58 9.97 14.98
CA PHE B 391 12.64 10.88 14.37
C PHE B 391 13.42 11.87 13.54
N GLN B 392 13.04 11.99 12.28
CA GLN B 392 13.62 13.04 11.47
C GLN B 392 12.56 13.90 10.81
N THR B 393 12.99 15.05 10.33
CA THR B 393 12.04 15.99 9.75
C THR B 393 12.69 16.82 8.65
N ALA B 394 11.87 17.35 7.75
CA ALA B 394 12.32 18.32 6.77
C ALA B 394 12.20 19.71 7.40
N LEU B 395 13.28 20.48 7.33
CA LEU B 395 13.33 21.80 7.92
C LEU B 395 13.90 22.74 6.88
N TYR B 396 13.75 24.04 7.09
CA TYR B 396 14.41 25.02 6.23
C TYR B 396 15.72 25.42 6.89
N ASP B 397 16.78 25.60 6.10
CA ASP B 397 18.00 26.18 6.67
C ASP B 397 17.89 27.68 6.63
N LYS B 398 18.92 28.40 7.07
CA LYS B 398 18.87 29.86 7.12
C LYS B 398 18.73 30.51 5.74
N LYS B 399 19.03 29.76 4.69
CA LYS B 399 18.95 30.27 3.32
C LYS B 399 17.61 29.93 2.67
N GLY B 400 16.74 29.25 3.41
CA GLY B 400 15.42 28.91 2.90
C GLY B 400 15.39 27.60 2.14
N ASN B 401 16.51 26.90 2.11
CA ASN B 401 16.57 25.57 1.47
C ASN B 401 16.05 24.49 2.39
N LEU B 402 15.39 23.49 1.81
CA LEU B 402 14.84 22.40 2.57
C LEU B 402 15.97 21.42 2.89
N ILE B 403 16.13 21.07 4.17
CA ILE B 403 17.12 20.08 4.56
C ILE B 403 16.40 19.05 5.41
N ARG B 404 17.04 17.91 5.62
CA ARG B 404 16.47 16.89 6.49
C ARG B 404 17.40 16.62 7.66
N ARG B 405 16.83 16.46 8.84
CA ARG B 405 17.59 16.34 10.10
C ARG B 405 16.97 15.29 11.00
N VAL B 406 17.79 14.40 11.57
CA VAL B 406 17.34 13.58 12.70
C VAL B 406 17.22 14.51 13.89
N VAL B 407 16.02 14.64 14.42
CA VAL B 407 15.85 15.59 15.52
C VAL B 407 15.88 14.92 16.88
N GLU B 408 15.69 13.60 16.91
CA GLU B 408 15.74 12.86 18.16
C GLU B 408 15.93 11.37 17.93
N VAL B 409 16.72 10.74 18.81
CA VAL B 409 16.86 9.29 18.83
C VAL B 409 16.55 8.83 20.24
N ASP B 410 15.55 7.97 20.37
CA ASP B 410 15.06 7.57 21.68
C ASP B 410 15.30 6.08 21.90
N GLU B 411 15.80 5.72 23.07
CA GLU B 411 15.87 4.32 23.47
C GLU B 411 14.64 4.02 24.29
N ILE B 412 13.88 3.01 23.86
CA ILE B 412 12.68 2.63 24.58
C ILE B 412 13.02 1.63 25.65
N ILE B 413 12.59 1.92 26.86
CA ILE B 413 12.87 1.04 27.98
C ILE B 413 11.62 0.18 28.27
N ASP B 414 10.49 0.83 28.53
CA ASP B 414 9.24 0.13 28.84
C ASP B 414 8.07 1.11 28.84
N ILE B 415 6.84 0.59 28.99
CA ILE B 415 5.69 1.43 29.33
C ILE B 415 5.56 1.38 30.84
N ASP B 416 5.34 2.54 31.47
CA ASP B 416 5.17 2.57 32.93
C ASP B 416 3.78 2.07 33.34
N PRO B 417 3.72 1.03 34.18
CA PRO B 417 2.42 0.42 34.53
C PRO B 417 1.53 1.37 35.33
N VAL B 418 2.16 2.19 36.18
CA VAL B 418 1.45 3.20 36.94
C VAL B 418 0.79 4.22 36.01
N THR B 419 1.60 4.83 35.14
CA THR B 419 1.13 5.95 34.33
C THR B 419 0.71 5.58 32.89
N ASN B 420 1.02 4.37 32.46
CA ASN B 420 0.80 3.95 31.07
C ASN B 420 1.47 4.89 30.06
N ASP B 421 2.54 5.53 30.50
CA ASP B 421 3.36 6.34 29.63
C ASP B 421 4.62 5.57 29.27
N VAL B 422 5.17 5.84 28.09
CA VAL B 422 6.41 5.21 27.68
C VAL B 422 7.58 5.75 28.51
N VAL B 423 8.40 4.84 29.02
CA VAL B 423 9.66 5.18 29.66
C VAL B 423 10.75 5.05 28.60
N TYR B 424 11.46 6.14 28.33
CA TYR B 424 12.48 6.15 27.27
C TYR B 424 13.62 7.10 27.62
N ILE B 425 14.70 7.02 26.84
CA ILE B 425 15.85 7.91 27.03
C ILE B 425 16.20 8.53 25.69
N PRO B 426 16.30 9.87 25.62
CA PRO B 426 16.76 10.44 24.35
C PRO B 426 18.28 10.29 24.21
N ALA B 427 18.72 9.38 23.33
CA ALA B 427 20.15 9.17 23.09
C ALA B 427 20.76 10.34 22.34
N PHE B 428 20.03 10.86 21.36
CA PHE B 428 20.49 12.03 20.62
C PHE B 428 19.35 13.05 20.55
N THR B 429 19.71 14.32 20.54
CA THR B 429 18.79 15.40 20.25
C THR B 429 19.46 16.34 19.26
N TYR B 430 18.74 17.36 18.81
CA TYR B 430 19.24 18.25 17.77
C TYR B 430 19.20 19.70 18.22
N ASP B 431 20.32 20.39 18.04
CA ASP B 431 20.43 21.82 18.30
C ASP B 431 20.36 22.56 16.97
N SER B 432 19.26 23.25 16.72
CA SER B 432 19.03 23.86 15.42
C SER B 432 19.88 25.12 15.21
N VAL B 433 20.28 25.75 16.30
CA VAL B 433 21.07 26.97 16.23
C VAL B 433 22.45 26.69 15.64
N GLN B 434 23.13 25.68 16.20
CA GLN B 434 24.47 25.31 15.75
C GLN B 434 24.42 24.24 14.66
N ASP B 435 23.22 23.72 14.42
CA ASP B 435 23.04 22.63 13.47
C ASP B 435 23.89 21.41 13.79
N LYS B 436 23.79 20.95 15.03
CA LYS B 436 24.60 19.83 15.51
C LYS B 436 23.73 18.82 16.24
N MET B 437 24.07 17.54 16.08
CA MET B 437 23.45 16.47 16.81
C MET B 437 24.13 16.32 18.16
N LEU B 438 23.34 16.36 19.22
CA LEU B 438 23.89 16.28 20.58
C LEU B 438 23.76 14.83 21.05
N PHE B 439 24.89 14.24 21.45
CA PHE B 439 24.90 12.86 21.96
C PHE B 439 24.82 12.92 23.46
N ALA B 440 23.89 12.16 24.02
CA ALA B 440 23.69 12.14 25.47
C ALA B 440 24.95 11.73 26.24
N GLY B 441 25.82 10.94 25.61
CA GLY B 441 27.12 10.64 26.18
C GLY B 441 27.39 9.19 26.58
N LYS B 442 28.49 9.00 27.29
CA LYS B 442 29.02 7.68 27.65
C LYS B 442 28.28 6.96 28.79
N GLY B 443 27.65 7.72 29.68
CA GLY B 443 26.87 7.09 30.73
C GLY B 443 25.39 6.98 30.37
N SER B 444 25.09 7.25 29.10
CA SER B 444 23.72 7.52 28.70
C SER B 444 22.92 6.32 28.19
N SER B 445 23.59 5.30 27.67
CA SER B 445 22.84 4.28 26.92
C SER B 445 22.36 3.08 27.72
N TYR B 446 21.05 3.04 27.95
CA TYR B 446 20.41 1.87 28.53
C TYR B 446 20.66 0.65 27.63
N LEU B 447 20.60 0.84 26.32
CA LEU B 447 20.77 -0.26 25.38
C LEU B 447 22.18 -0.87 25.41
N ILE B 448 23.19 -0.01 25.42
CA ILE B 448 24.57 -0.48 25.54
C ILE B 448 24.81 -1.19 26.88
N GLU B 449 24.42 -0.53 27.97
CA GLU B 449 24.71 -1.05 29.30
C GLU B 449 23.81 -2.19 29.79
N ASN B 450 22.50 -2.07 29.56
CA ASN B 450 21.55 -3.03 30.11
C ASN B 450 21.17 -4.17 29.17
N LYS B 451 21.47 -3.99 27.88
CA LYS B 451 21.02 -4.93 26.85
C LYS B 451 22.22 -5.62 26.20
N ILE B 452 23.03 -4.82 25.50
CA ILE B 452 24.21 -5.32 24.81
C ILE B 452 25.29 -5.90 25.72
N ALA B 453 25.64 -5.21 26.80
CA ALA B 453 26.59 -5.72 27.78
C ALA B 453 26.22 -7.12 28.29
N VAL B 454 24.94 -7.31 28.58
CA VAL B 454 24.45 -8.62 29.01
C VAL B 454 24.46 -9.60 27.82
N LYS B 455 24.28 -9.09 26.62
CA LYS B 455 24.34 -9.92 25.43
C LYS B 455 25.77 -10.35 25.09
N ARG B 456 26.67 -9.38 24.93
CA ARG B 456 28.06 -9.66 24.57
C ARG B 456 28.91 -10.22 25.71
N GLY B 457 28.28 -10.50 26.85
CA GLY B 457 28.99 -11.01 28.02
C GLY B 457 30.06 -10.04 28.50
N ILE B 458 29.63 -8.84 28.88
CA ILE B 458 30.56 -7.82 29.37
C ILE B 458 30.23 -7.46 30.81
N ASP B 459 31.26 -7.22 31.61
CA ASP B 459 31.09 -6.75 32.98
C ASP B 459 31.07 -5.23 32.97
N ARG B 460 30.50 -4.62 34.01
CA ARG B 460 30.37 -3.17 34.10
C ARG B 460 31.70 -2.44 34.00
N ARG B 461 32.75 -3.05 34.55
CA ARG B 461 34.08 -2.47 34.53
C ARG B 461 34.58 -2.34 33.10
N ASN B 462 34.12 -3.24 32.25
CA ASN B 462 34.56 -3.29 30.86
C ASN B 462 33.57 -2.64 29.89
N ILE B 463 32.66 -1.82 30.41
CA ILE B 463 31.62 -1.20 29.59
C ILE B 463 32.20 -0.13 28.67
N GLY B 464 33.30 0.48 29.09
CA GLY B 464 33.94 1.52 28.31
C GLY B 464 34.47 1.01 26.98
N LEU B 465 34.78 -0.29 26.93
CA LEU B 465 35.30 -0.89 25.71
C LEU B 465 34.26 -0.83 24.59
N LEU B 466 32.98 -0.91 24.97
CA LEU B 466 31.89 -0.74 24.02
C LEU B 466 31.78 0.70 23.53
N TYR B 467 31.94 1.66 24.44
CA TYR B 467 31.89 3.07 24.06
C TYR B 467 33.10 3.45 23.22
N ASP B 468 34.22 2.79 23.49
CA ASP B 468 35.44 2.94 22.70
C ASP B 468 35.26 2.48 21.25
N GLU B 469 34.63 1.33 21.05
CA GLU B 469 34.40 0.81 19.72
C GLU B 469 33.41 1.71 18.98
N LEU B 470 32.47 2.26 19.74
CA LEU B 470 31.54 3.24 19.21
C LEU B 470 32.30 4.45 18.70
N GLN B 471 33.28 4.92 19.47
CA GLN B 471 34.07 6.06 19.06
C GLN B 471 34.88 5.74 17.82
N MET B 472 35.42 4.53 17.75
CA MET B 472 36.22 4.14 16.59
C MET B 472 35.38 4.05 15.33
N ARG B 473 34.13 3.61 15.46
CA ARG B 473 33.23 3.55 14.33
C ARG B 473 32.94 4.93 13.80
N SER B 474 32.80 5.89 14.71
CA SER B 474 32.55 7.26 14.31
C SER B 474 33.77 7.82 13.55
N ARG B 475 34.94 7.46 14.04
CA ARG B 475 36.18 7.89 13.37
CA ARG B 475 36.17 7.89 13.37
C ARG B 475 36.25 7.34 11.95
N PHE B 476 35.88 6.07 11.79
CA PHE B 476 35.94 5.40 10.50
C PHE B 476 34.98 6.06 9.51
N LEU B 477 33.76 6.30 9.97
CA LEU B 477 32.74 6.95 9.15
C LEU B 477 33.19 8.36 8.72
N ASN B 478 33.80 9.11 9.64
CA ASN B 478 34.35 10.42 9.31
CA ASN B 478 34.35 10.42 9.31
C ASN B 478 35.43 10.35 8.24
N LEU B 479 36.29 9.35 8.35
CA LEU B 479 37.38 9.20 7.38
C LEU B 479 36.79 8.86 6.01
N LEU B 480 35.74 8.05 6.00
CA LEU B 480 35.04 7.74 4.76
C LEU B 480 34.52 9.01 4.11
N VAL B 481 33.89 9.87 4.91
CA VAL B 481 33.34 11.12 4.42
C VAL B 481 34.48 12.01 3.93
N GLU B 482 35.56 12.09 4.71
CA GLU B 482 36.69 12.94 4.34
C GLU B 482 37.39 12.47 3.07
N LYS B 483 37.47 11.16 2.89
CA LYS B 483 38.03 10.61 1.67
C LYS B 483 37.01 10.58 0.52
N LYS B 484 35.81 11.10 0.77
CA LYS B 484 34.75 11.19 -0.25
C LYS B 484 34.28 9.82 -0.75
N ILE B 485 34.27 8.86 0.16
CA ILE B 485 33.73 7.55 -0.16
C ILE B 485 32.22 7.62 0.07
N PHE B 486 31.48 7.90 -1.00
CA PHE B 486 30.05 8.21 -0.92
C PHE B 486 29.13 7.22 -1.59
N ASN B 487 29.59 6.60 -2.67
CA ASN B 487 28.76 5.66 -3.41
C ASN B 487 28.32 4.48 -2.54
N TYR B 488 27.03 4.14 -2.58
CA TYR B 488 26.46 3.13 -1.69
C TYR B 488 27.30 1.86 -1.62
N TYR B 489 27.72 1.36 -2.77
CA TYR B 489 28.43 0.09 -2.80
C TYR B 489 29.88 0.19 -2.38
N ASP B 490 30.50 1.34 -2.67
CA ASP B 490 31.84 1.60 -2.17
C ASP B 490 31.78 1.60 -0.64
N VAL B 491 30.79 2.29 -0.08
CA VAL B 491 30.66 2.40 1.37
C VAL B 491 30.42 1.02 1.99
N TRP B 492 29.57 0.24 1.34
CA TRP B 492 29.33 -1.15 1.74
C TRP B 492 30.64 -1.91 1.76
N ASP B 493 31.42 -1.79 0.67
CA ASP B 493 32.74 -2.45 0.60
C ASP B 493 33.65 -2.10 1.77
N TYR B 494 33.66 -0.83 2.16
CA TYR B 494 34.54 -0.40 3.25
C TYR B 494 34.02 -0.83 4.63
N ILE B 495 32.71 -0.84 4.80
CA ILE B 495 32.12 -1.43 6.01
C ILE B 495 32.54 -2.89 6.12
N LEU B 496 32.42 -3.62 5.01
CA LEU B 496 32.84 -5.03 4.97
C LEU B 496 34.32 -5.18 5.26
N ARG B 497 35.12 -4.26 4.72
CA ARG B 497 36.55 -4.29 4.99
C ARG B 497 36.78 -4.10 6.48
N ALA B 498 36.07 -3.16 7.08
CA ALA B 498 36.21 -2.90 8.52
C ALA B 498 35.91 -4.16 9.34
N ARG B 499 34.89 -4.90 8.93
CA ARG B 499 34.51 -6.11 9.64
C ARG B 499 35.60 -7.17 9.46
N GLN B 500 36.16 -7.25 8.26
CA GLN B 500 37.14 -8.28 7.93
CA GLN B 500 37.16 -8.27 7.92
C GLN B 500 38.52 -8.04 8.56
N MET B 501 39.03 -6.81 8.50
CA MET B 501 40.37 -6.55 9.03
C MET B 501 40.32 -5.98 10.46
N GLY B 502 39.13 -5.54 10.88
CA GLY B 502 38.99 -4.92 12.18
C GLY B 502 39.08 -3.41 12.10
N LEU B 503 38.36 -2.74 13.00
CA LEU B 503 38.23 -1.29 13.01
C LEU B 503 39.56 -0.54 13.07
N GLU B 504 40.43 -0.94 13.99
CA GLU B 504 41.72 -0.27 14.16
C GLU B 504 42.53 -0.29 12.87
N GLU B 505 42.60 -1.45 12.23
CA GLU B 505 43.35 -1.59 10.99
C GLU B 505 42.64 -0.97 9.79
N ALA B 506 41.31 -1.03 9.78
CA ALA B 506 40.56 -0.42 8.69
C ALA B 506 40.75 1.10 8.67
N ILE B 507 40.79 1.70 9.87
CA ILE B 507 41.01 3.14 10.01
C ILE B 507 42.37 3.57 9.45
N LYS B 508 43.40 2.78 9.71
CA LYS B 508 44.74 3.07 9.18
C LYS B 508 44.76 2.98 7.66
N TYR B 509 44.12 1.94 7.12
CA TYR B 509 44.01 1.74 5.68
C TYR B 509 43.36 2.97 5.03
N VAL B 510 42.17 3.32 5.51
CA VAL B 510 41.45 4.46 4.96
C VAL B 510 42.24 5.78 5.10
N SER B 511 42.98 5.94 6.20
CA SER B 511 43.72 7.17 6.45
C SER B 511 44.76 7.43 5.36
N ASN B 512 45.23 6.37 4.73
CA ASN B 512 46.31 6.47 3.75
C ASN B 512 45.89 6.37 2.28
N ILE B 513 44.60 6.47 2.01
CA ILE B 513 44.16 6.54 0.63
C ILE B 513 44.58 7.89 0.02
N SER C 2 -32.91 42.55 -34.57
CA SER C 2 -33.54 43.30 -33.49
C SER C 2 -34.75 42.55 -32.95
N PHE C 3 -34.71 41.22 -33.01
CA PHE C 3 -35.77 40.41 -32.46
C PHE C 3 -36.05 40.75 -31.00
N VAL C 4 -35.04 41.29 -30.33
CA VAL C 4 -35.19 41.79 -28.97
C VAL C 4 -36.16 42.98 -28.95
N GLU C 5 -35.90 43.97 -29.81
CA GLU C 5 -36.80 45.13 -29.90
C GLU C 5 -38.23 44.69 -30.22
N ASP C 6 -38.38 43.72 -31.11
CA ASP C 6 -39.67 43.12 -31.40
C ASP C 6 -40.35 42.71 -30.08
N TYR C 7 -39.72 41.79 -29.33
CA TYR C 7 -40.19 41.39 -28.01
C TYR C 7 -40.49 42.56 -27.05
N LEU C 8 -39.57 43.52 -26.97
CA LEU C 8 -39.73 44.70 -26.11
C LEU C 8 -41.02 45.48 -26.32
N THR C 9 -41.43 45.63 -27.58
CA THR C 9 -42.52 46.54 -27.92
C THR C 9 -43.91 46.06 -27.51
N LYS C 10 -44.08 44.74 -27.35
CA LYS C 10 -45.32 44.18 -26.84
C LYS C 10 -45.40 44.50 -25.36
N LEU C 11 -44.29 44.98 -24.80
CA LEU C 11 -44.23 45.19 -23.37
C LEU C 11 -44.74 46.57 -22.99
N GLN C 12 -45.75 46.54 -22.14
CA GLN C 12 -46.38 47.70 -21.54
C GLN C 12 -45.34 48.50 -20.77
N GLU C 13 -44.74 47.85 -19.78
CA GLU C 13 -43.62 48.43 -19.04
C GLU C 13 -42.35 48.33 -19.88
N ARG C 14 -41.31 49.03 -19.46
CA ARG C 14 -40.06 49.05 -20.21
C ARG C 14 -38.93 48.45 -19.38
N PRO C 15 -38.55 47.21 -19.72
CA PRO C 15 -37.41 46.60 -19.03
C PRO C 15 -36.16 47.43 -19.28
N THR C 16 -35.45 47.77 -18.21
CA THR C 16 -34.17 48.43 -18.32
C THR C 16 -33.17 47.44 -18.89
N ILE C 17 -32.32 47.89 -19.83
CA ILE C 17 -31.23 47.05 -20.30
C ILE C 17 -30.10 47.19 -19.29
N ILE C 18 -29.52 46.07 -18.86
CA ILE C 18 -28.49 46.13 -17.83
C ILE C 18 -27.22 45.31 -18.07
N GLU C 19 -27.29 44.33 -18.99
CA GLU C 19 -26.08 43.61 -19.42
C GLU C 19 -25.46 42.74 -18.31
N ASN C 20 -25.93 42.90 -17.07
CA ASN C 20 -25.46 42.09 -15.94
C ASN C 20 -26.42 42.16 -14.74
N PRO C 21 -27.05 41.02 -14.38
CA PRO C 21 -28.07 41.03 -13.32
C PRO C 21 -27.51 41.14 -11.90
N ASN C 22 -26.19 41.06 -11.72
CA ASN C 22 -25.56 41.19 -10.38
C ASN C 22 -25.96 42.46 -9.64
N ILE C 23 -26.11 43.53 -10.41
CA ILE C 23 -26.45 44.85 -9.86
C ILE C 23 -27.87 44.92 -9.32
N LEU C 24 -28.54 43.77 -9.25
CA LEU C 24 -29.90 43.70 -8.76
C LEU C 24 -30.02 42.87 -7.49
N LYS C 25 -28.89 42.35 -7.00
CA LYS C 25 -28.89 41.57 -5.76
C LYS C 25 -28.69 42.48 -4.55
N GLY C 26 -29.70 42.55 -3.68
CA GLY C 26 -30.94 41.82 -3.88
C GLY C 26 -32.15 42.74 -3.83
N SER C 27 -32.62 43.17 -5.00
CA SER C 27 -33.77 44.05 -5.11
C SER C 27 -35.08 43.26 -5.27
N LYS C 28 -36.10 43.63 -4.50
CA LYS C 28 -37.37 42.92 -4.52
C LYS C 28 -38.28 43.43 -5.63
N ILE C 29 -37.94 44.61 -6.16
CA ILE C 29 -38.58 45.13 -7.36
C ILE C 29 -37.52 45.33 -8.44
N PHE C 30 -37.84 44.87 -9.65
CA PHE C 30 -36.93 44.94 -10.78
C PHE C 30 -37.65 44.56 -12.06
N ASN C 31 -37.23 45.15 -13.16
CA ASN C 31 -37.71 44.76 -14.49
C ASN C 31 -36.61 45.09 -15.48
N ALA C 32 -35.74 44.12 -15.75
CA ALA C 32 -34.55 44.38 -16.55
C ALA C 32 -34.23 43.28 -17.57
N ILE C 33 -33.31 43.59 -18.48
CA ILE C 33 -32.86 42.65 -19.49
C ILE C 33 -31.34 42.59 -19.57
N TYR C 34 -30.78 41.38 -19.58
CA TYR C 34 -29.38 41.20 -19.91
C TYR C 34 -29.19 40.25 -21.09
N ARG C 35 -28.07 40.41 -21.79
CA ARG C 35 -27.69 39.53 -22.89
C ARG C 35 -26.98 38.28 -22.38
N VAL C 36 -27.25 37.13 -23.01
CA VAL C 36 -26.49 35.91 -22.74
C VAL C 36 -25.54 35.67 -23.91
N ASP C 37 -26.09 35.66 -25.12
CA ASP C 37 -25.30 35.73 -26.35
C ASP C 37 -26.10 36.44 -27.44
N ASP C 38 -25.57 36.39 -28.66
CA ASP C 38 -26.19 37.10 -29.79
C ASP C 38 -27.64 36.68 -30.08
N PHE C 39 -28.00 35.46 -29.68
CA PHE C 39 -29.33 34.93 -29.99
C PHE C 39 -30.20 34.77 -28.75
N VAL C 40 -29.66 35.12 -27.59
CA VAL C 40 -30.38 34.93 -26.33
C VAL C 40 -30.26 36.14 -25.39
N TYR C 41 -31.39 36.78 -25.13
CA TYR C 41 -31.46 37.82 -24.11
C TYR C 41 -32.48 37.33 -23.08
N ILE C 42 -32.28 37.74 -21.83
CA ILE C 42 -33.16 37.29 -20.77
C ILE C 42 -33.90 38.47 -20.17
N HIS C 43 -35.22 38.37 -20.13
CA HIS C 43 -36.04 39.37 -19.48
C HIS C 43 -36.45 38.85 -18.11
N ILE C 44 -35.93 39.49 -17.06
CA ILE C 44 -36.31 39.11 -15.69
C ILE C 44 -37.20 40.18 -15.07
N GLN C 45 -38.20 39.76 -14.31
CA GLN C 45 -39.17 40.68 -13.77
C GLN C 45 -39.82 40.18 -12.48
N SER C 46 -39.90 41.05 -11.48
CA SER C 46 -40.63 40.73 -10.26
C SER C 46 -42.12 40.95 -10.50
N ILE C 47 -42.94 40.04 -9.99
CA ILE C 47 -44.39 40.25 -9.99
C ILE C 47 -44.92 40.01 -8.58
N LYS C 48 -46.21 40.28 -8.39
CA LYS C 48 -46.93 39.98 -7.17
C LYS C 48 -47.49 38.55 -7.29
N SER C 49 -46.59 37.58 -7.36
CA SER C 49 -46.97 36.18 -7.37
C SER C 49 -47.03 35.69 -5.94
N GLU C 50 -48.11 35.00 -5.57
CA GLU C 50 -48.23 34.56 -4.18
C GLU C 50 -47.30 33.40 -3.82
N ASP C 51 -46.81 32.65 -4.81
CA ASP C 51 -45.92 31.52 -4.52
C ASP C 51 -44.42 31.88 -4.58
N GLY C 52 -44.15 33.17 -4.75
CA GLY C 52 -42.79 33.69 -4.63
C GLY C 52 -41.86 33.42 -5.80
N TYR C 53 -42.44 33.04 -6.95
CA TYR C 53 -41.63 32.86 -8.16
C TYR C 53 -41.67 34.13 -8.98
N ASN C 54 -40.49 34.71 -9.21
CA ASN C 54 -40.40 35.82 -10.14
C ASN C 54 -40.18 35.29 -11.55
N GLN C 55 -40.33 36.16 -12.53
CA GLN C 55 -40.33 35.74 -13.92
C GLN C 55 -38.96 35.76 -14.58
N TYR C 56 -38.66 34.68 -15.29
CA TYR C 56 -37.49 34.60 -16.13
C TYR C 56 -37.96 34.28 -17.55
N ASN C 57 -38.01 35.31 -18.41
CA ASN C 57 -38.51 35.12 -19.77
C ASN C 57 -37.40 35.05 -20.82
N VAL C 58 -37.42 33.99 -21.62
CA VAL C 58 -36.41 33.79 -22.67
C VAL C 58 -36.79 34.54 -23.95
N ILE C 59 -35.85 35.35 -24.44
CA ILE C 59 -36.02 36.07 -25.70
C ILE C 59 -35.07 35.50 -26.75
N GLU C 60 -35.62 34.71 -27.67
CA GLU C 60 -34.86 34.11 -28.75
C GLU C 60 -35.36 34.64 -30.09
N PRO C 61 -34.58 34.43 -31.17
CA PRO C 61 -35.08 34.85 -32.48
C PRO C 61 -36.35 34.09 -32.88
N PRO C 62 -37.15 34.66 -33.79
CA PRO C 62 -38.37 33.99 -34.26
C PRO C 62 -38.07 32.70 -35.01
N ARG C 63 -38.90 31.67 -34.83
CA ARG C 63 -38.73 30.40 -35.51
C ARG C 63 -39.20 30.51 -36.95
N PRO C 64 -38.69 29.64 -37.83
CA PRO C 64 -39.32 29.48 -39.13
C PRO C 64 -40.57 28.62 -38.93
N THR C 65 -41.51 28.64 -39.87
CA THR C 65 -42.74 27.86 -39.72
C THR C 65 -42.43 26.36 -39.62
N HIS C 66 -43.43 25.59 -39.20
CA HIS C 66 -43.30 24.13 -39.13
C HIS C 66 -43.01 23.56 -40.51
N ASP C 67 -43.69 24.10 -41.53
CA ASP C 67 -43.51 23.65 -42.91
C ASP C 67 -42.12 24.01 -43.42
N GLU C 68 -41.61 25.19 -43.03
CA GLU C 68 -40.27 25.60 -43.40
C GLU C 68 -39.24 24.67 -42.77
N MET C 69 -39.36 24.45 -41.46
CA MET C 69 -38.46 23.56 -40.75
C MET C 69 -38.54 22.12 -41.29
N GLU C 70 -39.75 21.69 -41.64
CA GLU C 70 -39.98 20.32 -42.07
C GLU C 70 -39.33 20.07 -43.44
N GLU C 71 -39.47 21.02 -44.35
CA GLU C 71 -38.81 20.93 -45.64
C GLU C 71 -37.29 20.78 -45.45
N ILE C 72 -36.74 21.56 -44.52
CA ILE C 72 -35.30 21.59 -44.26
C ILE C 72 -34.79 20.26 -43.70
N GLU C 73 -35.53 19.68 -42.76
CA GLU C 73 -35.17 18.40 -42.17
C GLU C 73 -35.24 17.29 -43.20
N GLU C 74 -36.18 17.40 -44.13
CA GLU C 74 -36.34 16.40 -45.19
C GLU C 74 -35.14 16.43 -46.12
N LYS C 75 -34.80 17.62 -46.62
CA LYS C 75 -33.64 17.78 -47.48
C LYS C 75 -32.35 17.35 -46.77
N PHE C 76 -32.23 17.74 -45.49
CA PHE C 76 -31.09 17.32 -44.69
C PHE C 76 -30.92 15.80 -44.65
N ALA C 77 -32.02 15.10 -44.36
CA ALA C 77 -32.03 13.64 -44.37
C ALA C 77 -31.58 13.13 -45.75
N LEU C 78 -32.08 13.75 -46.81
CA LEU C 78 -31.70 13.36 -48.16
C LEU C 78 -30.20 13.50 -48.37
N SER C 79 -29.63 14.62 -47.93
CA SER C 79 -28.22 14.92 -48.18
C SER C 79 -27.27 13.97 -47.47
N ILE C 80 -27.74 13.38 -46.37
CA ILE C 80 -26.93 12.42 -45.62
C ILE C 80 -26.82 11.10 -46.36
N GLY C 81 -27.96 10.54 -46.74
CA GLY C 81 -27.98 9.25 -47.42
C GLY C 81 -27.42 8.15 -46.54
N ASP C 82 -28.23 7.71 -45.59
CA ASP C 82 -27.88 6.68 -44.59
C ASP C 82 -26.38 6.50 -44.27
N LYS C 83 -25.66 7.62 -44.20
CA LYS C 83 -24.26 7.64 -43.78
C LYS C 83 -24.20 8.10 -42.34
N GLU C 84 -23.51 7.34 -41.49
CA GLU C 84 -23.40 7.67 -40.09
C GLU C 84 -22.44 8.84 -39.93
N PRO C 85 -22.70 9.74 -38.96
CA PRO C 85 -21.83 10.90 -38.77
C PRO C 85 -20.39 10.41 -38.61
N PRO C 86 -19.36 11.27 -38.84
CA PRO C 86 -18.01 10.88 -38.43
C PRO C 86 -18.04 10.62 -36.91
N GLU C 87 -16.91 10.45 -36.26
CA GLU C 87 -16.99 10.18 -34.81
C GLU C 87 -16.51 11.28 -33.88
N ASP C 88 -15.74 12.22 -34.43
CA ASP C 88 -15.43 13.48 -33.74
C ASP C 88 -16.77 14.17 -33.35
N THR C 89 -16.73 15.37 -32.80
CA THR C 89 -17.96 16.09 -32.49
C THR C 89 -17.94 17.54 -33.02
N LYS C 90 -16.77 18.15 -33.06
CA LYS C 90 -16.67 19.52 -33.54
C LYS C 90 -16.68 19.50 -35.06
N GLU C 91 -16.01 18.50 -35.62
CA GLU C 91 -16.04 18.27 -37.05
C GLU C 91 -17.47 17.93 -37.47
N LYS C 92 -18.33 17.62 -36.51
CA LYS C 92 -19.69 17.22 -36.81
C LYS C 92 -20.52 18.38 -37.15
N GLU C 93 -20.52 19.28 -36.19
CA GLU C 93 -21.26 20.49 -36.30
C GLU C 93 -20.81 21.23 -37.54
N LYS C 94 -19.49 21.23 -37.79
CA LYS C 94 -18.95 21.83 -38.99
C LYS C 94 -19.61 21.25 -40.23
N LEU C 95 -19.63 19.93 -40.34
CA LEU C 95 -20.27 19.24 -41.45
C LEU C 95 -21.77 19.52 -41.52
N ILE C 96 -22.42 19.58 -40.37
CA ILE C 96 -23.86 19.85 -40.31
C ILE C 96 -24.18 21.28 -40.76
N ARG C 97 -23.36 22.25 -40.34
CA ARG C 97 -23.54 23.64 -40.75
C ARG C 97 -23.27 23.84 -42.25
N SER C 98 -22.34 23.05 -42.79
CA SER C 98 -22.01 23.10 -44.22
C SER C 98 -23.20 22.62 -45.06
N ILE C 99 -23.79 21.51 -44.63
CA ILE C 99 -24.94 20.93 -45.32
C ILE C 99 -26.12 21.90 -45.26
N LEU C 100 -26.28 22.54 -44.10
CA LEU C 100 -27.31 23.53 -43.87
C LEU C 100 -27.19 24.71 -44.85
N ASP C 101 -26.01 25.31 -44.93
CA ASP C 101 -25.78 26.39 -45.90
C ASP C 101 -26.12 25.91 -47.30
N LYS C 102 -25.66 24.72 -47.64
CA LYS C 102 -25.91 24.10 -48.94
C LYS C 102 -27.40 23.98 -49.25
N ILE C 103 -28.20 23.70 -48.21
CA ILE C 103 -29.64 23.50 -48.38
C ILE C 103 -30.42 24.82 -48.34
N LEU C 104 -30.03 25.74 -47.46
CA LEU C 104 -30.73 27.01 -47.34
C LEU C 104 -30.32 28.00 -48.42
N LEU C 105 -29.29 27.65 -49.21
CA LEU C 105 -28.69 28.59 -50.17
C LEU C 105 -29.71 29.33 -51.02
N ARG C 106 -30.63 28.60 -51.66
CA ARG C 106 -31.62 29.26 -52.51
C ARG C 106 -33.07 29.05 -52.09
N MET C 107 -33.27 28.66 -50.84
CA MET C 107 -34.61 28.62 -50.28
C MET C 107 -35.03 30.04 -49.91
N ARG C 108 -36.33 30.28 -49.87
CA ARG C 108 -36.86 31.56 -49.39
C ARG C 108 -37.62 31.29 -48.10
N LEU C 109 -37.17 31.89 -47.00
CA LEU C 109 -37.73 31.60 -45.69
C LEU C 109 -38.38 32.83 -45.05
N SER C 110 -39.41 32.59 -44.23
CA SER C 110 -40.17 33.64 -43.55
C SER C 110 -39.33 34.47 -42.59
N VAL C 111 -38.19 33.92 -42.19
CA VAL C 111 -37.35 34.53 -41.18
C VAL C 111 -35.89 34.49 -41.68
N PRO C 112 -35.07 35.48 -41.27
CA PRO C 112 -33.65 35.49 -41.64
C PRO C 112 -32.95 34.14 -41.50
N LYS C 113 -32.05 33.85 -42.43
CA LYS C 113 -31.41 32.53 -42.50
C LYS C 113 -30.56 32.21 -41.28
N GLU C 114 -29.97 33.24 -40.67
CA GLU C 114 -29.23 33.06 -39.43
C GLU C 114 -30.13 32.50 -38.33
N TYR C 115 -31.39 32.93 -38.29
CA TYR C 115 -32.33 32.47 -37.26
C TYR C 115 -32.78 31.03 -37.52
N VAL C 116 -32.90 30.66 -38.79
CA VAL C 116 -33.19 29.30 -39.19
C VAL C 116 -32.09 28.35 -38.71
N ILE C 117 -30.85 28.74 -38.99
CA ILE C 117 -29.68 27.96 -38.58
C ILE C 117 -29.61 27.83 -37.06
N TYR C 118 -29.77 28.95 -36.35
CA TYR C 118 -29.77 28.94 -34.89
C TYR C 118 -30.72 27.88 -34.35
N HIS C 119 -31.99 28.01 -34.70
CA HIS C 119 -33.00 27.10 -34.20
C HIS C 119 -32.73 25.66 -34.62
N PHE C 120 -32.37 25.45 -35.88
CA PHE C 120 -32.06 24.12 -36.38
C PHE C 120 -30.91 23.46 -35.62
N ILE C 121 -29.81 24.18 -35.45
CA ILE C 121 -28.65 23.67 -34.74
C ILE C 121 -28.98 23.49 -33.26
N ARG C 122 -29.76 24.44 -32.73
CA ARG C 122 -30.16 24.41 -31.32
C ARG C 122 -30.96 23.15 -30.98
N ASP C 123 -31.90 22.77 -31.84
CA ASP C 123 -32.71 21.56 -31.59
C ASP C 123 -31.97 20.27 -31.96
N LYS C 124 -31.15 20.32 -33.00
CA LYS C 124 -30.51 19.09 -33.47
C LYS C 124 -29.30 18.68 -32.66
N LEU C 125 -28.44 19.64 -32.33
CA LEU C 125 -27.18 19.33 -31.66
C LEU C 125 -27.18 19.62 -30.16
N TYR C 126 -27.91 20.65 -29.76
CA TYR C 126 -27.92 21.07 -28.36
C TYR C 126 -29.24 20.71 -27.68
N THR C 127 -29.58 21.39 -26.61
CA THR C 127 -30.68 20.94 -25.76
C THR C 127 -32.02 21.59 -26.07
N GLY C 128 -32.18 22.05 -27.30
CA GLY C 128 -33.47 22.59 -27.74
C GLY C 128 -33.89 23.82 -26.97
N SER C 129 -35.13 23.81 -26.49
CA SER C 129 -35.70 24.98 -25.82
C SER C 129 -35.00 25.28 -24.49
N LEU C 130 -34.23 24.31 -23.99
CA LEU C 130 -33.47 24.47 -22.75
C LEU C 130 -32.13 25.17 -22.96
N GLU C 131 -31.64 25.20 -24.19
CA GLU C 131 -30.29 25.68 -24.47
C GLU C 131 -29.94 27.10 -23.96
N PRO C 132 -30.90 28.06 -24.03
CA PRO C 132 -30.62 29.37 -23.42
C PRO C 132 -30.33 29.28 -21.91
N LEU C 133 -31.03 28.39 -21.21
CA LEU C 133 -30.82 28.21 -19.77
C LEU C 133 -29.44 27.62 -19.49
N ILE C 134 -29.04 26.68 -20.33
CA ILE C 134 -27.70 26.11 -20.27
C ILE C 134 -26.63 27.15 -20.58
N ARG C 135 -26.97 28.06 -21.50
CA ARG C 135 -26.02 29.09 -21.93
C ARG C 135 -25.87 30.22 -20.90
N ASP C 136 -26.93 30.48 -20.13
CA ASP C 136 -26.92 31.55 -19.13
C ASP C 136 -26.03 31.17 -17.95
N PRO C 137 -24.93 31.91 -17.75
CA PRO C 137 -23.99 31.60 -16.67
C PRO C 137 -24.53 31.90 -15.27
N TYR C 138 -25.68 32.56 -15.18
CA TYR C 138 -26.27 32.88 -13.88
C TYR C 138 -27.22 31.81 -13.36
N ILE C 139 -27.47 30.79 -14.18
CA ILE C 139 -28.35 29.69 -13.76
C ILE C 139 -27.56 28.52 -13.15
N GLU C 140 -27.99 28.10 -11.94
CA GLU C 140 -27.38 26.98 -11.23
C GLU C 140 -28.11 25.64 -11.44
N ASP C 141 -29.44 25.65 -11.31
CA ASP C 141 -30.28 24.44 -11.46
C ASP C 141 -31.31 24.69 -12.54
N ILE C 142 -31.69 23.64 -13.27
CA ILE C 142 -32.82 23.71 -14.18
C ILE C 142 -33.67 22.47 -13.89
N SER C 143 -34.97 22.67 -13.66
CA SER C 143 -35.88 21.55 -13.36
C SER C 143 -37.11 21.52 -14.24
N ILE C 144 -37.38 20.38 -14.85
CA ILE C 144 -38.70 20.12 -15.40
C ILE C 144 -39.29 18.98 -14.57
N PRO C 145 -40.05 19.32 -13.52
CA PRO C 145 -40.53 18.32 -12.56
C PRO C 145 -41.69 17.47 -13.09
N GLY C 146 -42.25 17.88 -14.23
CA GLY C 146 -43.46 17.31 -14.76
C GLY C 146 -44.13 18.34 -15.66
N LEU C 147 -45.37 18.08 -16.08
CA LEU C 147 -46.10 19.04 -16.91
C LEU C 147 -46.15 20.41 -16.23
N GLY C 148 -45.92 21.47 -17.00
CA GLY C 148 -45.95 22.82 -16.48
C GLY C 148 -44.76 23.61 -16.96
N HIS C 149 -44.31 24.55 -16.12
CA HIS C 149 -43.19 25.42 -16.49
C HIS C 149 -41.87 24.74 -16.22
N VAL C 150 -40.83 25.21 -16.88
CA VAL C 150 -39.47 24.88 -16.51
C VAL C 150 -39.09 25.83 -15.38
N TYR C 151 -38.56 25.28 -14.29
CA TYR C 151 -38.16 26.05 -13.12
C TYR C 151 -36.63 26.10 -13.06
N ILE C 152 -36.08 27.22 -12.61
CA ILE C 152 -34.63 27.35 -12.46
C ILE C 152 -34.24 27.88 -11.09
N VAL C 153 -32.97 27.69 -10.72
CA VAL C 153 -32.43 28.41 -9.58
C VAL C 153 -31.37 29.38 -10.10
N HIS C 154 -31.54 30.66 -9.78
CA HIS C 154 -30.73 31.73 -10.39
C HIS C 154 -29.80 32.31 -9.31
N LYS C 155 -28.54 32.57 -9.67
CA LYS C 155 -27.53 33.02 -8.69
C LYS C 155 -27.89 34.34 -8.04
N VAL C 156 -28.65 35.17 -8.76
CA VAL C 156 -29.06 36.47 -8.25
C VAL C 156 -30.43 36.36 -7.59
N PHE C 157 -31.39 35.78 -8.31
CA PHE C 157 -32.78 35.83 -7.89
C PHE C 157 -33.32 34.60 -7.20
N GLY C 158 -32.49 33.58 -7.03
CA GLY C 158 -32.98 32.34 -6.45
C GLY C 158 -33.90 31.61 -7.42
N PRO C 159 -34.82 30.79 -6.89
CA PRO C 159 -35.78 30.06 -7.74
C PRO C 159 -36.67 31.03 -8.54
N MET C 160 -36.79 30.79 -9.84
CA MET C 160 -37.69 31.56 -10.68
C MET C 160 -38.46 30.61 -11.58
N ARG C 161 -39.63 31.05 -12.03
CA ARG C 161 -40.43 30.32 -13.00
C ARG C 161 -40.05 30.86 -14.38
N THR C 162 -39.67 29.99 -15.32
CA THR C 162 -39.36 30.45 -16.69
C THR C 162 -40.59 30.48 -17.59
N SER C 163 -40.46 31.15 -18.73
CA SER C 163 -41.53 31.24 -19.72
C SER C 163 -41.67 29.96 -20.52
N ILE C 164 -40.74 29.03 -20.33
CA ILE C 164 -40.75 27.77 -21.06
C ILE C 164 -41.76 26.83 -20.42
N LYS C 165 -42.65 26.25 -21.23
CA LYS C 165 -43.71 25.38 -20.73
C LYS C 165 -43.79 24.07 -21.47
N PHE C 166 -44.03 22.99 -20.74
CA PHE C 166 -44.29 21.70 -21.34
C PHE C 166 -45.63 21.20 -20.84
N GLU C 167 -46.60 21.11 -21.75
CA GLU C 167 -47.98 20.84 -21.38
C GLU C 167 -48.55 19.58 -22.02
N ASN C 168 -47.71 18.84 -22.73
CA ASN C 168 -48.12 17.59 -23.37
C ASN C 168 -47.24 16.44 -22.87
N TYR C 169 -47.86 15.39 -22.35
CA TYR C 169 -47.09 14.27 -21.77
C TYR C 169 -46.14 13.65 -22.78
N GLU C 170 -46.65 13.41 -23.98
CA GLU C 170 -45.91 12.71 -25.03
C GLU C 170 -44.63 13.42 -25.50
N GLU C 171 -44.68 14.74 -25.62
CA GLU C 171 -43.51 15.47 -26.10
CA GLU C 171 -43.51 15.47 -26.10
C GLU C 171 -42.52 15.70 -24.97
N LEU C 172 -43.00 15.72 -23.73
CA LEU C 172 -42.12 15.78 -22.58
C LEU C 172 -41.36 14.46 -22.51
N ASP C 173 -42.09 13.35 -22.66
CA ASP C 173 -41.49 12.04 -22.90
C ASP C 173 -40.44 12.14 -24.02
N ASN C 174 -40.83 12.70 -25.16
CA ASN C 174 -39.93 12.87 -26.30
C ASN C 174 -38.69 13.70 -25.98
N LEU C 175 -38.86 14.73 -25.16
CA LEU C 175 -37.73 15.56 -24.75
C LEU C 175 -36.73 14.75 -23.93
N ILE C 176 -37.21 14.01 -22.94
CA ILE C 176 -36.31 13.21 -22.10
C ILE C 176 -35.62 12.15 -22.94
N VAL C 177 -36.37 11.49 -23.81
CA VAL C 177 -35.81 10.50 -24.73
C VAL C 177 -34.73 11.12 -25.64
N SER C 178 -35.06 12.22 -26.30
CA SER C 178 -34.11 12.89 -27.19
C SER C 178 -32.82 13.33 -26.49
N LEU C 179 -32.96 14.06 -25.38
CA LEU C 179 -31.79 14.50 -24.63
C LEU C 179 -30.92 13.37 -24.11
N SER C 180 -31.54 12.31 -23.57
CA SER C 180 -30.74 11.20 -23.07
C SER C 180 -29.99 10.51 -24.22
N GLU C 181 -30.64 10.37 -25.37
CA GLU C 181 -30.01 9.81 -26.56
C GLU C 181 -28.80 10.64 -26.94
N LYS C 182 -28.97 11.96 -26.94
CA LYS C 182 -27.89 12.90 -27.27
C LYS C 182 -26.78 12.83 -26.26
N SER C 183 -27.10 12.42 -25.03
CA SER C 183 -26.07 12.34 -24.00
C SER C 183 -25.44 10.95 -24.00
N TYR C 184 -25.75 10.17 -25.03
CA TYR C 184 -25.21 8.82 -25.19
C TYR C 184 -25.60 7.90 -24.05
N ARG C 185 -26.70 8.22 -23.39
CA ARG C 185 -27.22 7.36 -22.33
C ARG C 185 -28.75 7.34 -22.37
N PRO C 186 -29.31 6.63 -23.36
CA PRO C 186 -30.76 6.65 -23.59
C PRO C 186 -31.54 6.04 -22.43
N VAL C 187 -32.69 6.63 -22.12
CA VAL C 187 -33.60 6.03 -21.16
C VAL C 187 -34.34 4.91 -21.86
N SER C 188 -34.91 3.99 -21.09
CA SER C 188 -35.85 3.00 -21.60
C SER C 188 -36.87 2.75 -20.51
N HIS C 189 -37.99 2.14 -20.84
CA HIS C 189 -38.96 1.83 -19.78
C HIS C 189 -38.33 0.90 -18.75
N ASN C 190 -37.52 -0.05 -19.21
CA ASN C 190 -36.83 -0.93 -18.26
C ASN C 190 -35.80 -0.21 -17.39
N ARG C 191 -35.11 0.78 -17.96
CA ARG C 191 -34.15 1.58 -17.20
C ARG C 191 -34.45 3.05 -17.38
N PRO C 192 -35.44 3.56 -16.63
CA PRO C 192 -36.00 4.88 -16.87
C PRO C 192 -35.30 6.00 -16.11
N VAL C 193 -34.38 5.64 -15.22
CA VAL C 193 -33.63 6.61 -14.44
C VAL C 193 -32.18 6.61 -14.91
N VAL C 194 -31.76 7.74 -15.47
CA VAL C 194 -30.43 7.83 -16.08
C VAL C 194 -29.74 9.11 -15.63
N ASP C 195 -28.44 9.01 -15.34
CA ASP C 195 -27.64 10.22 -15.15
C ASP C 195 -26.62 10.36 -16.27
N ALA C 196 -26.42 11.58 -16.76
CA ALA C 196 -25.44 11.79 -17.80
C ALA C 196 -24.76 13.16 -17.68
N SER C 197 -23.86 13.43 -18.61
CA SER C 197 -23.19 14.71 -18.69
C SER C 197 -23.67 15.47 -19.91
N LEU C 198 -23.49 16.78 -19.89
CA LEU C 198 -23.75 17.61 -21.07
C LEU C 198 -22.38 18.08 -21.55
N PRO C 199 -22.30 18.55 -22.81
CA PRO C 199 -20.97 18.92 -23.32
C PRO C 199 -20.30 19.99 -22.47
N ASP C 200 -21.09 20.92 -21.93
CA ASP C 200 -20.55 21.98 -21.09
C ASP C 200 -20.07 21.49 -19.73
N GLY C 201 -20.27 20.20 -19.45
CA GLY C 201 -19.81 19.63 -18.20
C GLY C 201 -20.91 19.57 -17.15
N SER C 202 -22.11 20.02 -17.52
CA SER C 202 -23.25 19.97 -16.61
C SER C 202 -23.71 18.53 -16.47
N ARG C 203 -24.29 18.22 -15.31
CA ARG C 203 -24.84 16.90 -15.08
C ARG C 203 -26.34 16.95 -15.27
N VAL C 204 -26.92 15.86 -15.77
CA VAL C 204 -28.35 15.82 -15.96
C VAL C 204 -28.90 14.48 -15.48
N ASN C 205 -30.03 14.54 -14.78
CA ASN C 205 -30.74 13.35 -14.33
C ASN C 205 -32.05 13.26 -15.08
N PHE C 206 -32.36 12.09 -15.65
CA PHE C 206 -33.62 11.90 -16.36
C PHE C 206 -34.44 10.84 -15.62
N VAL C 207 -35.74 11.08 -15.50
CA VAL C 207 -36.68 10.03 -15.06
C VAL C 207 -37.80 9.90 -16.10
N TYR C 208 -37.80 8.78 -16.80
CA TYR C 208 -38.65 8.59 -17.97
C TYR C 208 -39.89 7.77 -17.66
N GLY C 209 -41.06 8.28 -18.04
CA GLY C 209 -42.28 7.49 -18.00
C GLY C 209 -43.21 7.86 -16.86
N VAL C 210 -44.47 8.05 -17.20
CA VAL C 210 -45.48 8.47 -16.24
C VAL C 210 -45.73 7.42 -15.16
N ASP C 211 -45.44 6.16 -15.46
CA ASP C 211 -45.58 5.12 -14.44
C ASP C 211 -44.64 5.39 -13.26
N ILE C 212 -43.46 5.92 -13.56
CA ILE C 212 -42.50 6.28 -12.51
C ILE C 212 -42.56 7.76 -12.09
N SER C 213 -42.71 8.65 -13.07
CA SER C 213 -42.77 10.09 -12.79
C SER C 213 -44.18 10.55 -13.10
N ARG C 214 -45.02 10.56 -12.07
CA ARG C 214 -46.46 10.50 -12.28
C ARG C 214 -47.04 11.80 -12.84
N ARG C 215 -46.29 12.91 -12.76
CA ARG C 215 -46.76 14.16 -13.34
CA ARG C 215 -46.73 14.16 -13.35
C ARG C 215 -46.15 14.40 -14.73
N GLY C 216 -45.42 13.41 -15.24
CA GLY C 216 -44.77 13.50 -16.53
C GLY C 216 -43.30 13.23 -16.36
N SER C 217 -42.65 12.71 -17.41
CA SER C 217 -41.21 12.47 -17.37
C SER C 217 -40.51 13.73 -16.87
N ASN C 218 -39.52 13.57 -15.98
CA ASN C 218 -38.91 14.75 -15.40
C ASN C 218 -37.40 14.77 -15.55
N LEU C 219 -36.81 15.96 -15.48
CA LEU C 219 -35.36 16.05 -15.59
C LEU C 219 -34.83 17.17 -14.70
N THR C 220 -33.57 17.06 -14.31
CA THR C 220 -32.88 18.09 -13.54
C THR C 220 -31.49 18.28 -14.12
N VAL C 221 -31.16 19.52 -14.45
CA VAL C 221 -29.80 19.82 -14.86
C VAL C 221 -29.06 20.52 -13.72
N ARG C 222 -27.91 19.97 -13.34
CA ARG C 222 -27.05 20.62 -12.36
C ARG C 222 -25.88 21.24 -13.08
N LYS C 223 -25.75 22.54 -12.94
CA LYS C 223 -24.69 23.28 -13.62
C LYS C 223 -23.66 23.75 -12.60
N PHE C 224 -22.46 24.08 -13.09
CA PHE C 224 -21.33 24.34 -12.22
C PHE C 224 -20.61 25.61 -12.66
N SER C 225 -19.97 26.29 -11.71
CA SER C 225 -19.31 27.56 -12.01
C SER C 225 -18.18 27.35 -13.00
N ARG C 226 -18.29 27.96 -14.19
CA ARG C 226 -17.19 27.95 -15.14
C ARG C 226 -15.97 28.62 -14.49
N VAL C 227 -16.20 29.80 -13.91
CA VAL C 227 -15.17 30.49 -13.15
C VAL C 227 -15.53 30.54 -11.66
N PRO C 228 -14.77 29.82 -10.83
CA PRO C 228 -15.12 29.74 -9.40
C PRO C 228 -14.98 31.06 -8.66
N THR C 229 -15.68 31.18 -7.54
CA THR C 229 -15.54 32.35 -6.67
C THR C 229 -14.12 32.37 -6.09
N SER C 230 -13.51 33.55 -6.05
CA SER C 230 -12.14 33.68 -5.56
C SER C 230 -12.09 34.08 -4.09
N ILE C 231 -10.91 33.92 -3.49
CA ILE C 231 -10.69 34.30 -2.09
C ILE C 231 -10.91 35.80 -1.83
N THR C 232 -10.65 36.63 -2.82
CA THR C 232 -10.84 38.06 -2.65
C THR C 232 -12.33 38.40 -2.68
N GLN C 233 -13.09 37.69 -3.49
CA GLN C 233 -14.55 37.85 -3.45
C GLN C 233 -15.09 37.42 -2.08
N LEU C 234 -14.60 36.28 -1.57
CA LEU C 234 -15.03 35.81 -0.25
C LEU C 234 -14.68 36.80 0.87
N ILE C 235 -13.51 37.45 0.76
CA ILE C 235 -13.16 38.50 1.72
C ILE C 235 -14.10 39.70 1.60
N MET C 236 -14.34 40.15 0.38
CA MET C 236 -15.26 41.26 0.13
C MET C 236 -16.68 40.96 0.63
N PHE C 237 -17.15 39.73 0.43
CA PHE C 237 -18.44 39.31 0.98
C PHE C 237 -18.45 39.31 2.51
N GLY C 238 -17.27 39.21 3.12
CA GLY C 238 -17.16 39.17 4.57
C GLY C 238 -17.19 37.76 5.11
N THR C 239 -17.12 36.76 4.22
CA THR C 239 -17.20 35.35 4.61
C THR C 239 -15.94 34.92 5.37
N LEU C 240 -14.80 35.48 4.95
CA LEU C 240 -13.54 35.32 5.64
C LEU C 240 -12.92 36.70 5.77
N SER C 241 -12.01 36.88 6.71
CA SER C 241 -11.24 38.11 6.79
C SER C 241 -9.96 37.94 6.00
N SER C 242 -9.28 39.04 5.69
CA SER C 242 -7.99 38.94 5.00
C SER C 242 -6.99 38.18 5.86
N MET C 243 -7.04 38.44 7.16
CA MET C 243 -6.15 37.75 8.10
C MET C 243 -6.40 36.24 8.14
N MET C 244 -7.68 35.86 8.13
CA MET C 244 -8.04 34.44 8.11
C MET C 244 -7.52 33.81 6.82
N ALA C 245 -7.70 34.52 5.71
CA ALA C 245 -7.24 33.99 4.43
C ALA C 245 -5.71 33.92 4.42
N ALA C 246 -5.05 34.91 5.04
CA ALA C 246 -3.58 34.89 5.15
C ALA C 246 -3.14 33.68 5.98
N TYR C 247 -3.88 33.40 7.05
CA TYR C 247 -3.60 32.23 7.90
C TYR C 247 -3.69 30.93 7.10
N ILE C 248 -4.75 30.77 6.34
CA ILE C 248 -4.95 29.55 5.54
C ILE C 248 -3.86 29.42 4.49
N TRP C 249 -3.53 30.54 3.84
CA TRP C 249 -2.47 30.57 2.85
C TRP C 249 -1.17 30.07 3.49
N THR C 250 -0.84 30.57 4.68
CA THR C 250 0.38 30.15 5.38
C THR C 250 0.37 28.64 5.61
N MET C 251 -0.81 28.12 5.97
CA MET C 251 -0.92 26.71 6.24
C MET C 251 -0.84 25.84 4.99
N LEU C 252 -1.55 26.20 3.92
CA LEU C 252 -1.48 25.37 2.70
C LEU C 252 -0.09 25.46 2.08
N ASP C 253 0.56 26.59 2.29
CA ASP C 253 1.95 26.76 1.86
C ASP C 253 2.85 25.69 2.46
N GLU C 254 2.50 25.23 3.66
CA GLU C 254 3.31 24.26 4.38
C GLU C 254 2.63 22.90 4.44
N GLY C 255 1.67 22.68 3.56
CA GLY C 255 1.12 21.34 3.38
C GLY C 255 0.14 20.87 4.44
N MET C 256 -0.45 21.79 5.19
CA MET C 256 -1.35 21.40 6.29
C MET C 256 -2.61 20.74 5.76
N ASN C 257 -3.18 19.84 6.57
CA ASN C 257 -4.42 19.16 6.22
C ASN C 257 -5.60 19.95 6.78
N LEU C 258 -6.60 20.19 5.94
CA LEU C 258 -7.67 21.13 6.29
CA LEU C 258 -7.67 21.13 6.30
C LEU C 258 -9.02 20.65 5.77
N PHE C 259 -10.01 20.58 6.66
CA PHE C 259 -11.38 20.28 6.26
C PHE C 259 -12.24 21.56 6.30
N VAL C 260 -13.00 21.81 5.24
CA VAL C 260 -13.96 22.91 5.20
C VAL C 260 -15.35 22.37 5.54
N CYS C 261 -15.88 22.79 6.68
CA CYS C 261 -17.09 22.19 7.20
C CYS C 261 -18.23 23.18 7.37
N GLY C 262 -19.44 22.66 7.54
CA GLY C 262 -20.63 23.46 7.71
C GLY C 262 -21.83 22.61 7.29
N GLU C 263 -23.02 23.10 7.55
CA GLU C 263 -24.21 22.31 7.21
C GLU C 263 -24.80 22.76 5.87
N THR C 264 -26.12 22.71 5.73
CA THR C 264 -26.73 22.83 4.42
C THR C 264 -26.47 24.18 3.74
N ALA C 265 -25.97 24.10 2.50
CA ALA C 265 -25.76 25.29 1.67
C ALA C 265 -24.90 26.30 2.36
N SER C 266 -23.98 25.85 3.22
CA SER C 266 -23.17 26.79 3.99
C SER C 266 -22.03 27.41 3.17
N GLY C 267 -21.74 26.84 2.01
CA GLY C 267 -20.70 27.40 1.13
C GLY C 267 -19.36 26.69 1.21
N LYS C 268 -19.36 25.46 1.73
CA LYS C 268 -18.13 24.68 1.89
C LYS C 268 -17.36 24.52 0.57
N THR C 269 -18.03 24.00 -0.44
CA THR C 269 -17.38 23.76 -1.74
C THR C 269 -16.81 25.05 -2.33
N THR C 270 -17.53 26.14 -2.20
CA THR C 270 -17.05 27.43 -2.70
C THR C 270 -15.78 27.89 -1.97
N THR C 271 -15.79 27.76 -0.66
CA THR C 271 -14.63 28.17 0.12
C THR C 271 -13.44 27.27 -0.24
N LEU C 272 -13.67 25.96 -0.34
CA LEU C 272 -12.61 25.01 -0.72
C LEU C 272 -11.99 25.36 -2.07
N ASN C 273 -12.82 25.65 -3.07
CA ASN C 273 -12.27 25.99 -4.38
C ASN C 273 -11.43 27.27 -4.33
N ALA C 274 -11.86 28.23 -3.49
CA ALA C 274 -11.15 29.50 -3.38
C ALA C 274 -9.76 29.36 -2.73
N ILE C 275 -9.71 28.67 -1.60
CA ILE C 275 -8.43 28.52 -0.90
C ILE C 275 -7.47 27.57 -1.61
N THR C 276 -8.00 26.77 -2.53
CA THR C 276 -7.16 25.93 -3.41
C THR C 276 -6.09 26.78 -4.12
N ALA C 277 -6.39 28.04 -4.40
CA ALA C 277 -5.42 28.90 -5.05
C ALA C 277 -4.19 29.20 -4.19
N PHE C 278 -4.23 28.83 -2.91
CA PHE C 278 -3.07 29.08 -2.04
C PHE C 278 -2.08 27.89 -2.05
N ILE C 279 -2.52 26.74 -2.57
CA ILE C 279 -1.60 25.62 -2.74
C ILE C 279 -0.55 26.03 -3.77
N PRO C 280 0.75 25.77 -3.48
CA PRO C 280 1.77 26.21 -4.42
C PRO C 280 1.57 25.63 -5.84
N PRO C 281 1.87 26.44 -6.87
CA PRO C 281 1.42 26.22 -8.26
C PRO C 281 2.16 25.11 -9.00
N ASN C 282 3.29 24.65 -8.47
CA ASN C 282 4.06 23.63 -9.17
C ASN C 282 3.79 22.24 -8.61
N LEU C 283 2.73 22.12 -7.81
CA LEU C 283 2.42 20.87 -7.14
C LEU C 283 1.30 20.07 -7.86
N LYS C 284 1.27 18.77 -7.59
CA LYS C 284 0.26 17.88 -8.17
C LYS C 284 -0.96 17.80 -7.27
N ILE C 285 -2.11 18.12 -7.85
CA ILE C 285 -3.40 18.08 -7.17
C ILE C 285 -4.29 16.99 -7.82
N VAL C 286 -4.87 16.13 -6.99
CA VAL C 286 -5.88 15.18 -7.45
C VAL C 286 -7.20 15.57 -6.81
N THR C 287 -8.21 15.89 -7.61
CA THR C 287 -9.55 16.08 -7.07
C THR C 287 -10.38 14.83 -7.25
N ILE C 288 -11.17 14.51 -6.23
CA ILE C 288 -11.99 13.30 -6.27
C ILE C 288 -13.39 13.66 -5.80
N GLU C 289 -14.36 13.50 -6.71
CA GLU C 289 -15.69 14.06 -6.48
C GLU C 289 -16.82 13.19 -7.00
N ASP C 290 -17.97 13.27 -6.34
CA ASP C 290 -19.21 12.68 -6.86
C ASP C 290 -19.81 13.58 -7.94
N THR C 291 -19.52 14.87 -7.82
CA THR C 291 -20.10 15.90 -8.67
C THR C 291 -18.95 16.84 -9.05
N PRO C 292 -18.79 17.14 -10.35
CA PRO C 292 -17.61 17.90 -10.82
C PRO C 292 -17.74 19.39 -10.58
N GLU C 293 -17.62 19.81 -9.33
CA GLU C 293 -17.89 21.21 -9.01
C GLU C 293 -16.61 22.04 -9.03
N LEU C 294 -15.50 21.38 -8.73
CA LEU C 294 -14.22 22.07 -8.52
C LEU C 294 -13.51 22.41 -9.83
N THR C 295 -12.90 23.59 -9.91
CA THR C 295 -11.99 23.87 -11.01
C THR C 295 -10.68 24.31 -10.41
N VAL C 296 -9.64 23.51 -10.65
CA VAL C 296 -8.33 23.76 -10.06
C VAL C 296 -7.45 24.49 -11.05
N PRO C 297 -6.80 25.59 -10.62
CA PRO C 297 -6.00 26.36 -11.59
C PRO C 297 -4.65 25.73 -11.92
N HIS C 298 -4.18 24.85 -11.07
CA HIS C 298 -2.90 24.17 -11.27
C HIS C 298 -2.87 23.35 -12.56
N SER C 299 -1.76 23.47 -13.29
CA SER C 299 -1.55 22.65 -14.49
C SER C 299 -1.52 21.14 -14.20
N ASN C 300 -0.94 20.75 -13.07
CA ASN C 300 -0.76 19.33 -12.78
C ASN C 300 -1.94 18.84 -11.95
N TRP C 301 -3.09 18.82 -12.60
CA TRP C 301 -4.35 18.56 -11.94
C TRP C 301 -5.00 17.33 -12.54
N VAL C 302 -5.11 16.29 -11.72
CA VAL C 302 -5.91 15.10 -12.04
C VAL C 302 -7.31 15.34 -11.50
N ALA C 303 -8.31 15.27 -12.37
CA ALA C 303 -9.70 15.44 -11.95
C ALA C 303 -10.45 14.13 -12.14
N GLU C 304 -10.92 13.55 -11.04
CA GLU C 304 -11.61 12.27 -11.13
C GLU C 304 -12.99 12.32 -10.51
N VAL C 305 -13.91 11.52 -11.06
CA VAL C 305 -15.28 11.48 -10.58
C VAL C 305 -15.74 10.04 -10.43
N THR C 306 -16.74 9.85 -9.59
CA THR C 306 -17.26 8.51 -9.37
C THR C 306 -18.20 8.08 -10.50
N ARG C 307 -18.49 6.78 -10.53
CA ARG C 307 -19.40 6.22 -11.51
C ARG C 307 -20.25 5.14 -10.83
N GLU C 308 -21.56 5.30 -10.88
CA GLU C 308 -22.48 4.35 -10.25
C GLU C 308 -23.24 3.57 -11.31
N THR C 309 -22.98 2.27 -11.40
CA THR C 309 -23.63 1.40 -12.39
C THR C 309 -24.52 0.40 -11.70
N GLY C 310 -24.33 0.26 -10.39
CA GLY C 310 -24.97 -0.81 -9.66
C GLY C 310 -24.15 -2.08 -9.79
N GLY C 311 -24.06 -2.59 -11.02
CA GLY C 311 -23.33 -3.82 -11.28
C GLY C 311 -21.84 -3.58 -11.38
N GLU C 312 -21.20 -4.27 -12.32
CA GLU C 312 -19.78 -4.11 -12.57
C GLU C 312 -19.50 -2.67 -12.99
N GLY C 313 -18.29 -2.19 -12.69
CA GLY C 313 -17.90 -0.87 -13.13
C GLY C 313 -18.28 0.27 -12.22
N THR C 314 -18.89 -0.04 -11.06
CA THR C 314 -19.11 1.02 -10.06
C THR C 314 -17.79 1.48 -9.44
N ILE C 315 -17.58 2.80 -9.46
CA ILE C 315 -16.36 3.39 -8.93
C ILE C 315 -16.76 4.41 -7.85
N LYS C 316 -16.37 4.16 -6.61
CA LYS C 316 -16.71 5.04 -5.49
C LYS C 316 -15.56 5.95 -5.11
N LEU C 317 -15.86 6.99 -4.33
CA LEU C 317 -14.82 7.84 -3.75
C LEU C 317 -13.73 7.00 -3.08
N PHE C 318 -14.16 5.97 -2.37
CA PHE C 318 -13.25 5.04 -1.70
C PHE C 318 -12.21 4.48 -2.67
N ASP C 319 -12.67 4.06 -3.84
CA ASP C 319 -11.79 3.48 -4.84
C ASP C 319 -10.79 4.50 -5.39
N LEU C 320 -11.26 5.72 -5.66
CA LEU C 320 -10.38 6.77 -6.20
C LEU C 320 -9.36 7.23 -5.18
N LEU C 321 -9.77 7.34 -3.93
CA LEU C 321 -8.87 7.74 -2.84
C LEU C 321 -7.77 6.69 -2.69
N LYS C 322 -8.14 5.41 -2.76
CA LYS C 322 -7.15 4.33 -2.76
C LYS C 322 -6.17 4.45 -3.92
N ALA C 323 -6.67 4.77 -5.11
CA ALA C 323 -5.79 4.91 -6.26
C ALA C 323 -4.87 6.11 -6.08
N ALA C 324 -5.35 7.15 -5.40
CA ALA C 324 -4.55 8.35 -5.21
C ALA C 324 -3.27 8.09 -4.44
N LEU C 325 -3.26 7.04 -3.62
CA LEU C 325 -2.05 6.69 -2.87
C LEU C 325 -0.92 6.27 -3.81
N ARG C 326 -1.27 5.96 -5.06
CA ARG C 326 -0.29 5.57 -6.07
C ARG C 326 -0.06 6.64 -7.13
N GLN C 327 -0.60 7.84 -6.92
CA GLN C 327 -0.53 8.88 -7.96
C GLN C 327 0.40 10.03 -7.60
N ARG C 328 1.16 9.85 -6.54
CA ARG C 328 2.10 10.87 -6.05
C ARG C 328 1.53 12.28 -5.94
N PRO C 329 0.28 12.43 -5.43
CA PRO C 329 -0.23 13.81 -5.38
C PRO C 329 0.39 14.55 -4.22
N ASN C 330 0.49 15.88 -4.29
CA ASN C 330 0.89 16.65 -3.11
C ASN C 330 -0.32 16.96 -2.25
N TYR C 331 -1.42 17.33 -2.92
CA TYR C 331 -2.72 17.49 -2.27
C TYR C 331 -3.78 16.62 -2.92
N ILE C 332 -4.59 16.00 -2.08
CA ILE C 332 -5.80 15.30 -2.52
C ILE C 332 -7.00 16.12 -2.03
N LEU C 333 -7.87 16.52 -2.95
CA LEU C 333 -9.07 17.27 -2.59
C LEU C 333 -10.28 16.34 -2.77
N VAL C 334 -10.97 16.04 -1.67
CA VAL C 334 -12.13 15.17 -1.75
C VAL C 334 -13.38 16.05 -1.70
N GLY C 335 -14.24 15.93 -2.72
CA GLY C 335 -15.39 16.83 -2.84
C GLY C 335 -16.18 16.97 -1.54
N ALA C 336 -16.60 15.82 -1.02
CA ALA C 336 -17.24 15.76 0.27
C ALA C 336 -16.96 14.39 0.89
N ILE C 337 -16.78 14.34 2.20
CA ILE C 337 -16.58 13.06 2.88
C ILE C 337 -17.78 12.71 3.77
N ARG C 338 -18.31 11.49 3.63
CA ARG C 338 -19.33 11.00 4.58
C ARG C 338 -19.26 9.49 4.83
N ASP C 339 -18.38 8.77 4.14
CA ASP C 339 -18.38 7.31 4.27
C ASP C 339 -16.95 6.78 4.37
N LYS C 340 -16.76 5.50 4.06
CA LYS C 340 -15.47 4.82 4.21
C LYS C 340 -14.30 5.52 3.54
N GLU C 341 -14.58 6.30 2.49
CA GLU C 341 -13.52 7.03 1.83
C GLU C 341 -12.87 7.95 2.85
N GLY C 342 -13.60 8.27 3.91
CA GLY C 342 -13.06 9.14 4.94
C GLY C 342 -11.85 8.51 5.60
N ASN C 343 -11.95 7.21 5.86
CA ASN C 343 -10.85 6.46 6.43
C ASN C 343 -9.62 6.48 5.50
N VAL C 344 -9.87 6.36 4.21
CA VAL C 344 -8.76 6.38 3.26
C VAL C 344 -8.12 7.78 3.18
N ALA C 345 -8.91 8.84 3.36
CA ALA C 345 -8.32 10.20 3.37
C ALA C 345 -7.28 10.32 4.47
N PHE C 346 -7.61 9.77 5.64
CA PHE C 346 -6.66 9.72 6.75
C PHE C 346 -5.46 8.78 6.47
N GLN C 347 -5.70 7.66 5.81
CA GLN C 347 -4.59 6.85 5.31
C GLN C 347 -3.68 7.68 4.41
N ALA C 348 -4.26 8.55 3.59
CA ALA C 348 -3.43 9.35 2.70
C ALA C 348 -2.55 10.30 3.50
N MET C 349 -3.12 10.94 4.53
CA MET C 349 -2.33 11.82 5.41
C MET C 349 -1.23 11.04 6.11
N GLN C 350 -1.54 9.82 6.53
CA GLN C 350 -0.57 8.98 7.24
C GLN C 350 0.51 8.43 6.31
N THR C 351 0.34 8.60 5.00
CA THR C 351 1.38 8.18 4.05
C THR C 351 2.06 9.38 3.37
N GLY C 352 1.86 10.57 3.94
CA GLY C 352 2.58 11.74 3.46
C GLY C 352 1.95 12.42 2.27
N HIS C 353 0.63 12.37 2.17
CA HIS C 353 -0.09 13.19 1.19
C HIS C 353 -0.98 14.14 1.97
N SER C 354 -0.93 15.43 1.62
CA SER C 354 -1.84 16.40 2.21
C SER C 354 -3.25 16.27 1.62
N VAL C 355 -4.26 16.65 2.41
CA VAL C 355 -5.64 16.44 2.02
C VAL C 355 -6.47 17.64 2.39
N MET C 356 -7.37 18.03 1.49
CA MET C 356 -8.49 18.89 1.89
C MET C 356 -9.79 18.21 1.49
N ALA C 357 -10.88 18.61 2.14
CA ALA C 357 -12.18 18.00 1.90
C ALA C 357 -13.25 18.91 2.48
N THR C 358 -14.51 18.74 2.05
CA THR C 358 -15.63 19.34 2.75
C THR C 358 -16.33 18.25 3.56
N PHE C 359 -16.96 18.67 4.66
CA PHE C 359 -17.65 17.76 5.54
C PHE C 359 -18.87 18.45 6.11
N HIS C 360 -20.03 17.79 6.06
CA HIS C 360 -21.26 18.38 6.53
C HIS C 360 -21.38 18.16 8.07
N ALA C 361 -21.07 19.22 8.82
CA ALA C 361 -21.09 19.21 10.29
C ALA C 361 -20.97 20.66 10.77
N ALA C 362 -21.58 20.98 11.91
CA ALA C 362 -21.64 22.37 12.37
C ALA C 362 -20.45 22.78 13.24
N ASN C 363 -19.80 21.81 13.88
CA ASN C 363 -18.74 22.14 14.85
C ASN C 363 -17.78 20.99 15.06
N ILE C 364 -16.67 21.25 15.74
CA ILE C 364 -15.60 20.26 15.91
C ILE C 364 -16.03 19.02 16.66
N THR C 365 -16.93 19.18 17.62
CA THR C 365 -17.38 18.03 18.41
C THR C 365 -18.13 17.05 17.51
N THR C 366 -19.06 17.58 16.72
CA THR C 366 -19.80 16.76 15.77
C THR C 366 -18.87 16.14 14.73
N LEU C 367 -17.94 16.93 14.20
CA LEU C 367 -16.95 16.44 13.23
C LEU C 367 -16.20 15.23 13.77
N ILE C 368 -15.67 15.36 15.00
CA ILE C 368 -14.87 14.28 15.55
C ILE C 368 -15.71 13.03 15.86
N GLN C 369 -16.92 13.21 16.38
CA GLN C 369 -17.83 12.09 16.60
C GLN C 369 -18.06 11.34 15.30
N ARG C 370 -18.23 12.08 14.22
CA ARG C 370 -18.49 11.45 12.92
C ARG C 370 -17.25 10.81 12.30
N LEU C 371 -16.09 11.45 12.44
CA LEU C 371 -14.85 10.88 11.92
C LEU C 371 -14.43 9.61 12.67
N THR C 372 -14.66 9.59 13.98
CA THR C 372 -14.27 8.42 14.76
C THR C 372 -15.34 7.32 14.80
N GLY C 373 -16.58 7.66 14.47
CA GLY C 373 -17.65 6.66 14.53
C GLY C 373 -17.81 5.93 13.20
N TYR C 374 -18.65 4.89 13.18
CA TYR C 374 -18.94 4.16 11.94
C TYR C 374 -19.63 5.13 10.95
N PRO C 375 -19.36 4.99 9.65
CA PRO C 375 -18.46 4.08 8.94
C PRO C 375 -17.03 4.61 8.71
N ILE C 376 -16.74 5.85 9.07
CA ILE C 376 -15.42 6.41 8.81
C ILE C 376 -14.34 5.75 9.68
N GLU C 377 -14.61 5.64 10.97
CA GLU C 377 -13.77 4.90 11.93
C GLU C 377 -12.30 5.28 11.94
N VAL C 378 -12.01 6.58 11.99
CA VAL C 378 -10.62 6.98 12.19
C VAL C 378 -10.30 6.83 13.67
N PRO C 379 -9.28 6.04 14.02
CA PRO C 379 -8.92 5.94 15.44
C PRO C 379 -8.43 7.28 15.99
N LYS C 380 -8.73 7.56 17.26
CA LYS C 380 -8.42 8.87 17.85
C LYS C 380 -6.97 9.28 17.71
N SER C 381 -6.06 8.30 17.75
CA SER C 381 -4.62 8.59 17.77
C SER C 381 -4.15 9.16 16.43
N TYR C 382 -4.97 9.01 15.40
CA TYR C 382 -4.68 9.53 14.06
C TYR C 382 -5.43 10.79 13.71
N ILE C 383 -6.42 11.16 14.53
CA ILE C 383 -7.25 12.33 14.23
C ILE C 383 -6.42 13.60 14.04
N ASN C 384 -5.36 13.77 14.83
CA ASN C 384 -4.53 14.97 14.71
C ASN C 384 -3.61 15.00 13.47
N ASN C 385 -3.72 14.00 12.60
CA ASN C 385 -3.17 14.16 11.24
C ASN C 385 -3.94 15.26 10.50
N LEU C 386 -5.20 15.44 10.87
CA LEU C 386 -5.94 16.59 10.36
C LEU C 386 -5.54 17.80 11.21
N ASN C 387 -5.04 18.85 10.59
CA ASN C 387 -4.52 19.97 11.36
C ASN C 387 -5.57 21.02 11.65
N ILE C 388 -6.43 21.27 10.67
CA ILE C 388 -7.34 22.42 10.74
C ILE C 388 -8.75 22.02 10.34
N ALA C 389 -9.72 22.45 11.12
CA ALA C 389 -11.09 22.32 10.71
C ALA C 389 -11.75 23.68 10.75
N LEU C 390 -12.29 24.09 9.60
CA LEU C 390 -12.96 25.36 9.47
C LEU C 390 -14.47 25.12 9.45
N PHE C 391 -15.23 25.99 10.11
CA PHE C 391 -16.69 25.84 10.11
C PHE C 391 -17.38 27.10 9.61
N GLN C 392 -18.32 26.90 8.69
CA GLN C 392 -18.97 27.97 7.95
C GLN C 392 -20.48 27.78 8.04
N THR C 393 -21.25 28.87 8.03
CA THR C 393 -22.70 28.75 8.13
C THR C 393 -23.42 29.81 7.30
N ALA C 394 -24.62 29.46 6.86
CA ALA C 394 -25.53 30.45 6.28
C ALA C 394 -26.29 31.14 7.42
N LEU C 395 -26.18 32.47 7.45
CA LEU C 395 -26.84 33.28 8.48
C LEU C 395 -27.73 34.30 7.78
N TYR C 396 -28.66 34.90 8.52
CA TYR C 396 -29.49 35.93 7.95
C TYR C 396 -28.85 37.30 8.24
N ASP C 397 -28.79 38.18 7.25
CA ASP C 397 -28.37 39.57 7.51
C ASP C 397 -29.51 40.33 8.16
N LYS C 398 -29.33 41.62 8.47
CA LYS C 398 -30.40 42.34 9.15
C LYS C 398 -31.61 42.63 8.25
N LYS C 399 -31.41 42.52 6.94
CA LYS C 399 -32.52 42.63 5.99
C LYS C 399 -33.14 41.27 5.72
N GLY C 400 -32.60 40.24 6.37
CA GLY C 400 -33.18 38.91 6.28
C GLY C 400 -32.73 38.14 5.07
N ASN C 401 -31.65 38.61 4.44
CA ASN C 401 -31.03 37.87 3.34
C ASN C 401 -29.93 36.95 3.85
N LEU C 402 -29.63 35.91 3.09
CA LEU C 402 -28.60 34.96 3.48
C LEU C 402 -27.19 35.48 3.21
N ILE C 403 -26.33 35.36 4.22
CA ILE C 403 -24.90 35.56 4.08
C ILE C 403 -24.20 34.31 4.58
N ARG C 404 -22.98 34.07 4.13
CA ARG C 404 -22.20 32.97 4.67
C ARG C 404 -21.05 33.52 5.49
N ARG C 405 -20.78 32.89 6.64
CA ARG C 405 -19.69 33.32 7.50
C ARG C 405 -18.91 32.12 8.01
N VAL C 406 -17.59 32.22 8.02
CA VAL C 406 -16.78 31.28 8.76
C VAL C 406 -16.95 31.60 10.26
N VAL C 407 -17.58 30.69 11.00
CA VAL C 407 -17.90 30.96 12.40
C VAL C 407 -16.83 30.47 13.36
N GLU C 408 -16.00 29.53 12.91
CA GLU C 408 -14.87 29.08 13.71
C GLU C 408 -13.82 28.39 12.87
N VAL C 409 -12.56 28.59 13.25
CA VAL C 409 -11.45 27.84 12.70
C VAL C 409 -10.68 27.20 13.86
N ASP C 410 -10.65 25.87 13.86
CA ASP C 410 -10.08 25.12 14.98
C ASP C 410 -8.79 24.42 14.58
N GLU C 411 -7.81 24.45 15.47
CA GLU C 411 -6.60 23.69 15.28
C GLU C 411 -6.68 22.41 16.10
N ILE C 412 -6.45 21.27 15.45
CA ILE C 412 -6.57 19.98 16.13
C ILE C 412 -5.20 19.60 16.67
N ILE C 413 -5.11 19.39 17.97
CA ILE C 413 -3.80 19.26 18.59
C ILE C 413 -3.36 17.82 18.81
N ASP C 414 -4.02 17.18 19.77
CA ASP C 414 -3.61 15.87 20.24
CA ASP C 414 -3.64 15.85 20.19
C ASP C 414 -4.72 15.27 21.09
N ILE C 415 -4.38 14.21 21.82
CA ILE C 415 -5.36 13.56 22.68
C ILE C 415 -5.04 13.88 24.14
N ASP C 416 -6.08 14.27 24.87
CA ASP C 416 -5.95 14.61 26.28
C ASP C 416 -5.78 13.32 27.08
N PRO C 417 -4.66 13.21 27.83
CA PRO C 417 -4.26 12.00 28.55
C PRO C 417 -5.20 11.65 29.70
N VAL C 418 -5.85 12.66 30.28
CA VAL C 418 -6.80 12.40 31.34
C VAL C 418 -8.15 11.92 30.80
N THR C 419 -8.70 12.64 29.83
CA THR C 419 -10.07 12.40 29.37
C THR C 419 -10.18 11.53 28.12
N ASN C 420 -9.06 11.32 27.43
CA ASN C 420 -9.07 10.63 26.14
C ASN C 420 -9.92 11.36 25.09
N ASP C 421 -10.00 12.69 25.21
CA ASP C 421 -10.75 13.51 24.25
C ASP C 421 -9.80 14.25 23.32
N VAL C 422 -10.33 14.72 22.19
CA VAL C 422 -9.49 15.44 21.23
C VAL C 422 -9.31 16.88 21.69
N VAL C 423 -8.06 17.28 21.86
CA VAL C 423 -7.76 18.64 22.27
C VAL C 423 -7.72 19.50 21.02
N TYR C 424 -8.43 20.64 21.06
CA TYR C 424 -8.35 21.57 19.95
C TYR C 424 -8.28 23.00 20.51
N ILE C 425 -7.81 23.94 19.70
CA ILE C 425 -7.85 25.35 20.10
C ILE C 425 -8.46 26.15 18.95
N PRO C 426 -9.36 27.09 19.26
CA PRO C 426 -9.84 27.89 18.13
C PRO C 426 -8.79 28.93 17.70
N ALA C 427 -8.41 28.93 16.43
CA ALA C 427 -7.53 29.96 15.90
C ALA C 427 -8.33 31.22 15.55
N PHE C 428 -9.59 31.02 15.16
CA PHE C 428 -10.49 32.14 14.84
C PHE C 428 -11.90 31.87 15.39
N THR C 429 -12.58 32.94 15.79
CA THR C 429 -14.00 32.86 16.12
C THR C 429 -14.73 33.99 15.41
N TYR C 430 -16.05 34.01 15.55
CA TYR C 430 -16.86 35.02 14.87
C TYR C 430 -17.64 35.84 15.87
N ASP C 431 -17.54 37.17 15.73
CA ASP C 431 -18.34 38.11 16.52
C ASP C 431 -19.52 38.57 15.68
N SER C 432 -20.69 37.98 15.97
CA SER C 432 -21.89 38.22 15.17
C SER C 432 -22.43 39.64 15.27
N VAL C 433 -22.16 40.33 16.38
CA VAL C 433 -22.69 41.69 16.54
C VAL C 433 -21.95 42.73 15.70
N GLN C 434 -20.63 42.57 15.59
CA GLN C 434 -19.81 43.51 14.82
C GLN C 434 -19.57 42.93 13.44
N ASP C 435 -19.99 41.68 13.25
CA ASP C 435 -19.75 40.95 12.02
C ASP C 435 -18.27 40.96 11.69
N LYS C 436 -17.46 40.48 12.63
CA LYS C 436 -16.00 40.43 12.46
C LYS C 436 -15.45 39.08 12.87
N MET C 437 -14.38 38.66 12.19
CA MET C 437 -13.63 37.48 12.55
C MET C 437 -12.57 37.83 13.59
N LEU C 438 -12.54 37.11 14.71
CA LEU C 438 -11.54 37.38 15.75
C LEU C 438 -10.39 36.39 15.65
N PHE C 439 -9.17 36.90 15.55
CA PHE C 439 -7.98 36.04 15.49
C PHE C 439 -7.61 35.60 16.92
N ALA C 440 -8.44 34.74 17.50
CA ALA C 440 -8.31 34.33 18.89
C ALA C 440 -6.99 33.63 19.17
N GLY C 441 -6.42 33.01 18.15
CA GLY C 441 -5.16 32.31 18.28
C GLY C 441 -3.92 33.19 18.10
N LYS C 442 -4.12 34.49 17.90
CA LYS C 442 -2.98 35.37 17.64
C LYS C 442 -1.99 35.36 18.81
N GLY C 443 -0.76 34.93 18.55
CA GLY C 443 0.27 34.91 19.57
C GLY C 443 0.28 33.64 20.39
N SER C 444 -0.63 32.72 20.09
CA SER C 444 -0.72 31.49 20.88
C SER C 444 -1.13 30.27 20.06
N SER C 445 -1.11 30.40 18.73
CA SER C 445 -1.44 29.30 17.84
C SER C 445 -0.44 28.16 17.97
N TYR C 446 -0.97 26.96 18.19
CA TYR C 446 -0.18 25.74 18.27
C TYR C 446 0.50 25.39 16.94
N LEU C 447 -0.27 25.43 15.86
CA LEU C 447 0.29 25.13 14.54
C LEU C 447 1.35 26.12 14.09
N ILE C 448 1.17 27.39 14.45
CA ILE C 448 2.17 28.38 14.08
C ILE C 448 3.48 28.18 14.86
N GLU C 449 3.38 28.01 16.18
CA GLU C 449 4.56 27.84 17.02
C GLU C 449 5.22 26.47 16.92
N ASN C 450 4.43 25.40 16.93
CA ASN C 450 4.97 24.04 17.00
C ASN C 450 5.20 23.36 15.67
N LYS C 451 4.54 23.83 14.62
CA LYS C 451 4.74 23.25 13.29
C LYS C 451 5.55 24.23 12.42
N ILE C 452 4.96 25.38 12.10
CA ILE C 452 5.61 26.34 11.20
C ILE C 452 6.95 26.81 11.74
N ALA C 453 6.93 27.40 12.93
CA ALA C 453 8.13 27.97 13.53
C ALA C 453 9.27 26.96 13.70
N VAL C 454 8.91 25.73 14.04
CA VAL C 454 9.92 24.71 14.26
C VAL C 454 10.58 24.38 12.93
N LYS C 455 9.76 24.23 11.90
CA LYS C 455 10.29 23.95 10.57
C LYS C 455 11.26 25.05 10.10
N ARG C 456 10.97 26.29 10.48
CA ARG C 456 11.81 27.41 10.10
CA ARG C 456 11.82 27.41 10.08
C ARG C 456 12.98 27.61 11.05
N GLY C 457 13.04 26.81 12.10
CA GLY C 457 14.11 26.95 13.09
C GLY C 457 14.02 28.26 13.85
N ILE C 458 12.81 28.78 13.96
CA ILE C 458 12.57 30.04 14.66
C ILE C 458 12.26 29.76 16.13
N ASP C 459 13.10 30.29 17.02
CA ASP C 459 12.93 30.12 18.46
C ASP C 459 11.56 30.65 18.94
N ARG C 460 11.07 30.06 20.03
CA ARG C 460 9.83 30.50 20.68
C ARG C 460 9.84 32.01 21.00
N ARG C 461 11.03 32.62 20.95
CA ARG C 461 11.20 34.02 21.32
C ARG C 461 11.32 34.94 20.10
N ASN C 462 11.23 34.36 18.91
CA ASN C 462 11.29 35.13 17.68
C ASN C 462 10.06 34.86 16.79
N ILE C 463 9.02 34.30 17.40
CA ILE C 463 7.80 33.92 16.68
C ILE C 463 7.15 35.12 15.95
N GLY C 464 7.38 36.33 16.48
CA GLY C 464 6.88 37.56 15.90
C GLY C 464 7.13 37.73 14.40
N LEU C 465 8.22 37.15 13.90
CA LEU C 465 8.54 37.19 12.48
C LEU C 465 7.48 36.47 11.65
N LEU C 466 6.94 35.38 12.17
CA LEU C 466 5.90 34.67 11.44
C LEU C 466 4.62 35.50 11.40
N TYR C 467 4.32 36.17 12.51
CA TYR C 467 3.10 36.95 12.58
C TYR C 467 3.22 38.20 11.73
N ASP C 468 4.45 38.71 11.59
CA ASP C 468 4.75 39.78 10.64
C ASP C 468 4.48 39.35 9.18
N GLU C 469 4.92 38.14 8.82
CA GLU C 469 4.73 37.63 7.48
C GLU C 469 3.24 37.47 7.19
N LEU C 470 2.50 36.99 8.19
CA LEU C 470 1.05 36.82 8.11
C LEU C 470 0.40 38.17 7.82
N GLN C 471 0.84 39.20 8.55
CA GLN C 471 0.26 40.53 8.40
C GLN C 471 0.50 41.09 7.00
N MET C 472 1.63 40.75 6.41
CA MET C 472 1.97 41.21 5.07
C MET C 472 1.10 40.47 4.05
N ARG C 473 0.86 39.20 4.31
CA ARG C 473 -0.04 38.44 3.47
C ARG C 473 -1.43 39.03 3.47
N SER C 474 -1.93 39.37 4.66
CA SER C 474 -3.23 39.99 4.83
C SER C 474 -3.30 41.33 4.10
N ARG C 475 -2.25 42.13 4.29
CA ARG C 475 -2.13 43.43 3.63
C ARG C 475 -2.28 43.27 2.12
N PHE C 476 -1.54 42.32 1.55
CA PHE C 476 -1.62 42.01 0.12
C PHE C 476 -3.05 41.63 -0.33
N LEU C 477 -3.68 40.71 0.39
CA LEU C 477 -5.06 40.33 0.06
C LEU C 477 -6.03 41.51 0.09
N ASN C 478 -5.88 42.41 1.07
CA ASN C 478 -6.67 43.64 1.10
C ASN C 478 -6.47 44.53 -0.12
N LEU C 479 -5.22 44.62 -0.60
CA LEU C 479 -4.89 45.47 -1.74
C LEU C 479 -5.59 44.95 -2.99
N LEU C 480 -5.55 43.63 -3.19
CA LEU C 480 -6.30 42.99 -4.26
C LEU C 480 -7.77 43.37 -4.21
N VAL C 481 -8.35 43.29 -3.00
CA VAL C 481 -9.75 43.65 -2.81
C VAL C 481 -9.98 45.13 -3.14
N GLU C 482 -9.12 45.98 -2.60
CA GLU C 482 -9.20 47.43 -2.86
C GLU C 482 -9.18 47.73 -4.35
N LYS C 483 -8.31 47.05 -5.11
CA LYS C 483 -8.19 47.30 -6.55
C LYS C 483 -9.18 46.49 -7.38
N LYS C 484 -10.16 45.90 -6.69
CA LYS C 484 -11.20 45.11 -7.35
C LYS C 484 -10.65 43.97 -8.20
N ILE C 485 -9.58 43.35 -7.74
CA ILE C 485 -9.07 42.15 -8.38
C ILE C 485 -9.84 40.95 -7.82
N PHE C 486 -10.89 40.55 -8.53
CA PHE C 486 -11.83 39.54 -8.05
C PHE C 486 -11.90 38.28 -8.91
N ASN C 487 -11.64 38.41 -10.20
CA ASN C 487 -11.66 37.23 -11.08
C ASN C 487 -10.67 36.17 -10.59
N TYR C 488 -11.13 34.93 -10.52
CA TYR C 488 -10.36 33.84 -9.94
C TYR C 488 -8.98 33.71 -10.56
N TYR C 489 -8.90 33.84 -11.88
CA TYR C 489 -7.63 33.67 -12.57
C TYR C 489 -6.73 34.89 -12.40
N ASP C 490 -7.33 36.08 -12.38
CA ASP C 490 -6.56 37.30 -12.07
C ASP C 490 -5.95 37.18 -10.68
N VAL C 491 -6.76 36.70 -9.72
CA VAL C 491 -6.29 36.53 -8.34
C VAL C 491 -5.17 35.49 -8.26
N TRP C 492 -5.37 34.37 -8.94
CA TRP C 492 -4.37 33.33 -9.06
C TRP C 492 -3.06 33.90 -9.64
N ASP C 493 -3.18 34.75 -10.66
CA ASP C 493 -1.99 35.36 -11.27
C ASP C 493 -1.20 36.18 -10.26
N TYR C 494 -1.93 36.89 -9.38
CA TYR C 494 -1.28 37.80 -8.43
C TYR C 494 -0.62 37.04 -7.28
N ILE C 495 -1.30 35.98 -6.82
CA ILE C 495 -0.73 35.07 -5.84
C ILE C 495 0.60 34.50 -6.37
N LEU C 496 0.61 34.10 -7.62
CA LEU C 496 1.83 33.58 -8.23
C LEU C 496 2.85 34.71 -8.34
N ARG C 497 2.38 35.91 -8.70
CA ARG C 497 3.26 37.08 -8.75
CA ARG C 497 3.27 37.07 -8.75
C ARG C 497 3.89 37.30 -7.38
N ALA C 498 3.09 37.12 -6.32
CA ALA C 498 3.60 37.25 -4.95
C ALA C 498 4.62 36.18 -4.63
N ARG C 499 4.40 34.96 -5.12
CA ARG C 499 5.37 33.87 -4.93
C ARG C 499 6.69 34.18 -5.61
N GLN C 500 6.60 34.46 -6.90
CA GLN C 500 7.67 35.07 -7.62
C GLN C 500 7.88 36.41 -6.92
N MET C 501 8.94 37.11 -7.28
N MET C 501 8.91 37.13 -7.28
CA MET C 501 9.12 38.49 -6.84
CA MET C 501 9.06 38.53 -6.84
C MET C 501 9.16 38.69 -5.31
C MET C 501 9.15 38.71 -5.31
N GLY C 502 8.24 38.08 -4.58
CA GLY C 502 8.18 38.22 -3.12
C GLY C 502 7.02 39.09 -2.64
N LEU C 503 6.57 38.94 -1.39
CA LEU C 503 5.42 39.72 -0.91
C LEU C 503 5.57 41.25 -1.04
N GLU C 504 6.60 41.83 -0.42
CA GLU C 504 6.79 43.28 -0.39
C GLU C 504 6.62 44.02 -1.73
N GLU C 505 7.16 43.48 -2.81
CA GLU C 505 7.07 44.20 -4.08
C GLU C 505 5.85 43.81 -4.89
N ALA C 506 5.28 42.64 -4.60
CA ALA C 506 3.97 42.32 -5.13
C ALA C 506 3.04 43.40 -4.60
N ILE C 507 3.22 43.74 -3.32
CA ILE C 507 2.41 44.75 -2.66
C ILE C 507 2.62 46.11 -3.34
N LYS C 508 3.87 46.39 -3.70
CA LYS C 508 4.22 47.63 -4.41
C LYS C 508 3.63 47.68 -5.80
N TYR C 509 3.68 46.54 -6.51
CA TYR C 509 3.13 46.45 -7.85
C TYR C 509 1.63 46.69 -7.85
N VAL C 510 0.93 45.98 -6.96
CA VAL C 510 -0.52 46.13 -6.81
C VAL C 510 -0.90 47.55 -6.42
N SER C 511 -0.20 48.10 -5.44
CA SER C 511 -0.37 49.50 -5.05
C SER C 511 -0.11 50.41 -6.23
N ASN C 512 0.75 49.94 -7.14
CA ASN C 512 1.04 50.62 -8.41
C ASN C 512 1.89 51.88 -8.25
#